data_1JOS
# 
_entry.id   1JOS 
# 
_audit_conform.dict_name       mmcif_pdbx.dic 
_audit_conform.dict_version    5.386 
_audit_conform.dict_location   http://mmcif.pdb.org/dictionaries/ascii/mmcif_pdbx.dic 
# 
loop_
_database_2.database_id 
_database_2.database_code 
_database_2.pdbx_database_accession 
_database_2.pdbx_DOI 
PDB   1JOS         pdb_00001jos 10.2210/pdb1jos/pdb 
RCSB  RCSB014012   ?            ?                   
WWPDB D_1000014012 ?            ?                   
# 
loop_
_pdbx_audit_revision_history.ordinal 
_pdbx_audit_revision_history.data_content_type 
_pdbx_audit_revision_history.major_revision 
_pdbx_audit_revision_history.minor_revision 
_pdbx_audit_revision_history.revision_date 
1 'Structure model' 1 0 2003-06-24 
2 'Structure model' 1 1 2008-04-27 
3 'Structure model' 1 2 2011-07-13 
4 'Structure model' 1 3 2024-02-07 
# 
_pdbx_audit_revision_details.ordinal             1 
_pdbx_audit_revision_details.revision_ordinal    1 
_pdbx_audit_revision_details.data_content_type   'Structure model' 
_pdbx_audit_revision_details.provider            repository 
_pdbx_audit_revision_details.type                'Initial release' 
_pdbx_audit_revision_details.description         ? 
_pdbx_audit_revision_details.details             ? 
# 
loop_
_pdbx_audit_revision_group.ordinal 
_pdbx_audit_revision_group.revision_ordinal 
_pdbx_audit_revision_group.data_content_type 
_pdbx_audit_revision_group.group 
1 2 'Structure model' 'Version format compliance' 
2 3 'Structure model' 'Version format compliance' 
3 4 'Structure model' 'Data collection'           
4 4 'Structure model' 'Database references'       
# 
loop_
_pdbx_audit_revision_category.ordinal 
_pdbx_audit_revision_category.revision_ordinal 
_pdbx_audit_revision_category.data_content_type 
_pdbx_audit_revision_category.category 
1 4 'Structure model' chem_comp_atom 
2 4 'Structure model' chem_comp_bond 
3 4 'Structure model' database_2     
# 
loop_
_pdbx_audit_revision_item.ordinal 
_pdbx_audit_revision_item.revision_ordinal 
_pdbx_audit_revision_item.data_content_type 
_pdbx_audit_revision_item.item 
1 4 'Structure model' '_database_2.pdbx_DOI'                
2 4 'Structure model' '_database_2.pdbx_database_accession' 
# 
_pdbx_database_status.status_code                     REL 
_pdbx_database_status.entry_id                        1JOS 
_pdbx_database_status.recvd_initial_deposition_date   2001-07-30 
_pdbx_database_status.deposit_site                    RCSB 
_pdbx_database_status.process_site                    RCSB 
_pdbx_database_status.status_code_sf                  REL 
_pdbx_database_status.SG_entry                        Y 
_pdbx_database_status.pdb_format_compatible           Y 
_pdbx_database_status.status_code_mr                  ? 
_pdbx_database_status.status_code_cs                  ? 
_pdbx_database_status.status_code_nmr_data            ? 
_pdbx_database_status.methods_development_category    ? 
# 
_pdbx_database_related.db_name        TargetDB 
_pdbx_database_related.db_id          HI1288 
_pdbx_database_related.details        . 
_pdbx_database_related.content_type   unspecified 
# 
loop_
_audit_author.name 
_audit_author.pdbx_ordinal 
'Bonander, N.'                       1 
'Tordova, M.'                        2 
'Howard, A.J.'                       3 
'Eisenstein, E.'                     4 
'Gilliland, G.L.'                    5 
'Structure 2 Function Project (S2F)' 6 
# 
_citation.id                        primary 
_citation.title                     
'The 1.7-A Crystal Structure of HI1288 - Ribosome Binding Factor A (rbfA), a Cold Response Protein' 
_citation.journal_abbrev            'To be Published' 
_citation.journal_volume            ? 
_citation.page_first                ? 
_citation.page_last                 ? 
_citation.year                      ? 
_citation.journal_id_ASTM           ? 
_citation.country                   ? 
_citation.journal_id_ISSN           ? 
_citation.journal_id_CSD            0353 
_citation.book_publisher            ? 
_citation.pdbx_database_id_PubMed   ? 
_citation.pdbx_database_id_DOI      ? 
# 
loop_
_citation_author.citation_id 
_citation_author.name 
_citation_author.ordinal 
_citation_author.identifier_ORCID 
primary 'Bonander, N.'    1 ? 
primary 'Tordova, M.'     2 ? 
primary 'Howard, A.J.'    3 ? 
primary 'Eisenstein, E.'  4 ? 
primary 'Gilliland, G.L.' 5 ? 
# 
loop_
_entity.id 
_entity.type 
_entity.src_method 
_entity.pdbx_description 
_entity.formula_weight 
_entity.pdbx_number_of_molecules 
_entity.pdbx_ec 
_entity.pdbx_mutation 
_entity.pdbx_fragment 
_entity.details 
1 polymer man 'RIBOSOME-BINDING FACTOR A' 14827.134 1   ? ? ? ? 
2 water   nat water                       18.015    169 ? ? ? ? 
# 
_entity_name_com.entity_id   1 
_entity_name_com.name        RBFA 
# 
_entity_poly.entity_id                      1 
_entity_poly.type                           'polypeptide(L)' 
_entity_poly.nstd_linkage                   no 
_entity_poly.nstd_monomer                   no 
_entity_poly.pdbx_seq_one_letter_code       
;MAREFKRSDRVAQEIQKEIAVILQREVKDPRIGMVTVSDVEVSSDLSYAKIFVTFLFDHDEMAIEQGMKGLEKASPYIRS
LLGKAMRLRIVPEIRFIYDQSLVEGMRMSNLVTNVVREDEKKHVEESN
;
_entity_poly.pdbx_seq_one_letter_code_can   
;MAREFKRSDRVAQEIQKEIAVILQREVKDPRIGMVTVSDVEVSSDLSYAKIFVTFLFDHDEMAIEQGMKGLEKASPYIRS
LLGKAMRLRIVPEIRFIYDQSLVEGMRMSNLVTNVVREDEKKHVEESN
;
_entity_poly.pdbx_strand_id                 A 
_entity_poly.pdbx_target_identifier         HI1288 
# 
_pdbx_entity_nonpoly.entity_id   2 
_pdbx_entity_nonpoly.name        water 
_pdbx_entity_nonpoly.comp_id     HOH 
# 
loop_
_entity_poly_seq.entity_id 
_entity_poly_seq.num 
_entity_poly_seq.mon_id 
_entity_poly_seq.hetero 
1 1   MET n 
1 2   ALA n 
1 3   ARG n 
1 4   GLU n 
1 5   PHE n 
1 6   LYS n 
1 7   ARG n 
1 8   SER n 
1 9   ASP n 
1 10  ARG n 
1 11  VAL n 
1 12  ALA n 
1 13  GLN n 
1 14  GLU n 
1 15  ILE n 
1 16  GLN n 
1 17  LYS n 
1 18  GLU n 
1 19  ILE n 
1 20  ALA n 
1 21  VAL n 
1 22  ILE n 
1 23  LEU n 
1 24  GLN n 
1 25  ARG n 
1 26  GLU n 
1 27  VAL n 
1 28  LYS n 
1 29  ASP n 
1 30  PRO n 
1 31  ARG n 
1 32  ILE n 
1 33  GLY n 
1 34  MET n 
1 35  VAL n 
1 36  THR n 
1 37  VAL n 
1 38  SER n 
1 39  ASP n 
1 40  VAL n 
1 41  GLU n 
1 42  VAL n 
1 43  SER n 
1 44  SER n 
1 45  ASP n 
1 46  LEU n 
1 47  SER n 
1 48  TYR n 
1 49  ALA n 
1 50  LYS n 
1 51  ILE n 
1 52  PHE n 
1 53  VAL n 
1 54  THR n 
1 55  PHE n 
1 56  LEU n 
1 57  PHE n 
1 58  ASP n 
1 59  HIS n 
1 60  ASP n 
1 61  GLU n 
1 62  MET n 
1 63  ALA n 
1 64  ILE n 
1 65  GLU n 
1 66  GLN n 
1 67  GLY n 
1 68  MET n 
1 69  LYS n 
1 70  GLY n 
1 71  LEU n 
1 72  GLU n 
1 73  LYS n 
1 74  ALA n 
1 75  SER n 
1 76  PRO n 
1 77  TYR n 
1 78  ILE n 
1 79  ARG n 
1 80  SER n 
1 81  LEU n 
1 82  LEU n 
1 83  GLY n 
1 84  LYS n 
1 85  ALA n 
1 86  MET n 
1 87  ARG n 
1 88  LEU n 
1 89  ARG n 
1 90  ILE n 
1 91  VAL n 
1 92  PRO n 
1 93  GLU n 
1 94  ILE n 
1 95  ARG n 
1 96  PHE n 
1 97  ILE n 
1 98  TYR n 
1 99  ASP n 
1 100 GLN n 
1 101 SER n 
1 102 LEU n 
1 103 VAL n 
1 104 GLU n 
1 105 GLY n 
1 106 MET n 
1 107 ARG n 
1 108 MET n 
1 109 SER n 
1 110 ASN n 
1 111 LEU n 
1 112 VAL n 
1 113 THR n 
1 114 ASN n 
1 115 VAL n 
1 116 VAL n 
1 117 ARG n 
1 118 GLU n 
1 119 ASP n 
1 120 GLU n 
1 121 LYS n 
1 122 LYS n 
1 123 HIS n 
1 124 VAL n 
1 125 GLU n 
1 126 GLU n 
1 127 SER n 
1 128 ASN n 
# 
_entity_src_gen.entity_id                          1 
_entity_src_gen.pdbx_src_id                        1 
_entity_src_gen.pdbx_alt_source_flag               sample 
_entity_src_gen.pdbx_seq_type                      ? 
_entity_src_gen.pdbx_beg_seq_num                   ? 
_entity_src_gen.pdbx_end_seq_num                   ? 
_entity_src_gen.gene_src_common_name               ? 
_entity_src_gen.gene_src_genus                     Haemophilus 
_entity_src_gen.pdbx_gene_src_gene                 HI1288 
_entity_src_gen.gene_src_species                   ? 
_entity_src_gen.gene_src_strain                    ? 
_entity_src_gen.gene_src_tissue                    ? 
_entity_src_gen.gene_src_tissue_fraction           ? 
_entity_src_gen.gene_src_details                   ? 
_entity_src_gen.pdbx_gene_src_fragment             ? 
_entity_src_gen.pdbx_gene_src_scientific_name      'Haemophilus influenzae' 
_entity_src_gen.pdbx_gene_src_ncbi_taxonomy_id     727 
_entity_src_gen.pdbx_gene_src_variant              ? 
_entity_src_gen.pdbx_gene_src_cell_line            ? 
_entity_src_gen.pdbx_gene_src_atcc                 ? 
_entity_src_gen.pdbx_gene_src_organ                ? 
_entity_src_gen.pdbx_gene_src_organelle            ? 
_entity_src_gen.pdbx_gene_src_cell                 ? 
_entity_src_gen.pdbx_gene_src_cellular_location    ? 
_entity_src_gen.host_org_common_name               ? 
_entity_src_gen.pdbx_host_org_scientific_name      'Escherichia coli' 
_entity_src_gen.pdbx_host_org_ncbi_taxonomy_id     562 
_entity_src_gen.host_org_genus                     Escherichia 
_entity_src_gen.pdbx_host_org_gene                 ? 
_entity_src_gen.pdbx_host_org_organ                ? 
_entity_src_gen.host_org_species                   ? 
_entity_src_gen.pdbx_host_org_tissue               ? 
_entity_src_gen.pdbx_host_org_tissue_fraction      ? 
_entity_src_gen.pdbx_host_org_strain               ? 
_entity_src_gen.pdbx_host_org_variant              ? 
_entity_src_gen.pdbx_host_org_cell_line            ? 
_entity_src_gen.pdbx_host_org_atcc                 ? 
_entity_src_gen.pdbx_host_org_culture_collection   ? 
_entity_src_gen.pdbx_host_org_cell                 ? 
_entity_src_gen.pdbx_host_org_organelle            ? 
_entity_src_gen.pdbx_host_org_cellular_location    ? 
_entity_src_gen.pdbx_host_org_vector_type          ? 
_entity_src_gen.pdbx_host_org_vector               ? 
_entity_src_gen.host_org_details                   ? 
_entity_src_gen.expression_system_id               ? 
_entity_src_gen.plasmid_name                       ? 
_entity_src_gen.plasmid_details                    ? 
_entity_src_gen.pdbx_description                   ? 
# 
loop_
_chem_comp.id 
_chem_comp.type 
_chem_comp.mon_nstd_flag 
_chem_comp.name 
_chem_comp.pdbx_synonyms 
_chem_comp.formula 
_chem_comp.formula_weight 
ALA 'L-peptide linking' y ALANINE         ? 'C3 H7 N O2'     89.093  
ARG 'L-peptide linking' y ARGININE        ? 'C6 H15 N4 O2 1' 175.209 
ASN 'L-peptide linking' y ASPARAGINE      ? 'C4 H8 N2 O3'    132.118 
ASP 'L-peptide linking' y 'ASPARTIC ACID' ? 'C4 H7 N O4'     133.103 
GLN 'L-peptide linking' y GLUTAMINE       ? 'C5 H10 N2 O3'   146.144 
GLU 'L-peptide linking' y 'GLUTAMIC ACID' ? 'C5 H9 N O4'     147.129 
GLY 'peptide linking'   y GLYCINE         ? 'C2 H5 N O2'     75.067  
HIS 'L-peptide linking' y HISTIDINE       ? 'C6 H10 N3 O2 1' 156.162 
HOH non-polymer         . WATER           ? 'H2 O'           18.015  
ILE 'L-peptide linking' y ISOLEUCINE      ? 'C6 H13 N O2'    131.173 
LEU 'L-peptide linking' y LEUCINE         ? 'C6 H13 N O2'    131.173 
LYS 'L-peptide linking' y LYSINE          ? 'C6 H15 N2 O2 1' 147.195 
MET 'L-peptide linking' y METHIONINE      ? 'C5 H11 N O2 S'  149.211 
PHE 'L-peptide linking' y PHENYLALANINE   ? 'C9 H11 N O2'    165.189 
PRO 'L-peptide linking' y PROLINE         ? 'C5 H9 N O2'     115.130 
SER 'L-peptide linking' y SERINE          ? 'C3 H7 N O3'     105.093 
THR 'L-peptide linking' y THREONINE       ? 'C4 H9 N O3'     119.119 
TYR 'L-peptide linking' y TYROSINE        ? 'C9 H11 N O3'    181.189 
VAL 'L-peptide linking' y VALINE          ? 'C5 H11 N O2'    117.146 
# 
loop_
_pdbx_poly_seq_scheme.asym_id 
_pdbx_poly_seq_scheme.entity_id 
_pdbx_poly_seq_scheme.seq_id 
_pdbx_poly_seq_scheme.mon_id 
_pdbx_poly_seq_scheme.ndb_seq_num 
_pdbx_poly_seq_scheme.pdb_seq_num 
_pdbx_poly_seq_scheme.auth_seq_num 
_pdbx_poly_seq_scheme.pdb_mon_id 
_pdbx_poly_seq_scheme.auth_mon_id 
_pdbx_poly_seq_scheme.pdb_strand_id 
_pdbx_poly_seq_scheme.pdb_ins_code 
_pdbx_poly_seq_scheme.hetero 
A 1 1   MET 1   1   ?   ?   ?   A . n 
A 1 2   ALA 2   2   ?   ?   ?   A . n 
A 1 3   ARG 3   3   ?   ?   ?   A . n 
A 1 4   GLU 4   4   ?   ?   ?   A . n 
A 1 5   PHE 5   5   ?   ?   ?   A . n 
A 1 6   LYS 6   6   ?   ?   ?   A . n 
A 1 7   ARG 7   7   7   ARG ARG A . n 
A 1 8   SER 8   8   8   SER SER A . n 
A 1 9   ASP 9   9   9   ASP ASP A . n 
A 1 10  ARG 10  10  10  ARG ARG A . n 
A 1 11  VAL 11  11  11  VAL VAL A . n 
A 1 12  ALA 12  12  12  ALA ALA A . n 
A 1 13  GLN 13  13  13  GLN GLN A . n 
A 1 14  GLU 14  14  14  GLU GLU A . n 
A 1 15  ILE 15  15  15  ILE ILE A . n 
A 1 16  GLN 16  16  16  GLN GLN A . n 
A 1 17  LYS 17  17  17  LYS LYS A . n 
A 1 18  GLU 18  18  18  GLU GLU A . n 
A 1 19  ILE 19  19  19  ILE ILE A . n 
A 1 20  ALA 20  20  20  ALA ALA A . n 
A 1 21  VAL 21  21  21  VAL VAL A . n 
A 1 22  ILE 22  22  22  ILE ILE A . n 
A 1 23  LEU 23  23  23  LEU LEU A . n 
A 1 24  GLN 24  24  24  GLN GLN A . n 
A 1 25  ARG 25  25  25  ARG ARG A . n 
A 1 26  GLU 26  26  26  GLU GLU A . n 
A 1 27  VAL 27  27  27  VAL VAL A . n 
A 1 28  LYS 28  28  28  LYS LYS A . n 
A 1 29  ASP 29  29  29  ASP ASP A . n 
A 1 30  PRO 30  30  30  PRO PRO A . n 
A 1 31  ARG 31  31  31  ARG ARG A . n 
A 1 32  ILE 32  32  32  ILE ILE A . n 
A 1 33  GLY 33  33  33  GLY GLY A . n 
A 1 34  MET 34  34  34  MET MET A . n 
A 1 35  VAL 35  35  35  VAL VAL A . n 
A 1 36  THR 36  36  36  THR THR A . n 
A 1 37  VAL 37  37  37  VAL VAL A . n 
A 1 38  SER 38  38  38  SER SER A . n 
A 1 39  ASP 39  39  39  ASP ASP A . n 
A 1 40  VAL 40  40  40  VAL VAL A . n 
A 1 41  GLU 41  41  41  GLU GLU A . n 
A 1 42  VAL 42  42  42  VAL VAL A . n 
A 1 43  SER 43  43  43  SER SER A . n 
A 1 44  SER 44  44  44  SER SER A . n 
A 1 45  ASP 45  45  45  ASP ASP A . n 
A 1 46  LEU 46  46  46  LEU LEU A . n 
A 1 47  SER 47  47  47  SER SER A . n 
A 1 48  TYR 48  48  48  TYR TYR A . n 
A 1 49  ALA 49  49  49  ALA ALA A . n 
A 1 50  LYS 50  50  50  LYS LYS A . n 
A 1 51  ILE 51  51  51  ILE ILE A . n 
A 1 52  PHE 52  52  52  PHE PHE A . n 
A 1 53  VAL 53  53  53  VAL VAL A . n 
A 1 54  THR 54  54  54  THR THR A . n 
A 1 55  PHE 55  55  55  PHE PHE A . n 
A 1 56  LEU 56  56  56  LEU LEU A . n 
A 1 57  PHE 57  57  57  PHE PHE A . n 
A 1 58  ASP 58  58  58  ASP ASP A . n 
A 1 59  HIS 59  59  59  HIS HIS A . n 
A 1 60  ASP 60  60  60  ASP ASP A . n 
A 1 61  GLU 61  61  61  GLU GLU A . n 
A 1 62  MET 62  62  62  MET MET A . n 
A 1 63  ALA 63  63  63  ALA ALA A . n 
A 1 64  ILE 64  64  64  ILE ILE A . n 
A 1 65  GLU 65  65  65  GLU GLU A . n 
A 1 66  GLN 66  66  66  GLN GLN A . n 
A 1 67  GLY 67  67  67  GLY GLY A . n 
A 1 68  MET 68  68  68  MET MET A . n 
A 1 69  LYS 69  69  69  LYS LYS A . n 
A 1 70  GLY 70  70  70  GLY GLY A . n 
A 1 71  LEU 71  71  71  LEU LEU A . n 
A 1 72  GLU 72  72  72  GLU GLU A . n 
A 1 73  LYS 73  73  73  LYS LYS A . n 
A 1 74  ALA 74  74  74  ALA ALA A . n 
A 1 75  SER 75  75  75  SER SER A . n 
A 1 76  PRO 76  76  76  PRO PRO A . n 
A 1 77  TYR 77  77  77  TYR TYR A . n 
A 1 78  ILE 78  78  78  ILE ILE A . n 
A 1 79  ARG 79  79  79  ARG ARG A . n 
A 1 80  SER 80  80  80  SER SER A . n 
A 1 81  LEU 81  81  81  LEU LEU A . n 
A 1 82  LEU 82  82  82  LEU LEU A . n 
A 1 83  GLY 83  83  83  GLY GLY A . n 
A 1 84  LYS 84  84  84  LYS LYS A . n 
A 1 85  ALA 85  85  85  ALA ALA A . n 
A 1 86  MET 86  86  86  MET MET A . n 
A 1 87  ARG 87  87  87  ARG ARG A . n 
A 1 88  LEU 88  88  88  LEU LEU A . n 
A 1 89  ARG 89  89  89  ARG ARG A . n 
A 1 90  ILE 90  90  90  ILE ILE A . n 
A 1 91  VAL 91  91  91  VAL VAL A . n 
A 1 92  PRO 92  92  92  PRO PRO A . n 
A 1 93  GLU 93  93  93  GLU GLU A . n 
A 1 94  ILE 94  94  94  ILE ILE A . n 
A 1 95  ARG 95  95  95  ARG ARG A . n 
A 1 96  PHE 96  96  96  PHE PHE A . n 
A 1 97  ILE 97  97  97  ILE ILE A . n 
A 1 98  TYR 98  98  98  TYR TYR A . n 
A 1 99  ASP 99  99  99  ASP ASP A . n 
A 1 100 GLN 100 100 100 GLN GLN A . n 
A 1 101 SER 101 101 101 SER SER A . n 
A 1 102 LEU 102 102 102 LEU LEU A . n 
A 1 103 VAL 103 103 103 VAL VAL A . n 
A 1 104 GLU 104 104 104 GLU GLU A . n 
A 1 105 GLY 105 105 105 GLY GLY A . n 
A 1 106 MET 106 106 106 MET MET A . n 
A 1 107 ARG 107 107 ?   ?   ?   A . n 
A 1 108 MET 108 108 ?   ?   ?   A . n 
A 1 109 SER 109 109 ?   ?   ?   A . n 
A 1 110 ASN 110 110 ?   ?   ?   A . n 
A 1 111 LEU 111 111 ?   ?   ?   A . n 
A 1 112 VAL 112 112 ?   ?   ?   A . n 
A 1 113 THR 113 113 ?   ?   ?   A . n 
A 1 114 ASN 114 114 ?   ?   ?   A . n 
A 1 115 VAL 115 115 ?   ?   ?   A . n 
A 1 116 VAL 116 116 ?   ?   ?   A . n 
A 1 117 ARG 117 117 ?   ?   ?   A . n 
A 1 118 GLU 118 118 ?   ?   ?   A . n 
A 1 119 ASP 119 119 ?   ?   ?   A . n 
A 1 120 GLU 120 120 ?   ?   ?   A . n 
A 1 121 LYS 121 121 ?   ?   ?   A . n 
A 1 122 LYS 122 122 ?   ?   ?   A . n 
A 1 123 HIS 123 123 ?   ?   ?   A . n 
A 1 124 VAL 124 124 ?   ?   ?   A . n 
A 1 125 GLU 125 125 ?   ?   ?   A . n 
A 1 126 GLU 126 126 ?   ?   ?   A . n 
A 1 127 SER 127 127 ?   ?   ?   A . n 
A 1 128 ASN 128 128 ?   ?   ?   A . n 
# 
loop_
_pdbx_nonpoly_scheme.asym_id 
_pdbx_nonpoly_scheme.entity_id 
_pdbx_nonpoly_scheme.mon_id 
_pdbx_nonpoly_scheme.ndb_seq_num 
_pdbx_nonpoly_scheme.pdb_seq_num 
_pdbx_nonpoly_scheme.auth_seq_num 
_pdbx_nonpoly_scheme.pdb_mon_id 
_pdbx_nonpoly_scheme.auth_mon_id 
_pdbx_nonpoly_scheme.pdb_strand_id 
_pdbx_nonpoly_scheme.pdb_ins_code 
B 2 HOH 1   129 1   HOH HOH A . 
B 2 HOH 2   130 2   HOH HOH A . 
B 2 HOH 3   131 3   HOH HOH A . 
B 2 HOH 4   132 4   HOH HOH A . 
B 2 HOH 5   133 5   HOH HOH A . 
B 2 HOH 6   134 6   HOH HOH A . 
B 2 HOH 7   135 7   HOH HOH A . 
B 2 HOH 8   136 8   HOH HOH A . 
B 2 HOH 9   137 9   HOH HOH A . 
B 2 HOH 10  138 10  HOH HOH A . 
B 2 HOH 11  139 11  HOH HOH A . 
B 2 HOH 12  140 12  HOH HOH A . 
B 2 HOH 13  141 13  HOH HOH A . 
B 2 HOH 14  142 14  HOH HOH A . 
B 2 HOH 15  143 15  HOH HOH A . 
B 2 HOH 16  144 16  HOH HOH A . 
B 2 HOH 17  145 17  HOH HOH A . 
B 2 HOH 18  146 18  HOH HOH A . 
B 2 HOH 19  147 19  HOH HOH A . 
B 2 HOH 20  148 20  HOH HOH A . 
B 2 HOH 21  149 21  HOH HOH A . 
B 2 HOH 22  150 22  HOH HOH A . 
B 2 HOH 23  151 23  HOH HOH A . 
B 2 HOH 24  152 24  HOH HOH A . 
B 2 HOH 25  153 25  HOH HOH A . 
B 2 HOH 26  154 26  HOH HOH A . 
B 2 HOH 27  155 27  HOH HOH A . 
B 2 HOH 28  156 28  HOH HOH A . 
B 2 HOH 29  157 29  HOH HOH A . 
B 2 HOH 30  158 30  HOH HOH A . 
B 2 HOH 31  159 31  HOH HOH A . 
B 2 HOH 32  160 32  HOH HOH A . 
B 2 HOH 33  161 33  HOH HOH A . 
B 2 HOH 34  162 34  HOH HOH A . 
B 2 HOH 35  163 35  HOH HOH A . 
B 2 HOH 36  164 36  HOH HOH A . 
B 2 HOH 37  165 37  HOH HOH A . 
B 2 HOH 38  166 38  HOH HOH A . 
B 2 HOH 39  167 39  HOH HOH A . 
B 2 HOH 40  168 40  HOH HOH A . 
B 2 HOH 41  169 41  HOH HOH A . 
B 2 HOH 42  170 42  HOH HOH A . 
B 2 HOH 43  171 43  HOH HOH A . 
B 2 HOH 44  172 44  HOH HOH A . 
B 2 HOH 45  173 45  HOH HOH A . 
B 2 HOH 46  174 46  HOH HOH A . 
B 2 HOH 47  175 47  HOH HOH A . 
B 2 HOH 48  176 48  HOH HOH A . 
B 2 HOH 49  177 49  HOH HOH A . 
B 2 HOH 50  178 50  HOH HOH A . 
B 2 HOH 51  179 51  HOH HOH A . 
B 2 HOH 52  180 52  HOH HOH A . 
B 2 HOH 53  181 53  HOH HOH A . 
B 2 HOH 54  182 54  HOH HOH A . 
B 2 HOH 55  183 55  HOH HOH A . 
B 2 HOH 56  184 56  HOH HOH A . 
B 2 HOH 57  185 57  HOH HOH A . 
B 2 HOH 58  186 58  HOH HOH A . 
B 2 HOH 59  187 59  HOH HOH A . 
B 2 HOH 60  188 60  HOH HOH A . 
B 2 HOH 61  189 61  HOH HOH A . 
B 2 HOH 62  190 62  HOH HOH A . 
B 2 HOH 63  191 63  HOH HOH A . 
B 2 HOH 64  192 64  HOH HOH A . 
B 2 HOH 65  193 65  HOH HOH A . 
B 2 HOH 66  194 66  HOH HOH A . 
B 2 HOH 67  195 67  HOH HOH A . 
B 2 HOH 68  196 68  HOH HOH A . 
B 2 HOH 69  197 69  HOH HOH A . 
B 2 HOH 70  198 70  HOH HOH A . 
B 2 HOH 71  199 71  HOH HOH A . 
B 2 HOH 72  200 72  HOH HOH A . 
B 2 HOH 73  201 73  HOH HOH A . 
B 2 HOH 74  202 74  HOH HOH A . 
B 2 HOH 75  203 75  HOH HOH A . 
B 2 HOH 76  204 76  HOH HOH A . 
B 2 HOH 77  205 77  HOH HOH A . 
B 2 HOH 78  206 78  HOH HOH A . 
B 2 HOH 79  207 79  HOH HOH A . 
B 2 HOH 80  208 80  HOH HOH A . 
B 2 HOH 81  209 81  HOH HOH A . 
B 2 HOH 82  210 82  HOH HOH A . 
B 2 HOH 83  211 83  HOH HOH A . 
B 2 HOH 84  212 84  HOH HOH A . 
B 2 HOH 85  213 85  HOH HOH A . 
B 2 HOH 86  214 86  HOH HOH A . 
B 2 HOH 87  215 87  HOH HOH A . 
B 2 HOH 88  216 88  HOH HOH A . 
B 2 HOH 89  217 89  HOH HOH A . 
B 2 HOH 90  218 90  HOH HOH A . 
B 2 HOH 91  219 91  HOH HOH A . 
B 2 HOH 92  220 92  HOH HOH A . 
B 2 HOH 93  221 93  HOH HOH A . 
B 2 HOH 94  222 94  HOH HOH A . 
B 2 HOH 95  223 95  HOH HOH A . 
B 2 HOH 96  224 96  HOH HOH A . 
B 2 HOH 97  225 97  HOH HOH A . 
B 2 HOH 98  226 98  HOH HOH A . 
B 2 HOH 99  227 99  HOH HOH A . 
B 2 HOH 100 228 100 HOH HOH A . 
B 2 HOH 101 229 101 HOH HOH A . 
B 2 HOH 102 230 102 HOH HOH A . 
B 2 HOH 103 231 103 HOH HOH A . 
B 2 HOH 104 232 104 HOH HOH A . 
B 2 HOH 105 233 105 HOH HOH A . 
B 2 HOH 106 234 106 HOH HOH A . 
B 2 HOH 107 235 107 HOH HOH A . 
B 2 HOH 108 236 108 HOH HOH A . 
B 2 HOH 109 237 109 HOH HOH A . 
B 2 HOH 110 238 110 HOH HOH A . 
B 2 HOH 111 239 111 HOH HOH A . 
B 2 HOH 112 240 112 HOH HOH A . 
B 2 HOH 113 241 113 HOH HOH A . 
B 2 HOH 114 242 114 HOH HOH A . 
B 2 HOH 115 243 115 HOH HOH A . 
B 2 HOH 116 244 116 HOH HOH A . 
B 2 HOH 117 245 117 HOH HOH A . 
B 2 HOH 118 246 118 HOH HOH A . 
B 2 HOH 119 247 119 HOH HOH A . 
B 2 HOH 120 248 120 HOH HOH A . 
B 2 HOH 121 249 121 HOH HOH A . 
B 2 HOH 122 250 122 HOH HOH A . 
B 2 HOH 123 251 123 HOH HOH A . 
B 2 HOH 124 252 124 HOH HOH A . 
B 2 HOH 125 253 125 HOH HOH A . 
B 2 HOH 126 254 126 HOH HOH A . 
B 2 HOH 127 255 127 HOH HOH A . 
B 2 HOH 128 256 128 HOH HOH A . 
B 2 HOH 129 257 129 HOH HOH A . 
B 2 HOH 130 258 130 HOH HOH A . 
B 2 HOH 131 259 131 HOH HOH A . 
B 2 HOH 132 260 132 HOH HOH A . 
B 2 HOH 133 261 133 HOH HOH A . 
B 2 HOH 134 262 134 HOH HOH A . 
B 2 HOH 135 263 135 HOH HOH A . 
B 2 HOH 136 264 136 HOH HOH A . 
B 2 HOH 137 265 137 HOH HOH A . 
B 2 HOH 138 266 138 HOH HOH A . 
B 2 HOH 139 267 139 HOH HOH A . 
B 2 HOH 140 268 140 HOH HOH A . 
B 2 HOH 141 269 141 HOH HOH A . 
B 2 HOH 142 270 142 HOH HOH A . 
B 2 HOH 143 271 143 HOH HOH A . 
B 2 HOH 144 272 144 HOH HOH A . 
B 2 HOH 145 273 145 HOH HOH A . 
B 2 HOH 146 274 146 HOH HOH A . 
B 2 HOH 147 275 147 HOH HOH A . 
B 2 HOH 148 276 148 HOH HOH A . 
B 2 HOH 149 277 149 HOH HOH A . 
B 2 HOH 150 278 150 HOH HOH A . 
B 2 HOH 151 279 151 HOH HOH A . 
B 2 HOH 152 280 152 HOH HOH A . 
B 2 HOH 153 281 153 HOH HOH A . 
B 2 HOH 154 282 154 HOH HOH A . 
B 2 HOH 155 283 155 HOH HOH A . 
B 2 HOH 156 284 156 HOH HOH A . 
B 2 HOH 157 285 157 HOH HOH A . 
B 2 HOH 158 286 158 HOH HOH A . 
B 2 HOH 159 287 159 HOH HOH A . 
B 2 HOH 160 288 160 HOH HOH A . 
B 2 HOH 161 289 161 HOH HOH A . 
B 2 HOH 162 290 162 HOH HOH A . 
B 2 HOH 163 291 163 HOH HOH A . 
B 2 HOH 164 292 164 HOH HOH A . 
B 2 HOH 165 293 165 HOH HOH A . 
B 2 HOH 166 294 166 HOH HOH A . 
B 2 HOH 167 295 167 HOH HOH A . 
B 2 HOH 168 296 168 HOH HOH A . 
B 2 HOH 169 297 169 HOH HOH A . 
# 
loop_
_software.name 
_software.classification 
_software.version 
_software.citation_id 
_software.pdbx_ordinal 
HKL-2000 'data reduction' .   ? 1 
SOLVE    phasing          .   ? 2 
CNS      refinement       1.0 ? 3 
HKL-2000 'data scaling'   .   ? 4 
# 
_cell.entry_id           1JOS 
_cell.length_a           46.230 
_cell.length_b           48.090 
_cell.length_c           57.960 
_cell.angle_alpha        90.00 
_cell.angle_beta         90.00 
_cell.angle_gamma        90.00 
_cell.Z_PDB              4 
_cell.pdbx_unique_axis   ? 
# 
_symmetry.entry_id                         1JOS 
_symmetry.space_group_name_H-M             'P 21 21 21' 
_symmetry.pdbx_full_space_group_name_H-M   ? 
_symmetry.cell_setting                     ? 
_symmetry.Int_Tables_number                19 
# 
_exptl.entry_id          1JOS 
_exptl.method            'X-RAY DIFFRACTION' 
_exptl.crystals_number   1 
# 
_exptl_crystal.id                    1 
_exptl_crystal.density_meas          ? 
_exptl_crystal.density_Matthews      2.17 
_exptl_crystal.density_percent_sol   43.38 
_exptl_crystal.description           ? 
# 
_exptl_crystal_grow.crystal_id      1 
_exptl_crystal_grow.method          'VAPOR DIFFUSION, HANGING DROP' 
_exptl_crystal_grow.temp            293 
_exptl_crystal_grow.temp_details    ? 
_exptl_crystal_grow.pH              7.3 
_exptl_crystal_grow.pdbx_details    '0.6M NaK tartrate, 10 mM HEPES, pH 7.3, VAPOR DIFFUSION, HANGING DROP, temperature 293K' 
_exptl_crystal_grow.pdbx_pH_range   . 
# 
_diffrn.id                     1 
_diffrn.ambient_temp           115 
_diffrn.ambient_temp_details   ? 
_diffrn.crystal_id             1 
# 
_diffrn_detector.diffrn_id              1 
_diffrn_detector.detector               CCD 
_diffrn_detector.type                   BRUKER 
_diffrn_detector.pdbx_collection_date   2000-06-01 
_diffrn_detector.details                ? 
# 
_diffrn_radiation.diffrn_id                        1 
_diffrn_radiation.wavelength_id                    1 
_diffrn_radiation.monochromator                    ? 
_diffrn_radiation.pdbx_monochromatic_or_laue_m_l   M 
_diffrn_radiation.pdbx_diffrn_protocol             'SINGLE WAVELENGTH' 
_diffrn_radiation.pdbx_scattering_type             x-ray 
# 
_diffrn_radiation_wavelength.id           1 
_diffrn_radiation_wavelength.wavelength   1.0113 
_diffrn_radiation_wavelength.wt           1.0 
# 
_diffrn_source.diffrn_id                   1 
_diffrn_source.source                      SYNCHROTRON 
_diffrn_source.type                        'APS BEAMLINE 17-ID' 
_diffrn_source.pdbx_synchrotron_site       APS 
_diffrn_source.pdbx_synchrotron_beamline   17-ID 
_diffrn_source.pdbx_wavelength             ? 
_diffrn_source.pdbx_wavelength_list        1.0113 
# 
_reflns.entry_id                     1JOS 
_reflns.observed_criterion_sigma_I   ? 
_reflns.observed_criterion_sigma_F   ? 
_reflns.d_resolution_low             15. 
_reflns.d_resolution_high            1.7 
_reflns.number_obs                   10622 
_reflns.number_all                   14727 
_reflns.percent_possible_obs         72 
_reflns.pdbx_Rmerge_I_obs            0.124 
_reflns.pdbx_Rsym_value              ? 
_reflns.pdbx_netI_over_sigmaI        12.7 
_reflns.B_iso_Wilson_estimate        ? 
_reflns.pdbx_redundancy              ? 
_reflns.R_free_details               ? 
_reflns.limit_h_max                  ? 
_reflns.limit_h_min                  ? 
_reflns.limit_k_max                  ? 
_reflns.limit_k_min                  ? 
_reflns.limit_l_max                  ? 
_reflns.limit_l_min                  ? 
_reflns.observed_criterion_F_max     ? 
_reflns.observed_criterion_F_min     ? 
_reflns.pdbx_diffrn_id               1 
_reflns.pdbx_ordinal                 1 
# 
_reflns_shell.d_res_high             1.70 
_reflns_shell.d_res_low              1.74 
_reflns_shell.percent_possible_all   ? 
_reflns_shell.Rmerge_I_obs           ? 
_reflns_shell.pdbx_Rsym_value        0.32 
_reflns_shell.meanI_over_sigI_obs    3.5 
_reflns_shell.pdbx_redundancy        ? 
_reflns_shell.percent_possible_obs   ? 
_reflns_shell.number_unique_all      ? 
_reflns_shell.pdbx_diffrn_id         ? 
_reflns_shell.pdbx_ordinal           1 
# 
_refine.entry_id                                 1JOS 
_refine.ls_number_reflns_obs                     ? 
_refine.ls_number_reflns_all                     ? 
_refine.pdbx_ls_sigma_I                          ? 
_refine.pdbx_ls_sigma_F                          ? 
_refine.pdbx_data_cutoff_high_absF               ? 
_refine.pdbx_data_cutoff_low_absF                ? 
_refine.ls_d_res_low                             15 
_refine.ls_d_res_high                            1.7 
_refine.ls_percent_reflns_obs                    ? 
_refine.ls_R_factor_obs                          ? 
_refine.ls_R_factor_all                          ? 
_refine.ls_R_factor_R_work                       0.216 
_refine.ls_R_factor_R_free                       0.283 
_refine.ls_R_factor_R_free_error                 ? 
_refine.ls_R_factor_R_free_error_details         ? 
_refine.ls_percent_reflns_R_free                 ? 
_refine.ls_number_reflns_R_free                  ? 
_refine.ls_number_parameters                     ? 
_refine.ls_number_restraints                     ? 
_refine.occupancy_min                            ? 
_refine.occupancy_max                            ? 
_refine.B_iso_mean                               ? 
_refine.aniso_B[1][1]                            ? 
_refine.aniso_B[2][2]                            ? 
_refine.aniso_B[3][3]                            ? 
_refine.aniso_B[1][2]                            ? 
_refine.aniso_B[1][3]                            ? 
_refine.aniso_B[2][3]                            ? 
_refine.solvent_model_details                    ? 
_refine.solvent_model_param_ksol                 ? 
_refine.solvent_model_param_bsol                 ? 
_refine.pdbx_ls_cross_valid_method               ? 
_refine.details                                  ? 
_refine.pdbx_starting_model                      ? 
_refine.pdbx_method_to_determine_struct          MAD 
_refine.pdbx_isotropic_thermal_model             ? 
_refine.pdbx_stereochemistry_target_values       ? 
_refine.pdbx_stereochem_target_val_spec_case     ? 
_refine.pdbx_R_Free_selection_details            ? 
_refine.pdbx_overall_ESU_R_Free                  ? 
_refine.overall_SU_B                             ? 
_refine.ls_redundancy_reflns_obs                 ? 
_refine.B_iso_min                                ? 
_refine.B_iso_max                                ? 
_refine.correlation_coeff_Fo_to_Fc               ? 
_refine.overall_SU_R_Cruickshank_DPI             ? 
_refine.overall_SU_R_free                        ? 
_refine.overall_SU_ML                            ? 
_refine.pdbx_overall_ESU_R                       ? 
_refine.pdbx_data_cutoff_high_rms_absF           ? 
_refine.correlation_coeff_Fo_to_Fc_free          ? 
_refine.pdbx_solvent_vdw_probe_radii             ? 
_refine.pdbx_solvent_ion_probe_radii             ? 
_refine.pdbx_solvent_shrinkage_radii             ? 
_refine.pdbx_refine_id                           'X-RAY DIFFRACTION' 
_refine.pdbx_diffrn_id                           1 
_refine.pdbx_TLS_residual_ADP_flag               ? 
_refine.pdbx_overall_phase_error                 ? 
_refine.pdbx_overall_SU_R_free_Cruickshank_DPI   ? 
_refine.pdbx_overall_SU_R_Blow_DPI               ? 
_refine.pdbx_overall_SU_R_free_Blow_DPI          ? 
# 
_refine_hist.pdbx_refine_id                   'X-RAY DIFFRACTION' 
_refine_hist.cycle_id                         LAST 
_refine_hist.pdbx_number_atoms_protein        817 
_refine_hist.pdbx_number_atoms_nucleic_acid   0 
_refine_hist.pdbx_number_atoms_ligand         0 
_refine_hist.number_atoms_solvent             169 
_refine_hist.number_atoms_total               986 
_refine_hist.d_res_high                       1.7 
_refine_hist.d_res_low                        15 
# 
loop_
_refine_ls_restr.type 
_refine_ls_restr.dev_ideal 
_refine_ls_restr.dev_ideal_target 
_refine_ls_restr.weight 
_refine_ls_restr.number 
_refine_ls_restr.pdbx_refine_id 
_refine_ls_restr.pdbx_restraint_function 
c_bond_d  0.016 ? ? ? 'X-RAY DIFFRACTION' ? 
c_angle_d 1.6   ? ? ? 'X-RAY DIFFRACTION' ? 
# 
_struct.entry_id                  1JOS 
_struct.title                     'Ribosome Binding Factor A(rbfA)' 
_struct.pdbx_model_details        ? 
_struct.pdbx_CASP_flag            ? 
_struct.pdbx_model_type_details   ? 
# 
_struct_keywords.entry_id        1JOS 
_struct_keywords.pdbx_keywords   'RNA BINDING PROTEIN' 
_struct_keywords.text            'RNA BINDING PROTEIN, Structure 2 Function Project, S2F, Structural Genomics' 
# 
loop_
_struct_asym.id 
_struct_asym.pdbx_blank_PDB_chainid_flag 
_struct_asym.pdbx_modified 
_struct_asym.entity_id 
_struct_asym.details 
A N N 1 ? 
B N N 2 ? 
# 
_struct_ref.id                         1 
_struct_ref.db_name                    UNP 
_struct_ref.db_code                    RBFA_HAEIN 
_struct_ref.entity_id                  1 
_struct_ref.pdbx_seq_one_letter_code   
;MAREFKRSDRVAQEIQKEIAVILQREVKDPRIGMVTVSDVEVSSDLSYAKIFVTFLFDHDEMAIEQGMKGLEKASPYIRS
LLGKAMRLRIVPEIRFIYDQSLVEGMRMSNLVTNVVREDEKKHVEESN
;
_struct_ref.pdbx_align_begin           1 
_struct_ref.pdbx_db_accession          P45141 
_struct_ref.pdbx_db_isoform            ? 
# 
_struct_ref_seq.align_id                      1 
_struct_ref_seq.ref_id                        1 
_struct_ref_seq.pdbx_PDB_id_code              1JOS 
_struct_ref_seq.pdbx_strand_id                A 
_struct_ref_seq.seq_align_beg                 1 
_struct_ref_seq.pdbx_seq_align_beg_ins_code   ? 
_struct_ref_seq.seq_align_end                 128 
_struct_ref_seq.pdbx_seq_align_end_ins_code   ? 
_struct_ref_seq.pdbx_db_accession             P45141 
_struct_ref_seq.db_align_beg                  1 
_struct_ref_seq.pdbx_db_align_beg_ins_code    ? 
_struct_ref_seq.db_align_end                  128 
_struct_ref_seq.pdbx_db_align_end_ins_code    ? 
_struct_ref_seq.pdbx_auth_seq_align_beg       1 
_struct_ref_seq.pdbx_auth_seq_align_end       128 
# 
_pdbx_struct_assembly.id                   1 
_pdbx_struct_assembly.details              author_defined_assembly 
_pdbx_struct_assembly.method_details       ? 
_pdbx_struct_assembly.oligomeric_details   monomeric 
_pdbx_struct_assembly.oligomeric_count     1 
# 
_pdbx_struct_assembly_gen.assembly_id       1 
_pdbx_struct_assembly_gen.oper_expression   1 
_pdbx_struct_assembly_gen.asym_id_list      A,B 
# 
_pdbx_struct_oper_list.id                   1 
_pdbx_struct_oper_list.type                 'identity operation' 
_pdbx_struct_oper_list.name                 1_555 
_pdbx_struct_oper_list.symmetry_operation   x,y,z 
_pdbx_struct_oper_list.matrix[1][1]         1.0000000000 
_pdbx_struct_oper_list.matrix[1][2]         0.0000000000 
_pdbx_struct_oper_list.matrix[1][3]         0.0000000000 
_pdbx_struct_oper_list.vector[1]            0.0000000000 
_pdbx_struct_oper_list.matrix[2][1]         0.0000000000 
_pdbx_struct_oper_list.matrix[2][2]         1.0000000000 
_pdbx_struct_oper_list.matrix[2][3]         0.0000000000 
_pdbx_struct_oper_list.vector[2]            0.0000000000 
_pdbx_struct_oper_list.matrix[3][1]         0.0000000000 
_pdbx_struct_oper_list.matrix[3][2]         0.0000000000 
_pdbx_struct_oper_list.matrix[3][3]         1.0000000000 
_pdbx_struct_oper_list.vector[3]            0.0000000000 
# 
_struct_biol.id                    1 
_struct_biol.pdbx_parent_biol_id   ? 
_struct_biol.details               ? 
# 
loop_
_struct_conf.conf_type_id 
_struct_conf.id 
_struct_conf.pdbx_PDB_helix_id 
_struct_conf.beg_label_comp_id 
_struct_conf.beg_label_asym_id 
_struct_conf.beg_label_seq_id 
_struct_conf.pdbx_beg_PDB_ins_code 
_struct_conf.end_label_comp_id 
_struct_conf.end_label_asym_id 
_struct_conf.end_label_seq_id 
_struct_conf.pdbx_end_PDB_ins_code 
_struct_conf.beg_auth_comp_id 
_struct_conf.beg_auth_asym_id 
_struct_conf.beg_auth_seq_id 
_struct_conf.end_auth_comp_id 
_struct_conf.end_auth_asym_id 
_struct_conf.end_auth_seq_id 
_struct_conf.pdbx_PDB_helix_class 
_struct_conf.details 
_struct_conf.pdbx_PDB_helix_length 
HELX_P HELX_P1 1 ARG A 7  ? VAL A 27 ? ARG A 7  VAL A 27 1 ? 21 
HELX_P HELX_P2 2 ASP A 60 ? ALA A 74 ? ASP A 60 ALA A 74 1 ? 15 
HELX_P HELX_P3 3 ALA A 74 ? ARG A 87 ? ALA A 74 ARG A 87 1 ? 14 
# 
_struct_conf_type.id          HELX_P 
_struct_conf_type.criteria    ? 
_struct_conf_type.reference   ? 
# 
_struct_sheet.id               A 
_struct_sheet.type             ? 
_struct_sheet.number_strands   3 
_struct_sheet.details          ? 
# 
loop_
_struct_sheet_order.sheet_id 
_struct_sheet_order.range_id_1 
_struct_sheet_order.range_id_2 
_struct_sheet_order.offset 
_struct_sheet_order.sense 
A 1 2 ? anti-parallel 
A 2 3 ? parallel      
# 
loop_
_struct_sheet_range.sheet_id 
_struct_sheet_range.id 
_struct_sheet_range.beg_label_comp_id 
_struct_sheet_range.beg_label_asym_id 
_struct_sheet_range.beg_label_seq_id 
_struct_sheet_range.pdbx_beg_PDB_ins_code 
_struct_sheet_range.end_label_comp_id 
_struct_sheet_range.end_label_asym_id 
_struct_sheet_range.end_label_seq_id 
_struct_sheet_range.pdbx_end_PDB_ins_code 
_struct_sheet_range.beg_auth_comp_id 
_struct_sheet_range.beg_auth_asym_id 
_struct_sheet_range.beg_auth_seq_id 
_struct_sheet_range.end_auth_comp_id 
_struct_sheet_range.end_auth_asym_id 
_struct_sheet_range.end_auth_seq_id 
A 1 VAL A 35 ? VAL A 42 ? VAL A 35 VAL A 42 
A 2 TYR A 48 ? PHE A 55 ? TYR A 48 PHE A 55 
A 3 GLU A 93 ? TYR A 98 ? GLU A 93 TYR A 98 
# 
loop_
_pdbx_struct_sheet_hbond.sheet_id 
_pdbx_struct_sheet_hbond.range_id_1 
_pdbx_struct_sheet_hbond.range_id_2 
_pdbx_struct_sheet_hbond.range_1_label_atom_id 
_pdbx_struct_sheet_hbond.range_1_label_comp_id 
_pdbx_struct_sheet_hbond.range_1_label_asym_id 
_pdbx_struct_sheet_hbond.range_1_label_seq_id 
_pdbx_struct_sheet_hbond.range_1_PDB_ins_code 
_pdbx_struct_sheet_hbond.range_1_auth_atom_id 
_pdbx_struct_sheet_hbond.range_1_auth_comp_id 
_pdbx_struct_sheet_hbond.range_1_auth_asym_id 
_pdbx_struct_sheet_hbond.range_1_auth_seq_id 
_pdbx_struct_sheet_hbond.range_2_label_atom_id 
_pdbx_struct_sheet_hbond.range_2_label_comp_id 
_pdbx_struct_sheet_hbond.range_2_label_asym_id 
_pdbx_struct_sheet_hbond.range_2_label_seq_id 
_pdbx_struct_sheet_hbond.range_2_PDB_ins_code 
_pdbx_struct_sheet_hbond.range_2_auth_atom_id 
_pdbx_struct_sheet_hbond.range_2_auth_comp_id 
_pdbx_struct_sheet_hbond.range_2_auth_asym_id 
_pdbx_struct_sheet_hbond.range_2_auth_seq_id 
A 1 2 O GLU A 41 ? O GLU A 41 N LYS A 50 ? N LYS A 50 
A 2 3 N ALA A 49 ? N ALA A 49 O GLU A 93 ? O GLU A 93 
# 
loop_
_pdbx_validate_torsion.id 
_pdbx_validate_torsion.PDB_model_num 
_pdbx_validate_torsion.auth_comp_id 
_pdbx_validate_torsion.auth_asym_id 
_pdbx_validate_torsion.auth_seq_id 
_pdbx_validate_torsion.PDB_ins_code 
_pdbx_validate_torsion.label_alt_id 
_pdbx_validate_torsion.phi 
_pdbx_validate_torsion.psi 
1 1 LEU A 46  ? ? 53.83  18.17  
2 1 GLU A 104 ? ? -99.97 -69.06 
# 
_pdbx_SG_project.id                    1 
_pdbx_SG_project.project_name          ? 
_pdbx_SG_project.full_name_of_center   'Structure 2 Function Project' 
_pdbx_SG_project.initial_of_center     S2F 
# 
loop_
_pdbx_unobs_or_zero_occ_residues.id 
_pdbx_unobs_or_zero_occ_residues.PDB_model_num 
_pdbx_unobs_or_zero_occ_residues.polymer_flag 
_pdbx_unobs_or_zero_occ_residues.occupancy_flag 
_pdbx_unobs_or_zero_occ_residues.auth_asym_id 
_pdbx_unobs_or_zero_occ_residues.auth_comp_id 
_pdbx_unobs_or_zero_occ_residues.auth_seq_id 
_pdbx_unobs_or_zero_occ_residues.PDB_ins_code 
_pdbx_unobs_or_zero_occ_residues.label_asym_id 
_pdbx_unobs_or_zero_occ_residues.label_comp_id 
_pdbx_unobs_or_zero_occ_residues.label_seq_id 
1  1 Y 1 A MET 1   ? A MET 1   
2  1 Y 1 A ALA 2   ? A ALA 2   
3  1 Y 1 A ARG 3   ? A ARG 3   
4  1 Y 1 A GLU 4   ? A GLU 4   
5  1 Y 1 A PHE 5   ? A PHE 5   
6  1 Y 1 A LYS 6   ? A LYS 6   
7  1 Y 1 A ARG 107 ? A ARG 107 
8  1 Y 1 A MET 108 ? A MET 108 
9  1 Y 1 A SER 109 ? A SER 109 
10 1 Y 1 A ASN 110 ? A ASN 110 
11 1 Y 1 A LEU 111 ? A LEU 111 
12 1 Y 1 A VAL 112 ? A VAL 112 
13 1 Y 1 A THR 113 ? A THR 113 
14 1 Y 1 A ASN 114 ? A ASN 114 
15 1 Y 1 A VAL 115 ? A VAL 115 
16 1 Y 1 A VAL 116 ? A VAL 116 
17 1 Y 1 A ARG 117 ? A ARG 117 
18 1 Y 1 A GLU 118 ? A GLU 118 
19 1 Y 1 A ASP 119 ? A ASP 119 
20 1 Y 1 A GLU 120 ? A GLU 120 
21 1 Y 1 A LYS 121 ? A LYS 121 
22 1 Y 1 A LYS 122 ? A LYS 122 
23 1 Y 1 A HIS 123 ? A HIS 123 
24 1 Y 1 A VAL 124 ? A VAL 124 
25 1 Y 1 A GLU 125 ? A GLU 125 
26 1 Y 1 A GLU 126 ? A GLU 126 
27 1 Y 1 A SER 127 ? A SER 127 
28 1 Y 1 A ASN 128 ? A ASN 128 
# 
loop_
_chem_comp_atom.comp_id 
_chem_comp_atom.atom_id 
_chem_comp_atom.type_symbol 
_chem_comp_atom.pdbx_aromatic_flag 
_chem_comp_atom.pdbx_stereo_config 
_chem_comp_atom.pdbx_ordinal 
ALA N    N N N 1   
ALA CA   C N S 2   
ALA C    C N N 3   
ALA O    O N N 4   
ALA CB   C N N 5   
ALA OXT  O N N 6   
ALA H    H N N 7   
ALA H2   H N N 8   
ALA HA   H N N 9   
ALA HB1  H N N 10  
ALA HB2  H N N 11  
ALA HB3  H N N 12  
ALA HXT  H N N 13  
ARG N    N N N 14  
ARG CA   C N S 15  
ARG C    C N N 16  
ARG O    O N N 17  
ARG CB   C N N 18  
ARG CG   C N N 19  
ARG CD   C N N 20  
ARG NE   N N N 21  
ARG CZ   C N N 22  
ARG NH1  N N N 23  
ARG NH2  N N N 24  
ARG OXT  O N N 25  
ARG H    H N N 26  
ARG H2   H N N 27  
ARG HA   H N N 28  
ARG HB2  H N N 29  
ARG HB3  H N N 30  
ARG HG2  H N N 31  
ARG HG3  H N N 32  
ARG HD2  H N N 33  
ARG HD3  H N N 34  
ARG HE   H N N 35  
ARG HH11 H N N 36  
ARG HH12 H N N 37  
ARG HH21 H N N 38  
ARG HH22 H N N 39  
ARG HXT  H N N 40  
ASN N    N N N 41  
ASN CA   C N S 42  
ASN C    C N N 43  
ASN O    O N N 44  
ASN CB   C N N 45  
ASN CG   C N N 46  
ASN OD1  O N N 47  
ASN ND2  N N N 48  
ASN OXT  O N N 49  
ASN H    H N N 50  
ASN H2   H N N 51  
ASN HA   H N N 52  
ASN HB2  H N N 53  
ASN HB3  H N N 54  
ASN HD21 H N N 55  
ASN HD22 H N N 56  
ASN HXT  H N N 57  
ASP N    N N N 58  
ASP CA   C N S 59  
ASP C    C N N 60  
ASP O    O N N 61  
ASP CB   C N N 62  
ASP CG   C N N 63  
ASP OD1  O N N 64  
ASP OD2  O N N 65  
ASP OXT  O N N 66  
ASP H    H N N 67  
ASP H2   H N N 68  
ASP HA   H N N 69  
ASP HB2  H N N 70  
ASP HB3  H N N 71  
ASP HD2  H N N 72  
ASP HXT  H N N 73  
GLN N    N N N 74  
GLN CA   C N S 75  
GLN C    C N N 76  
GLN O    O N N 77  
GLN CB   C N N 78  
GLN CG   C N N 79  
GLN CD   C N N 80  
GLN OE1  O N N 81  
GLN NE2  N N N 82  
GLN OXT  O N N 83  
GLN H    H N N 84  
GLN H2   H N N 85  
GLN HA   H N N 86  
GLN HB2  H N N 87  
GLN HB3  H N N 88  
GLN HG2  H N N 89  
GLN HG3  H N N 90  
GLN HE21 H N N 91  
GLN HE22 H N N 92  
GLN HXT  H N N 93  
GLU N    N N N 94  
GLU CA   C N S 95  
GLU C    C N N 96  
GLU O    O N N 97  
GLU CB   C N N 98  
GLU CG   C N N 99  
GLU CD   C N N 100 
GLU OE1  O N N 101 
GLU OE2  O N N 102 
GLU OXT  O N N 103 
GLU H    H N N 104 
GLU H2   H N N 105 
GLU HA   H N N 106 
GLU HB2  H N N 107 
GLU HB3  H N N 108 
GLU HG2  H N N 109 
GLU HG3  H N N 110 
GLU HE2  H N N 111 
GLU HXT  H N N 112 
GLY N    N N N 113 
GLY CA   C N N 114 
GLY C    C N N 115 
GLY O    O N N 116 
GLY OXT  O N N 117 
GLY H    H N N 118 
GLY H2   H N N 119 
GLY HA2  H N N 120 
GLY HA3  H N N 121 
GLY HXT  H N N 122 
HIS N    N N N 123 
HIS CA   C N S 124 
HIS C    C N N 125 
HIS O    O N N 126 
HIS CB   C N N 127 
HIS CG   C Y N 128 
HIS ND1  N Y N 129 
HIS CD2  C Y N 130 
HIS CE1  C Y N 131 
HIS NE2  N Y N 132 
HIS OXT  O N N 133 
HIS H    H N N 134 
HIS H2   H N N 135 
HIS HA   H N N 136 
HIS HB2  H N N 137 
HIS HB3  H N N 138 
HIS HD1  H N N 139 
HIS HD2  H N N 140 
HIS HE1  H N N 141 
HIS HE2  H N N 142 
HIS HXT  H N N 143 
HOH O    O N N 144 
HOH H1   H N N 145 
HOH H2   H N N 146 
ILE N    N N N 147 
ILE CA   C N S 148 
ILE C    C N N 149 
ILE O    O N N 150 
ILE CB   C N S 151 
ILE CG1  C N N 152 
ILE CG2  C N N 153 
ILE CD1  C N N 154 
ILE OXT  O N N 155 
ILE H    H N N 156 
ILE H2   H N N 157 
ILE HA   H N N 158 
ILE HB   H N N 159 
ILE HG12 H N N 160 
ILE HG13 H N N 161 
ILE HG21 H N N 162 
ILE HG22 H N N 163 
ILE HG23 H N N 164 
ILE HD11 H N N 165 
ILE HD12 H N N 166 
ILE HD13 H N N 167 
ILE HXT  H N N 168 
LEU N    N N N 169 
LEU CA   C N S 170 
LEU C    C N N 171 
LEU O    O N N 172 
LEU CB   C N N 173 
LEU CG   C N N 174 
LEU CD1  C N N 175 
LEU CD2  C N N 176 
LEU OXT  O N N 177 
LEU H    H N N 178 
LEU H2   H N N 179 
LEU HA   H N N 180 
LEU HB2  H N N 181 
LEU HB3  H N N 182 
LEU HG   H N N 183 
LEU HD11 H N N 184 
LEU HD12 H N N 185 
LEU HD13 H N N 186 
LEU HD21 H N N 187 
LEU HD22 H N N 188 
LEU HD23 H N N 189 
LEU HXT  H N N 190 
LYS N    N N N 191 
LYS CA   C N S 192 
LYS C    C N N 193 
LYS O    O N N 194 
LYS CB   C N N 195 
LYS CG   C N N 196 
LYS CD   C N N 197 
LYS CE   C N N 198 
LYS NZ   N N N 199 
LYS OXT  O N N 200 
LYS H    H N N 201 
LYS H2   H N N 202 
LYS HA   H N N 203 
LYS HB2  H N N 204 
LYS HB3  H N N 205 
LYS HG2  H N N 206 
LYS HG3  H N N 207 
LYS HD2  H N N 208 
LYS HD3  H N N 209 
LYS HE2  H N N 210 
LYS HE3  H N N 211 
LYS HZ1  H N N 212 
LYS HZ2  H N N 213 
LYS HZ3  H N N 214 
LYS HXT  H N N 215 
MET N    N N N 216 
MET CA   C N S 217 
MET C    C N N 218 
MET O    O N N 219 
MET CB   C N N 220 
MET CG   C N N 221 
MET SD   S N N 222 
MET CE   C N N 223 
MET OXT  O N N 224 
MET H    H N N 225 
MET H2   H N N 226 
MET HA   H N N 227 
MET HB2  H N N 228 
MET HB3  H N N 229 
MET HG2  H N N 230 
MET HG3  H N N 231 
MET HE1  H N N 232 
MET HE2  H N N 233 
MET HE3  H N N 234 
MET HXT  H N N 235 
PHE N    N N N 236 
PHE CA   C N S 237 
PHE C    C N N 238 
PHE O    O N N 239 
PHE CB   C N N 240 
PHE CG   C Y N 241 
PHE CD1  C Y N 242 
PHE CD2  C Y N 243 
PHE CE1  C Y N 244 
PHE CE2  C Y N 245 
PHE CZ   C Y N 246 
PHE OXT  O N N 247 
PHE H    H N N 248 
PHE H2   H N N 249 
PHE HA   H N N 250 
PHE HB2  H N N 251 
PHE HB3  H N N 252 
PHE HD1  H N N 253 
PHE HD2  H N N 254 
PHE HE1  H N N 255 
PHE HE2  H N N 256 
PHE HZ   H N N 257 
PHE HXT  H N N 258 
PRO N    N N N 259 
PRO CA   C N S 260 
PRO C    C N N 261 
PRO O    O N N 262 
PRO CB   C N N 263 
PRO CG   C N N 264 
PRO CD   C N N 265 
PRO OXT  O N N 266 
PRO H    H N N 267 
PRO HA   H N N 268 
PRO HB2  H N N 269 
PRO HB3  H N N 270 
PRO HG2  H N N 271 
PRO HG3  H N N 272 
PRO HD2  H N N 273 
PRO HD3  H N N 274 
PRO HXT  H N N 275 
SER N    N N N 276 
SER CA   C N S 277 
SER C    C N N 278 
SER O    O N N 279 
SER CB   C N N 280 
SER OG   O N N 281 
SER OXT  O N N 282 
SER H    H N N 283 
SER H2   H N N 284 
SER HA   H N N 285 
SER HB2  H N N 286 
SER HB3  H N N 287 
SER HG   H N N 288 
SER HXT  H N N 289 
THR N    N N N 290 
THR CA   C N S 291 
THR C    C N N 292 
THR O    O N N 293 
THR CB   C N R 294 
THR OG1  O N N 295 
THR CG2  C N N 296 
THR OXT  O N N 297 
THR H    H N N 298 
THR H2   H N N 299 
THR HA   H N N 300 
THR HB   H N N 301 
THR HG1  H N N 302 
THR HG21 H N N 303 
THR HG22 H N N 304 
THR HG23 H N N 305 
THR HXT  H N N 306 
TYR N    N N N 307 
TYR CA   C N S 308 
TYR C    C N N 309 
TYR O    O N N 310 
TYR CB   C N N 311 
TYR CG   C Y N 312 
TYR CD1  C Y N 313 
TYR CD2  C Y N 314 
TYR CE1  C Y N 315 
TYR CE2  C Y N 316 
TYR CZ   C Y N 317 
TYR OH   O N N 318 
TYR OXT  O N N 319 
TYR H    H N N 320 
TYR H2   H N N 321 
TYR HA   H N N 322 
TYR HB2  H N N 323 
TYR HB3  H N N 324 
TYR HD1  H N N 325 
TYR HD2  H N N 326 
TYR HE1  H N N 327 
TYR HE2  H N N 328 
TYR HH   H N N 329 
TYR HXT  H N N 330 
VAL N    N N N 331 
VAL CA   C N S 332 
VAL C    C N N 333 
VAL O    O N N 334 
VAL CB   C N N 335 
VAL CG1  C N N 336 
VAL CG2  C N N 337 
VAL OXT  O N N 338 
VAL H    H N N 339 
VAL H2   H N N 340 
VAL HA   H N N 341 
VAL HB   H N N 342 
VAL HG11 H N N 343 
VAL HG12 H N N 344 
VAL HG13 H N N 345 
VAL HG21 H N N 346 
VAL HG22 H N N 347 
VAL HG23 H N N 348 
VAL HXT  H N N 349 
# 
loop_
_chem_comp_bond.comp_id 
_chem_comp_bond.atom_id_1 
_chem_comp_bond.atom_id_2 
_chem_comp_bond.value_order 
_chem_comp_bond.pdbx_aromatic_flag 
_chem_comp_bond.pdbx_stereo_config 
_chem_comp_bond.pdbx_ordinal 
ALA N   CA   sing N N 1   
ALA N   H    sing N N 2   
ALA N   H2   sing N N 3   
ALA CA  C    sing N N 4   
ALA CA  CB   sing N N 5   
ALA CA  HA   sing N N 6   
ALA C   O    doub N N 7   
ALA C   OXT  sing N N 8   
ALA CB  HB1  sing N N 9   
ALA CB  HB2  sing N N 10  
ALA CB  HB3  sing N N 11  
ALA OXT HXT  sing N N 12  
ARG N   CA   sing N N 13  
ARG N   H    sing N N 14  
ARG N   H2   sing N N 15  
ARG CA  C    sing N N 16  
ARG CA  CB   sing N N 17  
ARG CA  HA   sing N N 18  
ARG C   O    doub N N 19  
ARG C   OXT  sing N N 20  
ARG CB  CG   sing N N 21  
ARG CB  HB2  sing N N 22  
ARG CB  HB3  sing N N 23  
ARG CG  CD   sing N N 24  
ARG CG  HG2  sing N N 25  
ARG CG  HG3  sing N N 26  
ARG CD  NE   sing N N 27  
ARG CD  HD2  sing N N 28  
ARG CD  HD3  sing N N 29  
ARG NE  CZ   sing N N 30  
ARG NE  HE   sing N N 31  
ARG CZ  NH1  sing N N 32  
ARG CZ  NH2  doub N N 33  
ARG NH1 HH11 sing N N 34  
ARG NH1 HH12 sing N N 35  
ARG NH2 HH21 sing N N 36  
ARG NH2 HH22 sing N N 37  
ARG OXT HXT  sing N N 38  
ASN N   CA   sing N N 39  
ASN N   H    sing N N 40  
ASN N   H2   sing N N 41  
ASN CA  C    sing N N 42  
ASN CA  CB   sing N N 43  
ASN CA  HA   sing N N 44  
ASN C   O    doub N N 45  
ASN C   OXT  sing N N 46  
ASN CB  CG   sing N N 47  
ASN CB  HB2  sing N N 48  
ASN CB  HB3  sing N N 49  
ASN CG  OD1  doub N N 50  
ASN CG  ND2  sing N N 51  
ASN ND2 HD21 sing N N 52  
ASN ND2 HD22 sing N N 53  
ASN OXT HXT  sing N N 54  
ASP N   CA   sing N N 55  
ASP N   H    sing N N 56  
ASP N   H2   sing N N 57  
ASP CA  C    sing N N 58  
ASP CA  CB   sing N N 59  
ASP CA  HA   sing N N 60  
ASP C   O    doub N N 61  
ASP C   OXT  sing N N 62  
ASP CB  CG   sing N N 63  
ASP CB  HB2  sing N N 64  
ASP CB  HB3  sing N N 65  
ASP CG  OD1  doub N N 66  
ASP CG  OD2  sing N N 67  
ASP OD2 HD2  sing N N 68  
ASP OXT HXT  sing N N 69  
GLN N   CA   sing N N 70  
GLN N   H    sing N N 71  
GLN N   H2   sing N N 72  
GLN CA  C    sing N N 73  
GLN CA  CB   sing N N 74  
GLN CA  HA   sing N N 75  
GLN C   O    doub N N 76  
GLN C   OXT  sing N N 77  
GLN CB  CG   sing N N 78  
GLN CB  HB2  sing N N 79  
GLN CB  HB3  sing N N 80  
GLN CG  CD   sing N N 81  
GLN CG  HG2  sing N N 82  
GLN CG  HG3  sing N N 83  
GLN CD  OE1  doub N N 84  
GLN CD  NE2  sing N N 85  
GLN NE2 HE21 sing N N 86  
GLN NE2 HE22 sing N N 87  
GLN OXT HXT  sing N N 88  
GLU N   CA   sing N N 89  
GLU N   H    sing N N 90  
GLU N   H2   sing N N 91  
GLU CA  C    sing N N 92  
GLU CA  CB   sing N N 93  
GLU CA  HA   sing N N 94  
GLU C   O    doub N N 95  
GLU C   OXT  sing N N 96  
GLU CB  CG   sing N N 97  
GLU CB  HB2  sing N N 98  
GLU CB  HB3  sing N N 99  
GLU CG  CD   sing N N 100 
GLU CG  HG2  sing N N 101 
GLU CG  HG3  sing N N 102 
GLU CD  OE1  doub N N 103 
GLU CD  OE2  sing N N 104 
GLU OE2 HE2  sing N N 105 
GLU OXT HXT  sing N N 106 
GLY N   CA   sing N N 107 
GLY N   H    sing N N 108 
GLY N   H2   sing N N 109 
GLY CA  C    sing N N 110 
GLY CA  HA2  sing N N 111 
GLY CA  HA3  sing N N 112 
GLY C   O    doub N N 113 
GLY C   OXT  sing N N 114 
GLY OXT HXT  sing N N 115 
HIS N   CA   sing N N 116 
HIS N   H    sing N N 117 
HIS N   H2   sing N N 118 
HIS CA  C    sing N N 119 
HIS CA  CB   sing N N 120 
HIS CA  HA   sing N N 121 
HIS C   O    doub N N 122 
HIS C   OXT  sing N N 123 
HIS CB  CG   sing N N 124 
HIS CB  HB2  sing N N 125 
HIS CB  HB3  sing N N 126 
HIS CG  ND1  sing Y N 127 
HIS CG  CD2  doub Y N 128 
HIS ND1 CE1  doub Y N 129 
HIS ND1 HD1  sing N N 130 
HIS CD2 NE2  sing Y N 131 
HIS CD2 HD2  sing N N 132 
HIS CE1 NE2  sing Y N 133 
HIS CE1 HE1  sing N N 134 
HIS NE2 HE2  sing N N 135 
HIS OXT HXT  sing N N 136 
HOH O   H1   sing N N 137 
HOH O   H2   sing N N 138 
ILE N   CA   sing N N 139 
ILE N   H    sing N N 140 
ILE N   H2   sing N N 141 
ILE CA  C    sing N N 142 
ILE CA  CB   sing N N 143 
ILE CA  HA   sing N N 144 
ILE C   O    doub N N 145 
ILE C   OXT  sing N N 146 
ILE CB  CG1  sing N N 147 
ILE CB  CG2  sing N N 148 
ILE CB  HB   sing N N 149 
ILE CG1 CD1  sing N N 150 
ILE CG1 HG12 sing N N 151 
ILE CG1 HG13 sing N N 152 
ILE CG2 HG21 sing N N 153 
ILE CG2 HG22 sing N N 154 
ILE CG2 HG23 sing N N 155 
ILE CD1 HD11 sing N N 156 
ILE CD1 HD12 sing N N 157 
ILE CD1 HD13 sing N N 158 
ILE OXT HXT  sing N N 159 
LEU N   CA   sing N N 160 
LEU N   H    sing N N 161 
LEU N   H2   sing N N 162 
LEU CA  C    sing N N 163 
LEU CA  CB   sing N N 164 
LEU CA  HA   sing N N 165 
LEU C   O    doub N N 166 
LEU C   OXT  sing N N 167 
LEU CB  CG   sing N N 168 
LEU CB  HB2  sing N N 169 
LEU CB  HB3  sing N N 170 
LEU CG  CD1  sing N N 171 
LEU CG  CD2  sing N N 172 
LEU CG  HG   sing N N 173 
LEU CD1 HD11 sing N N 174 
LEU CD1 HD12 sing N N 175 
LEU CD1 HD13 sing N N 176 
LEU CD2 HD21 sing N N 177 
LEU CD2 HD22 sing N N 178 
LEU CD2 HD23 sing N N 179 
LEU OXT HXT  sing N N 180 
LYS N   CA   sing N N 181 
LYS N   H    sing N N 182 
LYS N   H2   sing N N 183 
LYS CA  C    sing N N 184 
LYS CA  CB   sing N N 185 
LYS CA  HA   sing N N 186 
LYS C   O    doub N N 187 
LYS C   OXT  sing N N 188 
LYS CB  CG   sing N N 189 
LYS CB  HB2  sing N N 190 
LYS CB  HB3  sing N N 191 
LYS CG  CD   sing N N 192 
LYS CG  HG2  sing N N 193 
LYS CG  HG3  sing N N 194 
LYS CD  CE   sing N N 195 
LYS CD  HD2  sing N N 196 
LYS CD  HD3  sing N N 197 
LYS CE  NZ   sing N N 198 
LYS CE  HE2  sing N N 199 
LYS CE  HE3  sing N N 200 
LYS NZ  HZ1  sing N N 201 
LYS NZ  HZ2  sing N N 202 
LYS NZ  HZ3  sing N N 203 
LYS OXT HXT  sing N N 204 
MET N   CA   sing N N 205 
MET N   H    sing N N 206 
MET N   H2   sing N N 207 
MET CA  C    sing N N 208 
MET CA  CB   sing N N 209 
MET CA  HA   sing N N 210 
MET C   O    doub N N 211 
MET C   OXT  sing N N 212 
MET CB  CG   sing N N 213 
MET CB  HB2  sing N N 214 
MET CB  HB3  sing N N 215 
MET CG  SD   sing N N 216 
MET CG  HG2  sing N N 217 
MET CG  HG3  sing N N 218 
MET SD  CE   sing N N 219 
MET CE  HE1  sing N N 220 
MET CE  HE2  sing N N 221 
MET CE  HE3  sing N N 222 
MET OXT HXT  sing N N 223 
PHE N   CA   sing N N 224 
PHE N   H    sing N N 225 
PHE N   H2   sing N N 226 
PHE CA  C    sing N N 227 
PHE CA  CB   sing N N 228 
PHE CA  HA   sing N N 229 
PHE C   O    doub N N 230 
PHE C   OXT  sing N N 231 
PHE CB  CG   sing N N 232 
PHE CB  HB2  sing N N 233 
PHE CB  HB3  sing N N 234 
PHE CG  CD1  doub Y N 235 
PHE CG  CD2  sing Y N 236 
PHE CD1 CE1  sing Y N 237 
PHE CD1 HD1  sing N N 238 
PHE CD2 CE2  doub Y N 239 
PHE CD2 HD2  sing N N 240 
PHE CE1 CZ   doub Y N 241 
PHE CE1 HE1  sing N N 242 
PHE CE2 CZ   sing Y N 243 
PHE CE2 HE2  sing N N 244 
PHE CZ  HZ   sing N N 245 
PHE OXT HXT  sing N N 246 
PRO N   CA   sing N N 247 
PRO N   CD   sing N N 248 
PRO N   H    sing N N 249 
PRO CA  C    sing N N 250 
PRO CA  CB   sing N N 251 
PRO CA  HA   sing N N 252 
PRO C   O    doub N N 253 
PRO C   OXT  sing N N 254 
PRO CB  CG   sing N N 255 
PRO CB  HB2  sing N N 256 
PRO CB  HB3  sing N N 257 
PRO CG  CD   sing N N 258 
PRO CG  HG2  sing N N 259 
PRO CG  HG3  sing N N 260 
PRO CD  HD2  sing N N 261 
PRO CD  HD3  sing N N 262 
PRO OXT HXT  sing N N 263 
SER N   CA   sing N N 264 
SER N   H    sing N N 265 
SER N   H2   sing N N 266 
SER CA  C    sing N N 267 
SER CA  CB   sing N N 268 
SER CA  HA   sing N N 269 
SER C   O    doub N N 270 
SER C   OXT  sing N N 271 
SER CB  OG   sing N N 272 
SER CB  HB2  sing N N 273 
SER CB  HB3  sing N N 274 
SER OG  HG   sing N N 275 
SER OXT HXT  sing N N 276 
THR N   CA   sing N N 277 
THR N   H    sing N N 278 
THR N   H2   sing N N 279 
THR CA  C    sing N N 280 
THR CA  CB   sing N N 281 
THR CA  HA   sing N N 282 
THR C   O    doub N N 283 
THR C   OXT  sing N N 284 
THR CB  OG1  sing N N 285 
THR CB  CG2  sing N N 286 
THR CB  HB   sing N N 287 
THR OG1 HG1  sing N N 288 
THR CG2 HG21 sing N N 289 
THR CG2 HG22 sing N N 290 
THR CG2 HG23 sing N N 291 
THR OXT HXT  sing N N 292 
TYR N   CA   sing N N 293 
TYR N   H    sing N N 294 
TYR N   H2   sing N N 295 
TYR CA  C    sing N N 296 
TYR CA  CB   sing N N 297 
TYR CA  HA   sing N N 298 
TYR C   O    doub N N 299 
TYR C   OXT  sing N N 300 
TYR CB  CG   sing N N 301 
TYR CB  HB2  sing N N 302 
TYR CB  HB3  sing N N 303 
TYR CG  CD1  doub Y N 304 
TYR CG  CD2  sing Y N 305 
TYR CD1 CE1  sing Y N 306 
TYR CD1 HD1  sing N N 307 
TYR CD2 CE2  doub Y N 308 
TYR CD2 HD2  sing N N 309 
TYR CE1 CZ   doub Y N 310 
TYR CE1 HE1  sing N N 311 
TYR CE2 CZ   sing Y N 312 
TYR CE2 HE2  sing N N 313 
TYR CZ  OH   sing N N 314 
TYR OH  HH   sing N N 315 
TYR OXT HXT  sing N N 316 
VAL N   CA   sing N N 317 
VAL N   H    sing N N 318 
VAL N   H2   sing N N 319 
VAL CA  C    sing N N 320 
VAL CA  CB   sing N N 321 
VAL CA  HA   sing N N 322 
VAL C   O    doub N N 323 
VAL C   OXT  sing N N 324 
VAL CB  CG1  sing N N 325 
VAL CB  CG2  sing N N 326 
VAL CB  HB   sing N N 327 
VAL CG1 HG11 sing N N 328 
VAL CG1 HG12 sing N N 329 
VAL CG1 HG13 sing N N 330 
VAL CG2 HG21 sing N N 331 
VAL CG2 HG22 sing N N 332 
VAL CG2 HG23 sing N N 333 
VAL OXT HXT  sing N N 334 
# 
_atom_sites.entry_id                    1JOS 
_atom_sites.fract_transf_matrix[1][1]   -0.01029595 
_atom_sites.fract_transf_matrix[1][2]   -0.01060832 
_atom_sites.fract_transf_matrix[1][3]   0.01579104 
_atom_sites.fract_transf_matrix[2][1]   0.00523133 
_atom_sites.fract_transf_matrix[2][2]   0.01496053 
_atom_sites.fract_transf_matrix[2][3]   0.01346128 
_atom_sites.fract_transf_matrix[3][1]   -0.01453917 
_atom_sites.fract_transf_matrix[3][2]   0.00848486 
_atom_sites.fract_transf_matrix[3][3]   -0.00377964 
_atom_sites.fract_transf_vector[1]      0.875441 
_atom_sites.fract_transf_vector[2]      0.463349 
_atom_sites.fract_transf_vector[3]      0.298392 
# 
loop_
_atom_type.symbol 
C 
N 
O 
S 
# 
loop_
_atom_site.group_PDB 
_atom_site.id 
_atom_site.type_symbol 
_atom_site.label_atom_id 
_atom_site.label_alt_id 
_atom_site.label_comp_id 
_atom_site.label_asym_id 
_atom_site.label_entity_id 
_atom_site.label_seq_id 
_atom_site.pdbx_PDB_ins_code 
_atom_site.Cartn_x 
_atom_site.Cartn_y 
_atom_site.Cartn_z 
_atom_site.occupancy 
_atom_site.B_iso_or_equiv 
_atom_site.pdbx_formal_charge 
_atom_site.auth_seq_id 
_atom_site.auth_comp_id 
_atom_site.auth_asym_id 
_atom_site.auth_atom_id 
_atom_site.pdbx_PDB_model_num 
ATOM   1   N N   . ARG A 1 7   ? -1.413  -9.874  17.960  1.00 35.81 ? 7   ARG A N   1 
ATOM   2   C CA  . ARG A 1 7   ? -0.799  -8.524  18.082  1.00 36.97 ? 7   ARG A CA  1 
ATOM   3   C C   . ARG A 1 7   ? -0.604  -7.942  16.686  1.00 35.44 ? 7   ARG A C   1 
ATOM   4   O O   . ARG A 1 7   ? -0.024  -6.852  16.517  1.00 35.58 ? 7   ARG A O   1 
ATOM   5   C CB  . ARG A 1 7   ? 0.569   -8.592  18.799  1.00 39.33 ? 7   ARG A CB  1 
ATOM   6   C CG  . ARG A 1 7   ? 0.554   -9.113  20.253  1.00 42.15 ? 7   ARG A CG  1 
ATOM   7   C CD  . ARG A 1 7   ? -0.679  -8.634  21.039  1.00 43.37 ? 7   ARG A CD  1 
ATOM   8   N NE  . ARG A 1 7   ? -0.712  -9.073  22.436  1.00 45.13 ? 7   ARG A NE  1 
ATOM   9   C CZ  . ARG A 1 7   ? -1.755  -8.869  23.246  1.00 46.45 ? 7   ARG A CZ  1 
ATOM   10  N NH1 . ARG A 1 7   ? -2.834  -8.248  22.796  1.00 47.83 ? 7   ARG A NH1 1 
ATOM   11  N NH2 . ARG A 1 7   ? -1.731  -9.266  24.509  1.00 46.05 ? 7   ARG A NH2 1 
ATOM   12  N N   . SER A 1 8   ? -1.081  -8.677  15.683  1.00 33.95 ? 8   SER A N   1 
ATOM   13  C CA  . SER A 1 8   ? -0.948  -8.230  14.305  1.00 31.73 ? 8   SER A CA  1 
ATOM   14  C C   . SER A 1 8   ? -1.821  -7.018  14.055  1.00 29.32 ? 8   SER A C   1 
ATOM   15  O O   . SER A 1 8   ? -1.599  -6.282  13.110  1.00 30.44 ? 8   SER A O   1 
ATOM   16  C CB  . SER A 1 8   ? -1.330  -9.346  13.335  1.00 32.35 ? 8   SER A CB  1 
ATOM   17  O OG  . SER A 1 8   ? -2.667  -9.787  13.548  1.00 35.37 ? 8   SER A OG  1 
ATOM   18  N N   . ASP A 1 9   ? -2.806  -6.795  14.911  1.00 27.98 ? 9   ASP A N   1 
ATOM   19  C CA  . ASP A 1 9   ? -3.700  -5.647  14.743  1.00 25.16 ? 9   ASP A CA  1 
ATOM   20  C C   . ASP A 1 9   ? -2.989  -4.324  14.925  1.00 22.08 ? 9   ASP A C   1 
ATOM   21  O O   . ASP A 1 9   ? -3.264  -3.374  14.205  1.00 21.78 ? 9   ASP A O   1 
ATOM   22  C CB  . ASP A 1 9   ? -4.833  -5.727  15.743  1.00 26.61 ? 9   ASP A CB  1 
ATOM   23  C CG  . ASP A 1 9   ? -5.768  -6.864  15.453  1.00 29.33 ? 9   ASP A CG  1 
ATOM   24  O OD1 . ASP A 1 9   ? -5.727  -7.407  14.321  1.00 30.33 ? 9   ASP A OD1 1 
ATOM   25  O OD2 . ASP A 1 9   ? -6.552  -7.206  16.351  1.00 28.62 ? 9   ASP A OD2 1 
ATOM   26  N N   . ARG A 1 10  ? -2.087  -4.268  15.901  1.00 19.49 ? 10  ARG A N   1 
ATOM   27  C CA  . ARG A 1 10  ? -1.358  -3.048  16.181  1.00 17.22 ? 10  ARG A CA  1 
ATOM   28  C C   . ARG A 1 10  ? -0.421  -2.769  15.043  1.00 17.27 ? 10  ARG A C   1 
ATOM   29  O O   . ARG A 1 10  ? -0.295  -1.621  14.634  1.00 17.59 ? 10  ARG A O   1 
ATOM   30  C CB  . ARG A 1 10  ? -0.538  -3.143  17.458  1.00 17.52 ? 10  ARG A CB  1 
ATOM   31  C CG  . ARG A 1 10  ? 0.316   -1.902  17.695  1.00 16.64 ? 10  ARG A CG  1 
ATOM   32  C CD  . ARG A 1 10  ? 0.951   -1.927  19.084  1.00 18.49 ? 10  ARG A CD  1 
ATOM   33  N NE  . ARG A 1 10  ? -0.054  -1.822  20.142  1.00 16.99 ? 10  ARG A NE  1 
ATOM   34  C CZ  . ARG A 1 10  ? -0.682  -0.705  20.484  1.00 19.09 ? 10  ARG A CZ  1 
ATOM   35  N NH1 . ARG A 1 10  ? -0.411  0.430   19.858  1.00 21.06 ? 10  ARG A NH1 1 
ATOM   36  N NH2 . ARG A 1 10  ? -1.609  -0.728  21.453  1.00 22.02 ? 10  ARG A NH2 1 
ATOM   37  N N   . VAL A 1 11  ? 0.248   -3.803  14.542  1.00 13.63 ? 11  VAL A N   1 
ATOM   38  C CA  . VAL A 1 11  ? 1.178   -3.587  13.427  1.00 15.48 ? 11  VAL A CA  1 
ATOM   39  C C   . VAL A 1 11  ? 0.423   -3.207  12.162  1.00 15.87 ? 11  VAL A C   1 
ATOM   40  O O   . VAL A 1 11  ? 0.786   -2.250  11.479  1.00 17.87 ? 11  VAL A O   1 
ATOM   41  C CB  . VAL A 1 11  ? 2.038   -4.804  13.196  1.00 13.51 ? 11  VAL A CB  1 
ATOM   42  C CG1 . VAL A 1 11  ? 2.746   -4.716  11.810  1.00 15.64 ? 11  VAL A CG1 1 
ATOM   43  C CG2 . VAL A 1 11  ? 3.072   -4.857  14.302  1.00 15.82 ? 11  VAL A CG2 1 
ATOM   44  N N   . ALA A 1 12  ? -0.656  -3.925  11.882  1.00 16.91 ? 12  ALA A N   1 
ATOM   45  C CA  . ALA A 1 12  ? -1.471  -3.617  10.710  1.00 15.26 ? 12  ALA A CA  1 
ATOM   46  C C   . ALA A 1 12  ? -2.002  -2.173  10.820  1.00 15.13 ? 12  ALA A C   1 
ATOM   47  O O   . ALA A 1 12  ? -1.926  -1.404  9.889   1.00 14.35 ? 12  ALA A O   1 
ATOM   48  C CB  . ALA A 1 12  ? -2.621  -4.609  10.617  1.00 16.76 ? 12  ALA A CB  1 
ATOM   49  N N   . GLN A 1 13  ? -2.533  -1.790  11.966  1.00 13.67 ? 13  GLN A N   1 
ATOM   50  C CA  . GLN A 1 13  ? -3.033  -0.424  12.140  1.00 15.50 ? 13  GLN A CA  1 
ATOM   51  C C   . GLN A 1 13  ? -1.909  0.606   11.954  1.00 14.82 ? 13  GLN A C   1 
ATOM   52  O O   . GLN A 1 13  ? -2.105  1.642   11.336  1.00 16.59 ? 13  GLN A O   1 
ATOM   53  C CB  . GLN A 1 13  ? -3.626  -0.298  13.547  1.00 19.37 ? 13  GLN A CB  1 
ATOM   54  C CG  . GLN A 1 13  ? -4.124  1.068   13.996  1.00 24.87 ? 13  GLN A CG  1 
ATOM   55  C CD  . GLN A 1 13  ? -4.787  0.968   15.383  1.00 27.06 ? 13  GLN A CD  1 
ATOM   56  O OE1 . GLN A 1 13  ? -4.169  0.502   16.345  1.00 29.17 ? 13  GLN A OE1 1 
ATOM   57  N NE2 . GLN A 1 13  ? -6.045  1.384   15.474  1.00 30.06 ? 13  GLN A NE2 1 
ATOM   58  N N   . GLU A 1 14  ? -0.739  0.334   12.509  1.00 15.29 ? 14  GLU A N   1 
ATOM   59  C CA  . GLU A 1 14  ? 0.390   1.263   12.368  1.00 13.93 ? 14  GLU A CA  1 
ATOM   60  C C   . GLU A 1 14  ? 0.873   1.353   10.917  1.00 14.11 ? 14  GLU A C   1 
ATOM   61  O O   . GLU A 1 14  ? 1.198   2.437   10.409  1.00 12.38 ? 14  GLU A O   1 
ATOM   62  C CB  . GLU A 1 14  ? 1.536   0.839   13.285  1.00 17.34 ? 14  GLU A CB  1 
ATOM   63  C CG  . GLU A 1 14  ? 1.284   0.995   14.795  1.00 19.34 ? 14  GLU A CG  1 
ATOM   64  C CD  . GLU A 1 14  ? 1.055   2.443   15.273  1.00 23.90 ? 14  GLU A CD  1 
ATOM   65  O OE1 . GLU A 1 14  ? 1.669   3.384   14.720  1.00 20.86 ? 14  GLU A OE1 1 
ATOM   66  O OE2 . GLU A 1 14  ? 0.255   2.638   16.222  1.00 23.20 ? 14  GLU A OE2 1 
ATOM   67  N N   . ILE A 1 15  ? 0.898   0.222   10.228  1.00 13.54 ? 15  ILE A N   1 
ATOM   68  C CA  . ILE A 1 15  ? 1.359   0.223   8.856   1.00 10.86 ? 15  ILE A CA  1 
ATOM   69  C C   . ILE A 1 15  ? 0.361   0.946   7.962   1.00 11.46 ? 15  ILE A C   1 
ATOM   70  O O   . ILE A 1 15  ? 0.733   1.582   6.977   1.00 13.01 ? 15  ILE A O   1 
ATOM   71  C CB  . ILE A 1 15  ? 1.546   -1.229  8.330   1.00 11.90 ? 15  ILE A CB  1 
ATOM   72  C CG1 . ILE A 1 15  ? 2.837   -1.828  8.904   1.00 10.55 ? 15  ILE A CG1 1 
ATOM   73  C CG2 . ILE A 1 15  ? 1.504   -1.230  6.796   1.00 15.78 ? 15  ILE A CG2 1 
ATOM   74  C CD1 . ILE A 1 15  ? 3.164   -3.255  8.428   1.00 14.91 ? 15  ILE A CD1 1 
ATOM   75  N N   . GLN A 1 16  ? -0.912  0.855   8.293   1.00 11.50 ? 16  GLN A N   1 
ATOM   76  C CA  . GLN A 1 16  ? -1.906  1.491   7.459   1.00 12.29 ? 16  GLN A CA  1 
ATOM   77  C C   . GLN A 1 16  ? -1.702  2.983   7.579   1.00 14.11 ? 16  GLN A C   1 
ATOM   78  O O   . GLN A 1 16  ? -1.686  3.695   6.571   1.00 14.74 ? 16  GLN A O   1 
ATOM   79  C CB  . GLN A 1 16  ? -3.339  1.111   7.856   1.00 14.15 ? 16  GLN A CB  1 
ATOM   80  C CG  . GLN A 1 16  ? -4.363  1.715   6.848   1.00 13.89 ? 16  GLN A CG  1 
ATOM   81  C CD  . GLN A 1 16  ? -5.842  1.291   7.058   1.00 16.27 ? 16  GLN A CD  1 
ATOM   82  O OE1 . GLN A 1 16  ? -6.731  1.818   6.405   1.00 19.12 ? 16  GLN A OE1 1 
ATOM   83  N NE2 . GLN A 1 16  ? -6.082  0.353   7.948   1.00 15.42 ? 16  GLN A NE2 1 
ATOM   84  N N   . LYS A 1 17  ? -1.472  3.433   8.809   1.00 13.31 ? 17  LYS A N   1 
ATOM   85  C CA  . LYS A 1 17  ? -1.256  4.848   9.062   1.00 15.23 ? 17  LYS A CA  1 
ATOM   86  C C   . LYS A 1 17  ? -0.044  5.364   8.307   1.00 12.99 ? 17  LYS A C   1 
ATOM   87  O O   . LYS A 1 17  ? -0.119  6.337   7.557   1.00 14.95 ? 17  LYS A O   1 
ATOM   88  C CB  . LYS A 1 17  ? -1.039  5.101   10.558  1.00 16.49 ? 17  LYS A CB  1 
ATOM   89  C CG  . LYS A 1 17  ? -2.188  4.629   11.436  1.00 20.07 ? 17  LYS A CG  1 
ATOM   90  C CD  . LYS A 1 17  ? -2.128  5.307   12.848  1.00 19.00 ? 17  LYS A CD  1 
ATOM   91  C CE  . LYS A 1 17  ? -2.945  4.514   13.878  1.00 21.33 ? 17  LYS A CE  1 
ATOM   92  N NZ  . LYS A 1 17  ? -3.052  5.107   15.274  1.00 21.43 ? 17  LYS A NZ  1 
ATOM   93  N N   . GLU A 1 18  ? 1.070   4.676   8.493   1.00 13.81 ? 18  GLU A N   1 
ATOM   94  C CA  . GLU A 1 18  ? 2.340   5.090   7.911   1.00 13.57 ? 18  GLU A CA  1 
ATOM   95  C C   . GLU A 1 18  ? 2.515   4.851   6.446   1.00 13.89 ? 18  GLU A C   1 
ATOM   96  O O   . GLU A 1 18  ? 3.126   5.683   5.766   1.00 11.72 ? 18  GLU A O   1 
ATOM   97  C CB  . GLU A 1 18  ? 3.468   4.425   8.677   1.00 13.95 ? 18  GLU A CB  1 
ATOM   98  C CG  . GLU A 1 18  ? 3.387   4.692   10.179  1.00 13.18 ? 18  GLU A CG  1 
ATOM   99  C CD  . GLU A 1 18  ? 3.815   6.086   10.552  1.00 13.45 ? 18  GLU A CD  1 
ATOM   100 O OE1 . GLU A 1 18  ? 4.156   6.903   9.666   1.00 15.22 ? 18  GLU A OE1 1 
ATOM   101 O OE2 . GLU A 1 18  ? 3.802   6.375   11.768  1.00 18.18 ? 18  GLU A OE2 1 
ATOM   102 N N   . ILE A 1 19  ? 1.999   3.733   5.934   1.00 12.81 ? 19  ILE A N   1 
ATOM   103 C CA  . ILE A 1 19  ? 2.158   3.500   4.504   1.00 12.00 ? 19  ILE A CA  1 
ATOM   104 C C   . ILE A 1 19  ? 1.272   4.454   3.677   1.00 11.98 ? 19  ILE A C   1 
ATOM   105 O O   . ILE A 1 19  ? 1.590   4.791   2.543   1.00 13.65 ? 19  ILE A O   1 
ATOM   106 C CB  . ILE A 1 19  ? 1.934   2.027   4.165   1.00 12.74 ? 19  ILE A CB  1 
ATOM   107 C CG1 . ILE A 1 19  ? 2.656   1.691   2.855   1.00 12.60 ? 19  ILE A CG1 1 
ATOM   108 C CG2 . ILE A 1 19  ? 0.469   1.721   4.065   1.00 11.02 ? 19  ILE A CG2 1 
ATOM   109 C CD1 . ILE A 1 19  ? 2.909   0.180   2.666   1.00 9.61  ? 19  ILE A CD1 1 
ATOM   110 N N   . ALA A 1 20  ? 0.197   4.946   4.273   1.00 13.65 ? 20  ALA A N   1 
ATOM   111 C CA  . ALA A 1 20  ? -0.702  5.911   3.630   1.00 12.91 ? 20  ALA A CA  1 
ATOM   112 C C   . ALA A 1 20  ? 0.096   7.170   3.299   1.00 12.29 ? 20  ALA A C   1 
ATOM   113 O O   . ALA A 1 20  ? 0.060   7.680   2.173   1.00 11.95 ? 20  ALA A O   1 
ATOM   114 C CB  . ALA A 1 20  ? -1.861  6.256   4.602   1.00 15.22 ? 20  ALA A CB  1 
ATOM   115 N N   . VAL A 1 21  ? 0.802   7.673   4.302   1.00 12.58 ? 21  VAL A N   1 
ATOM   116 C CA  . VAL A 1 21  ? 1.635   8.866   4.164   1.00 12.33 ? 21  VAL A CA  1 
ATOM   117 C C   . VAL A 1 21  ? 2.726   8.729   3.099   1.00 11.61 ? 21  VAL A C   1 
ATOM   118 O O   . VAL A 1 21  ? 2.930   9.637   2.312   1.00 10.55 ? 21  VAL A O   1 
ATOM   119 C CB  . VAL A 1 21  ? 2.298   9.245   5.525   1.00 14.71 ? 21  VAL A CB  1 
ATOM   120 C CG1 . VAL A 1 21  ? 3.226   10.439  5.331   1.00 17.54 ? 21  VAL A CG1 1 
ATOM   121 C CG2 . VAL A 1 21  ? 1.194   9.656   6.571   1.00 14.30 ? 21  VAL A CG2 1 
ATOM   122 N N   . ILE A 1 22  ? 3.408   7.592   3.104   1.00 11.07 ? 22  ILE A N   1 
ATOM   123 C CA  . ILE A 1 22  ? 4.495   7.276   2.179   1.00 10.21 ? 22  ILE A CA  1 
ATOM   124 C C   . ILE A 1 22  ? 3.956   7.191   0.770   1.00 10.83 ? 22  ILE A C   1 
ATOM   125 O O   . ILE A 1 22  ? 4.541   7.725   -0.164  1.00 12.63 ? 22  ILE A O   1 
ATOM   126 C CB  . ILE A 1 22  ? 5.158   5.895   2.550   1.00 9.73  ? 22  ILE A CB  1 
ATOM   127 C CG1 . ILE A 1 22  ? 5.869   6.032   3.916   1.00 8.18  ? 22  ILE A CG1 1 
ATOM   128 C CG2 . ILE A 1 22  ? 6.077   5.441   1.407   1.00 8.57  ? 22  ILE A CG2 1 
ATOM   129 C CD1 . ILE A 1 22  ? 6.342   4.761   4.626   1.00 11.94 ? 22  ILE A CD1 1 
ATOM   130 N N   . LEU A 1 23  ? 2.826   6.523   0.619   1.00 11.52 ? 23  LEU A N   1 
ATOM   131 C CA  . LEU A 1 23  ? 2.259   6.359   -0.719  1.00 12.57 ? 23  LEU A CA  1 
ATOM   132 C C   . LEU A 1 23  ? 1.773   7.651   -1.316  1.00 13.02 ? 23  LEU A C   1 
ATOM   133 O O   . LEU A 1 23  ? 1.846   7.835   -2.528  1.00 15.70 ? 23  LEU A O   1 
ATOM   134 C CB  . LEU A 1 23  ? 1.133   5.331   -0.700  1.00 11.42 ? 23  LEU A CB  1 
ATOM   135 C CG  . LEU A 1 23  ? 1.576   3.873   -0.489  1.00 11.45 ? 23  LEU A CG  1 
ATOM   136 C CD1 . LEU A 1 23  ? 0.327   2.999   -0.505  1.00 15.04 ? 23  LEU A CD1 1 
ATOM   137 C CD2 . LEU A 1 23  ? 2.582   3.389   -1.565  1.00 13.91 ? 23  LEU A CD2 1 
ATOM   138 N N   . GLN A 1 24  ? 1.267   8.551   -0.480  1.00 15.76 ? 24  GLN A N   1 
ATOM   139 C CA  . GLN A 1 24  ? 0.770   9.832   -0.967  1.00 16.74 ? 24  GLN A CA  1 
ATOM   140 C C   . GLN A 1 24  ? 1.901   10.748  -1.389  1.00 17.44 ? 24  GLN A C   1 
ATOM   141 O O   . GLN A 1 24  ? 1.774   11.567  -2.299  1.00 17.36 ? 24  GLN A O   1 
ATOM   142 C CB  . GLN A 1 24  ? -0.016  10.505  0.132   1.00 17.42 ? 24  GLN A CB  1 
ATOM   143 C CG  . GLN A 1 24  ? -0.860  11.621  -0.365  1.00 25.10 ? 24  GLN A CG  1 
ATOM   144 C CD  . GLN A 1 24  ? -1.979  11.877  0.581   1.00 27.90 ? 24  GLN A CD  1 
ATOM   145 O OE1 . GLN A 1 24  ? -1.765  12.410  1.668   1.00 31.80 ? 24  GLN A OE1 1 
ATOM   146 N NE2 . GLN A 1 24  ? -3.192  11.471  0.197   1.00 32.62 ? 24  GLN A NE2 1 
ATOM   147 N N   . ARG A 1 25  ? 3.018   10.606  -0.702  1.00 17.59 ? 25  ARG A N   1 
ATOM   148 C CA  . ARG A 1 25  ? 4.172   11.437  -0.987  1.00 18.82 ? 25  ARG A CA  1 
ATOM   149 C C   . ARG A 1 25  ? 5.092   10.863  -2.049  1.00 18.66 ? 25  ARG A C   1 
ATOM   150 O O   . ARG A 1 25  ? 5.572   11.593  -2.926  1.00 18.50 ? 25  ARG A O   1 
ATOM   151 C CB  . ARG A 1 25  ? 4.976   11.630  0.287   1.00 21.20 ? 25  ARG A CB  1 
ATOM   152 C CG  . ARG A 1 25  ? 6.204   12.495  0.123   1.00 24.36 ? 25  ARG A CG  1 
ATOM   153 C CD  . ARG A 1 25  ? 6.951   12.589  1.445   1.00 25.47 ? 25  ARG A CD  1 
ATOM   154 N NE  . ARG A 1 25  ? 7.663   11.360  1.807   1.00 27.01 ? 25  ARG A NE  1 
ATOM   155 C CZ  . ARG A 1 25  ? 7.469   10.680  2.929   1.00 25.36 ? 25  ARG A CZ  1 
ATOM   156 N NH1 . ARG A 1 25  ? 6.561   11.090  3.817   1.00 26.44 ? 25  ARG A NH1 1 
ATOM   157 N NH2 . ARG A 1 25  ? 8.200   9.600   3.178   1.00 24.37 ? 25  ARG A NH2 1 
ATOM   158 N N   . GLU A 1 26  ? 5.327   9.559   -1.999  1.00 15.53 ? 26  GLU A N   1 
ATOM   159 C CA  . GLU A 1 26  ? 6.298   8.987   -2.924  1.00 15.48 ? 26  GLU A CA  1 
ATOM   160 C C   . GLU A 1 26  ? 5.830   8.564   -4.294  1.00 15.45 ? 26  GLU A C   1 
ATOM   161 O O   . GLU A 1 26  ? 6.617   8.594   -5.244  1.00 15.37 ? 26  GLU A O   1 
ATOM   162 C CB  . GLU A 1 26  ? 7.021   7.789   -2.288  1.00 15.88 ? 26  GLU A CB  1 
ATOM   163 C CG  . GLU A 1 26  ? 7.700   8.049   -0.952  1.00 16.22 ? 26  GLU A CG  1 
ATOM   164 C CD  . GLU A 1 26  ? 8.780   9.131   -1.025  1.00 15.04 ? 26  GLU A CD  1 
ATOM   165 O OE1 . GLU A 1 26  ? 9.506   9.213   -2.045  1.00 15.82 ? 26  GLU A OE1 1 
ATOM   166 O OE2 . GLU A 1 26  ? 8.904   9.907   -0.038  1.00 21.97 ? 26  GLU A OE2 1 
ATOM   167 N N   . VAL A 1 27  ? 4.575   8.155   -4.404  1.00 14.19 ? 27  VAL A N   1 
ATOM   168 C CA  . VAL A 1 27  ? 4.095   7.676   -5.681  1.00 15.93 ? 27  VAL A CA  1 
ATOM   169 C C   . VAL A 1 27  ? 3.532   8.813   -6.479  1.00 17.01 ? 27  VAL A C   1 
ATOM   170 O O   . VAL A 1 27  ? 2.517   9.374   -6.124  1.00 17.55 ? 27  VAL A O   1 
ATOM   171 C CB  . VAL A 1 27  ? 2.990   6.596   -5.519  1.00 13.49 ? 27  VAL A CB  1 
ATOM   172 C CG1 . VAL A 1 27  ? 2.686   5.985   -6.851  1.00 14.08 ? 27  VAL A CG1 1 
ATOM   173 C CG2 . VAL A 1 27  ? 3.456   5.496   -4.543  1.00 14.96 ? 27  VAL A CG2 1 
ATOM   174 N N   . LYS A 1 28  ? 4.210   9.150   -7.568  1.00 19.19 ? 28  LYS A N   1 
ATOM   175 C CA  . LYS A 1 28  ? 3.755   10.206  -8.436  1.00 20.20 ? 28  LYS A CA  1 
ATOM   176 C C   . LYS A 1 28  ? 3.629   9.645   -9.855  1.00 20.78 ? 28  LYS A C   1 
ATOM   177 O O   . LYS A 1 28  ? 4.613   9.546   -10.590 1.00 19.27 ? 28  LYS A O   1 
ATOM   178 C CB  . LYS A 1 28  ? 4.744   11.365  -8.437  1.00 23.02 ? 28  LYS A CB  1 
ATOM   179 C CG  . LYS A 1 28  ? 5.102   11.894  -7.074  1.00 23.29 ? 28  LYS A CG  1 
ATOM   180 C CD  . LYS A 1 28  ? 3.884   12.470  -6.403  1.00 24.92 ? 28  LYS A CD  1 
ATOM   181 C CE  . LYS A 1 28  ? 4.275   13.248  -5.149  1.00 26.94 ? 28  LYS A CE  1 
ATOM   182 N NZ  . LYS A 1 28  ? 3.045   13.797  -4.502  1.00 28.08 ? 28  LYS A NZ  1 
ATOM   183 N N   . ASP A 1 29  ? 2.411   9.276   -10.228 1.00 19.35 ? 29  ASP A N   1 
ATOM   184 C CA  . ASP A 1 29  ? 2.124   8.771   -11.567 1.00 18.16 ? 29  ASP A CA  1 
ATOM   185 C C   . ASP A 1 29  ? 0.774   9.402   -11.939 1.00 18.81 ? 29  ASP A C   1 
ATOM   186 O O   . ASP A 1 29  ? -0.247  9.104   -11.319 1.00 18.31 ? 29  ASP A O   1 
ATOM   187 C CB  . ASP A 1 29  ? 2.054   7.239   -11.544 1.00 18.75 ? 29  ASP A CB  1 
ATOM   188 C CG  . ASP A 1 29  ? 1.630   6.644   -12.867 1.00 18.23 ? 29  ASP A CG  1 
ATOM   189 O OD1 . ASP A 1 29  ? 1.219   7.410   -13.766 1.00 19.38 ? 29  ASP A OD1 1 
ATOM   190 O OD2 . ASP A 1 29  ? 1.689   5.393   -13.020 1.00 18.25 ? 29  ASP A OD2 1 
ATOM   191 N N   . PRO A 1 30  ? 0.762   10.319  -12.923 1.00 16.88 ? 30  PRO A N   1 
ATOM   192 C CA  . PRO A 1 30  ? -0.470  10.981  -13.354 1.00 15.38 ? 30  PRO A CA  1 
ATOM   193 C C   . PRO A 1 30  ? -1.530  10.070  -13.911 1.00 13.56 ? 30  PRO A C   1 
ATOM   194 O O   . PRO A 1 30  ? -2.729  10.451  -13.931 1.00 11.96 ? 30  PRO A O   1 
ATOM   195 C CB  . PRO A 1 30  ? 0.015   11.995  -14.394 1.00 16.63 ? 30  PRO A CB  1 
ATOM   196 C CG  . PRO A 1 30  ? 1.276   11.426  -14.894 1.00 17.66 ? 30  PRO A CG  1 
ATOM   197 C CD  . PRO A 1 30  ? 1.917   10.900  -13.626 1.00 18.93 ? 30  PRO A CD  1 
ATOM   198 N N   . ARG A 1 31  ? -1.128  8.892   -14.409 1.00 10.42 ? 31  ARG A N   1 
ATOM   199 C CA  . ARG A 1 31  ? -2.168  8.009   -14.915 1.00 10.56 ? 31  ARG A CA  1 
ATOM   200 C C   . ARG A 1 31  ? -2.929  7.299   -13.821 1.00 10.51 ? 31  ARG A C   1 
ATOM   201 O O   . ARG A 1 31  ? -3.960  6.693   -14.088 1.00 12.15 ? 31  ARG A O   1 
ATOM   202 C CB  . ARG A 1 31  ? -1.628  6.931   -15.811 1.00 8.91  ? 31  ARG A CB  1 
ATOM   203 C CG  . ARG A 1 31  ? -0.944  7.440   -17.037 1.00 12.39 ? 31  ARG A CG  1 
ATOM   204 C CD  . ARG A 1 31  ? -1.010  6.292   -18.057 1.00 10.26 ? 31  ARG A CD  1 
ATOM   205 N NE  . ARG A 1 31  ? -0.313  6.585   -19.311 1.00 14.07 ? 31  ARG A NE  1 
ATOM   206 C CZ  . ARG A 1 31  ? -0.922  6.940   -20.431 1.00 12.05 ? 31  ARG A CZ  1 
ATOM   207 N NH1 . ARG A 1 31  ? -2.234  7.067   -20.460 1.00 10.63 ? 31  ARG A NH1 1 
ATOM   208 N NH2 . ARG A 1 31  ? -0.209  7.112   -21.531 1.00 12.67 ? 31  ARG A NH2 1 
ATOM   209 N N   . ILE A 1 32  ? -2.417  7.302   -12.615 1.00 9.70  ? 32  ILE A N   1 
ATOM   210 C CA  . ILE A 1 32  ? -3.191  6.633   -11.561 1.00 8.51  ? 32  ILE A CA  1 
ATOM   211 C C   . ILE A 1 32  ? -3.592  7.610   -10.461 1.00 8.99  ? 32  ILE A C   1 
ATOM   212 O O   . ILE A 1 32  ? -4.547  7.403   -9.733  1.00 8.89  ? 32  ILE A O   1 
ATOM   213 C CB  . ILE A 1 32  ? -2.445  5.438   -10.907 1.00 10.20 ? 32  ILE A CB  1 
ATOM   214 C CG1 . ILE A 1 32  ? -1.163  5.903   -10.183 1.00 7.67  ? 32  ILE A CG1 1 
ATOM   215 C CG2 . ILE A 1 32  ? -2.098  4.394   -11.924 1.00 8.23  ? 32  ILE A CG2 1 
ATOM   216 C CD1 . ILE A 1 32  ? -0.331  4.767   -9.575  1.00 10.46 ? 32  ILE A CD1 1 
ATOM   217 N N   . GLY A 1 33  ? -2.870  8.710   -10.363 1.00 9.32  ? 33  GLY A N   1 
ATOM   218 C CA  . GLY A 1 33  ? -3.199  9.665   -9.342  1.00 9.44  ? 33  GLY A CA  1 
ATOM   219 C C   . GLY A 1 33  ? -2.907  9.175   -7.940  1.00 10.71 ? 33  GLY A C   1 
ATOM   220 O O   . GLY A 1 33  ? -2.090  8.263   -7.750  1.00 12.41 ? 33  GLY A O   1 
ATOM   221 N N   . MET A 1 34  ? -3.575  9.763   -6.958  1.00 11.40 ? 34  MET A N   1 
ATOM   222 C CA  . MET A 1 34  ? -3.328  9.395   -5.586  1.00 11.45 ? 34  MET A CA  1 
ATOM   223 C C   . MET A 1 34  ? -3.565  7.945   -5.325  1.00 9.94  ? 34  MET A C   1 
ATOM   224 O O   . MET A 1 34  ? -4.575  7.390   -5.760  1.00 8.88  ? 34  MET A O   1 
ATOM   225 C CB  . MET A 1 34  ? -4.181  10.197  -4.616  1.00 14.90 ? 34  MET A CB  1 
ATOM   226 C CG  . MET A 1 34  ? -3.564  10.195  -3.208  1.00 18.40 ? 34  MET A CG  1 
ATOM   227 S SD  . MET A 1 34  ? -4.656  10.952  -2.101  1.00 26.39 ? 34  MET A SD  1 
ATOM   228 C CE  . MET A 1 34  ? -5.988  9.803   -2.265  1.00 24.37 ? 34  MET A CE  1 
ATOM   229 N N   . VAL A 1 35  ? -2.627  7.343   -4.609  1.00 8.55  ? 35  VAL A N   1 
ATOM   230 C CA  . VAL A 1 35  ? -2.769  5.943   -4.231  1.00 8.91  ? 35  VAL A CA  1 
ATOM   231 C C   . VAL A 1 35  ? -3.298  5.975   -2.796  1.00 11.10 ? 35  VAL A C   1 
ATOM   232 O O   . VAL A 1 35  ? -2.693  6.550   -1.901  1.00 10.52 ? 35  VAL A O   1 
ATOM   233 C CB  . VAL A 1 35  ? -1.445  5.127   -4.279  1.00 12.42 ? 35  VAL A CB  1 
ATOM   234 C CG1 . VAL A 1 35  ? -1.686  3.734   -3.732  1.00 12.16 ? 35  VAL A CG1 1 
ATOM   235 C CG2 . VAL A 1 35  ? -0.976  4.975   -5.674  1.00 13.35 ? 35  VAL A CG2 1 
ATOM   236 N N   . THR A 1 36  ? -4.473  5.395   -2.612  1.00 10.24 ? 36  THR A N   1 
ATOM   237 C CA  . THR A 1 36  ? -5.130  5.346   -1.324  1.00 10.90 ? 36  THR A CA  1 
ATOM   238 C C   . THR A 1 36  ? -5.023  3.965   -0.712  1.00 10.26 ? 36  THR A C   1 
ATOM   239 O O   . THR A 1 36  ? -5.062  2.968   -1.422  1.00 9.86  ? 36  THR A O   1 
ATOM   240 C CB  . THR A 1 36  ? -6.624  5.759   -1.499  1.00 11.70 ? 36  THR A CB  1 
ATOM   241 O OG1 . THR A 1 36  ? -6.693  7.178   -1.718  1.00 12.27 ? 36  THR A OG1 1 
ATOM   242 C CG2 . THR A 1 36  ? -7.461  5.418   -0.268  1.00 11.66 ? 36  THR A CG2 1 
ATOM   243 N N   A VAL A 1 37  ? -4.880  3.897   0.611   0.50 9.95  ? 37  VAL A N   1 
ATOM   244 N N   B VAL A 1 37  ? -4.891  3.900   0.612   0.50 9.41  ? 37  VAL A N   1 
ATOM   245 C CA  A VAL A 1 37  ? -4.763  2.597   1.263   0.50 10.04 ? 37  VAL A CA  1 
ATOM   246 C CA  B VAL A 1 37  ? -4.767  2.608   1.276   0.50 9.03  ? 37  VAL A CA  1 
ATOM   247 C C   A VAL A 1 37  ? -6.087  2.282   1.901   0.50 10.59 ? 37  VAL A C   1 
ATOM   248 C C   B VAL A 1 37  ? -6.097  2.290   1.893   0.50 10.05 ? 37  VAL A C   1 
ATOM   249 O O   A VAL A 1 37  ? -6.540  3.015   2.766   0.50 11.08 ? 37  VAL A O   1 
ATOM   250 O O   B VAL A 1 37  ? -6.560  3.027   2.747   0.50 10.60 ? 37  VAL A O   1 
ATOM   251 C CB  A VAL A 1 37  ? -3.616  2.583   2.329   0.50 9.33  ? 37  VAL A CB  1 
ATOM   252 C CB  B VAL A 1 37  ? -3.696  2.637   2.392   0.50 7.53  ? 37  VAL A CB  1 
ATOM   253 C CG1 A VAL A 1 37  ? -2.286  2.764   1.621   0.50 11.87 ? 37  VAL A CG1 1 
ATOM   254 C CG1 B VAL A 1 37  ? -3.615  1.276   3.067   0.50 7.03  ? 37  VAL A CG1 1 
ATOM   255 C CG2 A VAL A 1 37  ? -3.810  3.693   3.353   0.50 11.06 ? 37  VAL A CG2 1 
ATOM   256 C CG2 B VAL A 1 37  ? -2.363  3.070   1.804   0.50 10.16 ? 37  VAL A CG2 1 
ATOM   257 N N   . SER A 1 38  ? -6.727  1.199   1.467   1.00 10.12 ? 38  SER A N   1 
ATOM   258 C CA  . SER A 1 38  ? -8.028  0.865   2.018   1.00 11.78 ? 38  SER A CA  1 
ATOM   259 C C   . SER A 1 38  ? -8.026  -0.001  3.230   1.00 13.50 ? 38  SER A C   1 
ATOM   260 O O   . SER A 1 38  ? -8.970  0.040   4.022   1.00 14.35 ? 38  SER A O   1 
ATOM   261 C CB  . SER A 1 38  ? -8.923  0.223   0.973   1.00 14.00 ? 38  SER A CB  1 
ATOM   262 O OG  . SER A 1 38  ? -8.297  -0.912  0.409   1.00 15.13 ? 38  SER A OG  1 
ATOM   263 N N   . ASP A 1 39  ? -6.974  -0.792  3.368   1.00 13.13 ? 39  ASP A N   1 
ATOM   264 C CA  . ASP A 1 39  ? -6.828  -1.678  4.508   1.00 11.51 ? 39  ASP A CA  1 
ATOM   265 C C   . ASP A 1 39  ? -5.467  -2.339  4.468   1.00 10.04 ? 39  ASP A C   1 
ATOM   266 O O   . ASP A 1 39  ? -4.759  -2.280  3.466   1.00 8.93  ? 39  ASP A O   1 
ATOM   267 C CB  . ASP A 1 39  ? -7.916  -2.745  4.495   1.00 11.73 ? 39  ASP A CB  1 
ATOM   268 C CG  . ASP A 1 39  ? -8.236  -3.260  5.900   1.00 20.58 ? 39  ASP A CG  1 
ATOM   269 O OD1 . ASP A 1 39  ? -7.751  -2.661  6.911   1.00 20.58 ? 39  ASP A OD1 1 
ATOM   270 O OD2 . ASP A 1 39  ? -8.967  -4.261  5.984   1.00 19.86 ? 39  ASP A OD2 1 
ATOM   271 N N   . VAL A 1 40  ? -5.098  -2.935  5.605   1.00 10.15 ? 40  VAL A N   1 
ATOM   272 C CA  . VAL A 1 40  ? -3.853  -3.639  5.760   1.00 9.44  ? 40  VAL A CA  1 
ATOM   273 C C   . VAL A 1 40  ? -4.131  -4.845  6.635   1.00 10.56 ? 40  VAL A C   1 
ATOM   274 O O   . VAL A 1 40  ? -4.840  -4.727  7.646   1.00 11.89 ? 40  VAL A O   1 
ATOM   275 C CB  . VAL A 1 40  ? -2.807  -2.782  6.468   1.00 8.26  ? 40  VAL A CB  1 
ATOM   276 C CG1 . VAL A 1 40  ? -1.585  -3.640  6.819   1.00 10.92 ? 40  VAL A CG1 1 
ATOM   277 C CG2 . VAL A 1 40  ? -2.395  -1.630  5.505   1.00 9.69  ? 40  VAL A CG2 1 
ATOM   278 N N   . GLU A 1 41  ? -3.633  -5.992  6.197   1.00 10.26 ? 41  GLU A N   1 
ATOM   279 C CA  . GLU A 1 41  ? -3.754  -7.222  6.958   1.00 12.41 ? 41  GLU A CA  1 
ATOM   280 C C   . GLU A 1 41  ? -2.340  -7.675  7.240   1.00 12.03 ? 41  GLU A C   1 
ATOM   281 O O   . GLU A 1 41  ? -1.453  -7.531  6.406   1.00 11.95 ? 41  GLU A O   1 
ATOM   282 C CB  . GLU A 1 41  ? -4.506  -8.283  6.166   1.00 13.24 ? 41  GLU A CB  1 
ATOM   283 C CG  . GLU A 1 41  ? -5.937  -7.900  5.894   1.00 17.51 ? 41  GLU A CG  1 
ATOM   284 C CD  . GLU A 1 41  ? -6.710  -8.943  5.091   1.00 17.79 ? 41  GLU A CD  1 
ATOM   285 O OE1 . GLU A 1 41  ? -6.095  -9.919  4.635   1.00 21.39 ? 41  GLU A OE1 1 
ATOM   286 O OE2 . GLU A 1 41  ? -7.941  -8.778  4.911   1.00 20.25 ? 41  GLU A OE2 1 
ATOM   287 N N   . VAL A 1 42  ? -2.101  -8.200  8.432   1.00 12.06 ? 42  VAL A N   1 
ATOM   288 C CA  . VAL A 1 42  ? -0.755  -8.652  8.772   1.00 12.92 ? 42  VAL A CA  1 
ATOM   289 C C   . VAL A 1 42  ? -0.940  -10.041 9.335   1.00 14.63 ? 42  VAL A C   1 
ATOM   290 O O   . VAL A 1 42  ? -1.873  -10.263 10.095  1.00 14.44 ? 42  VAL A O   1 
ATOM   291 C CB  . VAL A 1 42  ? -0.122  -7.786  9.860   1.00 13.31 ? 42  VAL A CB  1 
ATOM   292 C CG1 . VAL A 1 42  ? 1.136   -8.443  10.359  1.00 11.78 ? 42  VAL A CG1 1 
ATOM   293 C CG2 . VAL A 1 42  ? 0.193   -6.409  9.331   1.00 10.37 ? 42  VAL A CG2 1 
ATOM   294 N N   . SER A 1 43  ? -0.043  -10.951 8.965   1.00 16.17 ? 43  SER A N   1 
ATOM   295 C CA  . SER A 1 43  ? -0.098  -12.343 9.418   1.00 18.19 ? 43  SER A CA  1 
ATOM   296 C C   . SER A 1 43  ? 0.177   -12.452 10.931  1.00 19.36 ? 43  SER A C   1 
ATOM   297 O O   . SER A 1 43  ? 0.786   -11.554 11.502  1.00 18.39 ? 43  SER A O   1 
ATOM   298 C CB  . SER A 1 43  ? 0.909   -13.181 8.604   1.00 16.37 ? 43  SER A CB  1 
ATOM   299 O OG  . SER A 1 43  ? 2.236   -12.712 8.765   1.00 15.72 ? 43  SER A OG  1 
ATOM   300 N N   . SER A 1 44  ? -0.286  -13.533 11.577  1.00 20.61 ? 44  SER A N   1 
ATOM   301 C CA  . SER A 1 44  ? -0.089  -13.729 13.038  1.00 21.40 ? 44  SER A CA  1 
ATOM   302 C C   . SER A 1 44  ? 1.360   -13.653 13.475  1.00 21.02 ? 44  SER A C   1 
ATOM   303 O O   . SER A 1 44  ? 1.655   -13.127 14.561  1.00 23.38 ? 44  SER A O   1 
ATOM   304 C CB  . SER A 1 44  ? -0.694  -15.065 13.508  1.00 22.05 ? 44  SER A CB  1 
ATOM   305 O OG  . SER A 1 44  ? -0.224  -16.144 12.725  1.00 23.23 ? 44  SER A OG  1 
ATOM   306 N N   . ASP A 1 45  ? 2.262   -14.142 12.635  1.00 21.86 ? 45  ASP A N   1 
ATOM   307 C CA  . ASP A 1 45  ? 3.701   -14.093 12.935  1.00 21.90 ? 45  ASP A CA  1 
ATOM   308 C C   . ASP A 1 45  ? 4.367   -12.746 12.582  1.00 21.34 ? 45  ASP A C   1 
ATOM   309 O O   . ASP A 1 45  ? 5.605   -12.625 12.584  1.00 20.96 ? 45  ASP A O   1 
ATOM   310 C CB  . ASP A 1 45  ? 4.456   -15.253 12.246  1.00 22.58 ? 45  ASP A CB  1 
ATOM   311 C CG  . ASP A 1 45  ? 4.495   -15.153 10.706  1.00 24.98 ? 45  ASP A CG  1 
ATOM   312 O OD1 . ASP A 1 45  ? 4.012   -14.168 10.117  1.00 22.89 ? 45  ASP A OD1 1 
ATOM   313 O OD2 . ASP A 1 45  ? 5.048   -16.099 10.082  1.00 24.71 ? 45  ASP A OD2 1 
ATOM   314 N N   . LEU A 1 46  ? 3.537   -11.744 12.284  1.00 19.53 ? 46  LEU A N   1 
ATOM   315 C CA  . LEU A 1 46  ? 4.000   -10.384 11.950  1.00 18.07 ? 46  LEU A CA  1 
ATOM   316 C C   . LEU A 1 46  ? 5.023   -10.341 10.819  1.00 18.60 ? 46  LEU A C   1 
ATOM   317 O O   . LEU A 1 46  ? 5.716   -9.344  10.623  1.00 17.04 ? 46  LEU A O   1 
ATOM   318 C CB  . LEU A 1 46  ? 4.586   -9.736  13.202  1.00 16.74 ? 46  LEU A CB  1 
ATOM   319 C CG  . LEU A 1 46  ? 3.649   -9.668  14.416  1.00 14.00 ? 46  LEU A CG  1 
ATOM   320 C CD1 . LEU A 1 46  ? 4.349   -9.018  15.583  1.00 16.53 ? 46  LEU A CD1 1 
ATOM   321 C CD2 . LEU A 1 46  ? 2.402   -8.884  14.076  1.00 14.05 ? 46  LEU A CD2 1 
ATOM   322 N N   . SER A 1 47  ? 5.081   -11.420 10.054  1.00 18.17 ? 47  SER A N   1 
ATOM   323 C CA  . SER A 1 47  ? 6.055   -11.535 8.972   1.00 19.25 ? 47  SER A CA  1 
ATOM   324 C C   . SER A 1 47  ? 5.611   -11.017 7.607   1.00 18.07 ? 47  SER A C   1 
ATOM   325 O O   . SER A 1 47  ? 6.452   -10.638 6.778   1.00 17.52 ? 47  SER A O   1 
ATOM   326 C CB  . SER A 1 47  ? 6.447   -13.008 8.840   1.00 21.39 ? 47  SER A CB  1 
ATOM   327 O OG  . SER A 1 47  ? 7.088   -13.268 7.611   1.00 24.93 ? 47  SER A OG  1 
ATOM   328 N N   . TYR A 1 48  ? 4.308   -11.017 7.356   1.00 16.51 ? 48  TYR A N   1 
ATOM   329 C CA  . TYR A 1 48  ? 3.827   -10.603 6.032   1.00 14.86 ? 48  TYR A CA  1 
ATOM   330 C C   . TYR A 1 48  ? 2.701   -9.600  6.139   1.00 13.07 ? 48  TYR A C   1 
ATOM   331 O O   . TYR A 1 48  ? 1.874   -9.673  7.046   1.00 13.10 ? 48  TYR A O   1 
ATOM   332 C CB  . TYR A 1 48  ? 3.315   -11.825 5.215   1.00 16.15 ? 48  TYR A CB  1 
ATOM   333 C CG  . TYR A 1 48  ? 4.301   -12.942 5.184   1.00 20.11 ? 48  TYR A CG  1 
ATOM   334 C CD1 . TYR A 1 48  ? 5.360   -12.954 4.252   1.00 20.55 ? 48  TYR A CD1 1 
ATOM   335 C CD2 . TYR A 1 48  ? 4.237   -14.027 6.049   1.00 21.83 ? 48  TYR A CD2 1 
ATOM   336 C CE1 . TYR A 1 48  ? 6.308   -13.956 4.225   1.00 23.93 ? 48  TYR A CE1 1 
ATOM   337 C CE2 . TYR A 1 48  ? 5.188   -15.030 6.022   1.00 23.78 ? 48  TYR A CE2 1 
ATOM   338 C CZ  . TYR A 1 48  ? 6.225   -14.995 5.134   1.00 23.96 ? 48  TYR A CZ  1 
ATOM   339 O OH  . TYR A 1 48  ? 7.177   -15.993 5.150   1.00 29.49 ? 48  TYR A OH  1 
ATOM   340 N N   . ALA A 1 49  ? 2.652   -8.659  5.198   1.00 10.96 ? 49  ALA A N   1 
ATOM   341 C CA  . ALA A 1 49  ? 1.555   -7.731  5.225   1.00 10.12 ? 49  ALA A CA  1 
ATOM   342 C C   . ALA A 1 49  ? 0.993   -7.583  3.847   1.00 10.00 ? 49  ALA A C   1 
ATOM   343 O O   . ALA A 1 49  ? 1.747   -7.554  2.873   1.00 12.79 ? 49  ALA A O   1 
ATOM   344 C CB  . ALA A 1 49  ? 1.991   -6.400  5.747   1.00 6.61  ? 49  ALA A CB  1 
ATOM   345 N N   . LYS A 1 50  ? -0.337  -7.472  3.776   1.00 10.48 ? 50  LYS A N   1 
ATOM   346 C CA  . LYS A 1 50  ? -1.059  -7.286  2.517   1.00 8.78  ? 50  LYS A CA  1 
ATOM   347 C C   . LYS A 1 50  ? -1.570  -5.882  2.557   1.00 9.09  ? 50  LYS A C   1 
ATOM   348 O O   . LYS A 1 50  ? -2.260  -5.522  3.489   1.00 9.99  ? 50  LYS A O   1 
ATOM   349 C CB  . LYS A 1 50  ? -2.247  -8.221  2.415   1.00 13.13 ? 50  LYS A CB  1 
ATOM   350 C CG  . LYS A 1 50  ? -1.828  -9.650  2.447   1.00 13.34 ? 50  LYS A CG  1 
ATOM   351 C CD  . LYS A 1 50  ? -2.459  -10.406 1.320   1.00 19.75 ? 50  LYS A CD  1 
ATOM   352 C CE  . LYS A 1 50  ? -3.915  -10.652 1.591   1.00 18.08 ? 50  LYS A CE  1 
ATOM   353 N NZ  . LYS A 1 50  ? -4.000  -11.791 2.552   1.00 24.29 ? 50  LYS A NZ  1 
ATOM   354 N N   . ILE A 1 51  ? -1.247  -5.099  1.524   1.00 5.90  ? 51  ILE A N   1 
ATOM   355 C CA  . ILE A 1 51  ? -1.649  -3.702  1.471   1.00 6.67  ? 51  ILE A CA  1 
ATOM   356 C C   . ILE A 1 51  ? -2.722  -3.558  0.386   1.00 6.66  ? 51  ILE A C   1 
ATOM   357 O O   . ILE A 1 51  ? -2.395  -3.682  -0.768  1.00 8.17  ? 51  ILE A O   1 
ATOM   358 C CB  . ILE A 1 51  ? -0.417  -2.806  1.079   1.00 6.15  ? 51  ILE A CB  1 
ATOM   359 C CG1 . ILE A 1 51  ? 0.775   -3.099  2.000   1.00 9.56  ? 51  ILE A CG1 1 
ATOM   360 C CG2 . ILE A 1 51  ? -0.818  -1.274  1.176   1.00 8.28  ? 51  ILE A CG2 1 
ATOM   361 C CD1 . ILE A 1 51  ? 0.459   -2.774  3.462   1.00 11.18 ? 51  ILE A CD1 1 
ATOM   362 N N   . PHE A 1 52  ? -3.985  -3.309  0.779   1.00 6.31  ? 52  PHE A N   1 
ATOM   363 C CA  . PHE A 1 52  ? -5.088  -3.141  -0.180  1.00 6.87  ? 52  PHE A CA  1 
ATOM   364 C C   . PHE A 1 52  ? -5.097  -1.689  -0.580  1.00 7.88  ? 52  PHE A C   1 
ATOM   365 O O   . PHE A 1 52  ? -5.148  -0.814  0.266   1.00 8.38  ? 52  PHE A O   1 
ATOM   366 C CB  . PHE A 1 52  ? -6.450  -3.540  0.412   1.00 8.37  ? 52  PHE A CB  1 
ATOM   367 C CG  . PHE A 1 52  ? -6.472  -5.025  0.571   1.00 9.51  ? 52  PHE A CG  1 
ATOM   368 C CD1 . PHE A 1 52  ? -6.915  -5.813  -0.467  1.00 8.86  ? 52  PHE A CD1 1 
ATOM   369 C CD2 . PHE A 1 52  ? -6.030  -5.609  1.735   1.00 11.72 ? 52  PHE A CD2 1 
ATOM   370 C CE1 . PHE A 1 52  ? -6.851  -7.182  -0.361  1.00 9.31  ? 52  PHE A CE1 1 
ATOM   371 C CE2 . PHE A 1 52  ? -5.969  -6.999  1.848   1.00 11.51 ? 52  PHE A CE2 1 
ATOM   372 C CZ  . PHE A 1 52  ? -6.373  -7.780  0.788   1.00 8.50  ? 52  PHE A CZ  1 
ATOM   373 N N   . VAL A 1 53  ? -5.046  -1.435  -1.885  1.00 6.72  ? 53  VAL A N   1 
ATOM   374 C CA  . VAL A 1 53  ? -5.025  -0.072  -2.364  1.00 7.44  ? 53  VAL A CA  1 
ATOM   375 C C   . VAL A 1 53  ? -6.008  0.229   -3.478  1.00 5.51  ? 53  VAL A C   1 
ATOM   376 O O   . VAL A 1 53  ? -6.532  -0.672  -4.151  1.00 5.08  ? 53  VAL A O   1 
ATOM   377 C CB  . VAL A 1 53  ? -3.601  0.275   -2.901  1.00 4.28  ? 53  VAL A CB  1 
ATOM   378 C CG1 . VAL A 1 53  ? -2.569  0.009   -1.842  1.00 7.78  ? 53  VAL A CG1 1 
ATOM   379 C CG2 . VAL A 1 53  ? -3.295  -0.574  -4.148  1.00 5.14  ? 53  VAL A CG2 1 
ATOM   380 N N   . THR A 1 54  ? -6.337  1.501   -3.611  1.00 6.04  ? 54  THR A N   1 
ATOM   381 C CA  . THR A 1 54  ? -7.116  1.932   -4.766  1.00 6.22  ? 54  THR A CA  1 
ATOM   382 C C   . THR A 1 54  ? -6.404  3.157   -5.362  1.00 7.32  ? 54  THR A C   1 
ATOM   383 O O   . THR A 1 54  ? -5.645  3.868   -4.660  1.00 8.50  ? 54  THR A O   1 
ATOM   384 C CB  . THR A 1 54  ? -8.588  2.264   -4.476  1.00 5.61  ? 54  THR A CB  1 
ATOM   385 O OG1 . THR A 1 54  ? -8.681  3.396   -3.595  1.00 7.73  ? 54  THR A OG1 1 
ATOM   386 C CG2 . THR A 1 54  ? -9.299  1.036   -3.872  1.00 9.62  ? 54  THR A CG2 1 
ATOM   387 N N   . PHE A 1 55  ? -6.587  3.360   -6.660  1.00 8.28  ? 55  PHE A N   1 
ATOM   388 C CA  . PHE A 1 55  ? -6.003  4.512   -7.373  1.00 7.34  ? 55  PHE A CA  1 
ATOM   389 C C   . PHE A 1 55  ? -7.118  5.498   -7.763  1.00 10.18 ? 55  PHE A C   1 
ATOM   390 O O   . PHE A 1 55  ? -8.248  5.096   -8.148  1.00 9.85  ? 55  PHE A O   1 
ATOM   391 C CB  . PHE A 1 55  ? -5.325  4.072   -8.660  1.00 7.91  ? 55  PHE A CB  1 
ATOM   392 C CG  . PHE A 1 55  ? -4.257  3.017   -8.490  1.00 6.59  ? 55  PHE A CG  1 
ATOM   393 C CD1 . PHE A 1 55  ? -3.583  2.859   -7.270  1.00 7.42  ? 55  PHE A CD1 1 
ATOM   394 C CD2 . PHE A 1 55  ? -3.842  2.249   -9.574  1.00 8.11  ? 55  PHE A CD2 1 
ATOM   395 C CE1 . PHE A 1 55  ? -2.528  1.947   -7.134  1.00 8.12  ? 55  PHE A CE1 1 
ATOM   396 C CE2 . PHE A 1 55  ? -2.763  1.325   -9.450  1.00 4.23  ? 55  PHE A CE2 1 
ATOM   397 C CZ  . PHE A 1 55  ? -2.117  1.177   -8.226  1.00 6.40  ? 55  PHE A CZ  1 
ATOM   398 N N   . LEU A 1 56  ? -6.804  6.788   -7.713  1.00 7.61  ? 56  LEU A N   1 
ATOM   399 C CA  . LEU A 1 56  ? -7.793  7.788   -8.078  1.00 8.26  ? 56  LEU A CA  1 
ATOM   400 C C   . LEU A 1 56  ? -8.333  7.554   -9.518  1.00 7.36  ? 56  LEU A C   1 
ATOM   401 O O   . LEU A 1 56  ? -9.534  7.675   -9.747  1.00 8.67  ? 56  LEU A O   1 
ATOM   402 C CB  . LEU A 1 56  ? -7.202  9.201   -8.000  1.00 11.47 ? 56  LEU A CB  1 
ATOM   403 C CG  . LEU A 1 56  ? -8.174  10.282  -8.453  1.00 11.07 ? 56  LEU A CG  1 
ATOM   404 C CD1 . LEU A 1 56  ? -9.393  10.314  -7.555  1.00 13.55 ? 56  LEU A CD1 1 
ATOM   405 C CD2 . LEU A 1 56  ? -7.460  11.654  -8.483  1.00 14.37 ? 56  LEU A CD2 1 
ATOM   406 N N   . PHE A 1 57  ? -7.460  7.252   -10.476 1.00 7.84  ? 57  PHE A N   1 
ATOM   407 C CA  . PHE A 1 57  ? -7.918  6.992   -11.847 1.00 8.07  ? 57  PHE A CA  1 
ATOM   408 C C   . PHE A 1 57  ? -7.893  5.483   -12.022 1.00 8.95  ? 57  PHE A C   1 
ATOM   409 O O   . PHE A 1 57  ? -6.834  4.871   -12.032 1.00 8.70  ? 57  PHE A O   1 
ATOM   410 C CB  . PHE A 1 57  ? -7.030  7.704   -12.905 1.00 7.79  ? 57  PHE A CB  1 
ATOM   411 C CG  . PHE A 1 57  ? -7.047  9.183   -12.693 1.00 12.13 ? 57  PHE A CG  1 
ATOM   412 C CD1 . PHE A 1 57  ? -8.194  9.941   -12.946 1.00 12.32 ? 57  PHE A CD1 1 
ATOM   413 C CD2 . PHE A 1 57  ? -5.931  9.858   -12.210 1.00 10.30 ? 57  PHE A CD2 1 
ATOM   414 C CE1 . PHE A 1 57  ? -8.242  11.305  -12.712 1.00 12.87 ? 57  PHE A CE1 1 
ATOM   415 C CE2 . PHE A 1 57  ? -5.958  11.216  -11.954 1.00 12.13 ? 57  PHE A CE2 1 
ATOM   416 C CZ  . PHE A 1 57  ? -7.118  11.953  -12.214 1.00 11.78 ? 57  PHE A CZ  1 
ATOM   417 N N   . ASP A 1 58  ? -9.081  4.880   -12.171 1.00 10.06 ? 58  ASP A N   1 
ATOM   418 C CA  . ASP A 1 58  ? -9.199  3.418   -12.274 1.00 9.97  ? 58  ASP A CA  1 
ATOM   419 C C   . ASP A 1 58  ? -9.932  2.925   -13.508 1.00 9.55  ? 58  ASP A C   1 
ATOM   420 O O   . ASP A 1 58  ? -10.494 1.831   -13.480 1.00 12.60 ? 58  ASP A O   1 
ATOM   421 C CB  . ASP A 1 58  ? -9.925  2.845   -11.040 1.00 12.23 ? 58  ASP A CB  1 
ATOM   422 C CG  . ASP A 1 58  ? -11.294 3.489   -10.792 1.00 13.11 ? 58  ASP A CG  1 
ATOM   423 O OD1 . ASP A 1 58  ? -11.805 4.245   -11.631 1.00 10.43 ? 58  ASP A OD1 1 
ATOM   424 O OD2 . ASP A 1 58  ? -11.893 3.225   -9.726  1.00 16.59 ? 58  ASP A OD2 1 
ATOM   425 N N   . HIS A 1 59  ? -9.919  3.709   -14.582 1.00 10.13 ? 59  HIS A N   1 
ATOM   426 C CA  . HIS A 1 59  ? -10.648 3.353   -15.785 1.00 10.54 ? 59  HIS A CA  1 
ATOM   427 C C   . HIS A 1 59  ? -9.816  2.655   -16.850 1.00 11.38 ? 59  HIS A C   1 
ATOM   428 O O   . HIS A 1 59  ? -10.358 1.971   -17.707 1.00 15.20 ? 59  HIS A O   1 
ATOM   429 C CB  . HIS A 1 59  ? -11.276 4.606   -16.394 1.00 9.49  ? 59  HIS A CB  1 
ATOM   430 C CG  . HIS A 1 59  ? -10.269 5.658   -16.737 1.00 10.15 ? 59  HIS A CG  1 
ATOM   431 N ND1 . HIS A 1 59  ? -9.881  6.630   -15.851 1.00 11.76 ? 59  HIS A ND1 1 
ATOM   432 C CD2 . HIS A 1 59  ? -9.582  5.885   -17.879 1.00 11.46 ? 59  HIS A CD2 1 
ATOM   433 C CE1 . HIS A 1 59  ? -9.004  7.431   -16.436 1.00 12.31 ? 59  HIS A CE1 1 
ATOM   434 N NE2 . HIS A 1 59  ? -8.804  6.996   -17.664 1.00 11.15 ? 59  HIS A NE2 1 
ATOM   435 N N   . ASP A 1 60  ? -8.510  2.865   -16.814 1.00 10.84 ? 60  ASP A N   1 
ATOM   436 C CA  . ASP A 1 60  ? -7.568  2.260   -17.772 1.00 10.70 ? 60  ASP A CA  1 
ATOM   437 C C   . ASP A 1 60  ? -6.903  1.073   -17.091 1.00 11.33 ? 60  ASP A C   1 
ATOM   438 O O   . ASP A 1 60  ? -6.055  1.259   -16.185 1.00 9.68  ? 60  ASP A O   1 
ATOM   439 C CB  . ASP A 1 60  ? -6.508  3.310   -18.153 1.00 9.75  ? 60  ASP A CB  1 
ATOM   440 C CG  . ASP A 1 60  ? -5.461  2.799   -19.115 1.00 13.97 ? 60  ASP A CG  1 
ATOM   441 O OD1 . ASP A 1 60  ? -5.333  1.544   -19.306 1.00 9.63  ? 60  ASP A OD1 1 
ATOM   442 O OD2 . ASP A 1 60  ? -4.741  3.684   -19.672 1.00 11.03 ? 60  ASP A OD2 1 
ATOM   443 N N   . GLU A 1 61  ? -7.263  -0.131  -17.552 1.00 10.21 ? 61  GLU A N   1 
ATOM   444 C CA  . GLU A 1 61  ? -6.766  -1.383  -16.987 1.00 13.80 ? 61  GLU A CA  1 
ATOM   445 C C   . GLU A 1 61  ? -5.257  -1.549  -17.150 1.00 11.54 ? 61  GLU A C   1 
ATOM   446 O O   . GLU A 1 61  ? -4.603  -2.123  -16.268 1.00 12.25 ? 61  GLU A O   1 
ATOM   447 C CB  . GLU A 1 61  ? -7.563  -2.562  -17.621 1.00 18.25 ? 61  GLU A CB  1 
ATOM   448 C CG  . GLU A 1 61  ? -7.833  -3.746  -16.712 1.00 27.69 ? 61  GLU A CG  1 
ATOM   449 C CD  . GLU A 1 61  ? -6.825  -4.890  -16.896 1.00 31.19 ? 61  GLU A CD  1 
ATOM   450 O OE1 . GLU A 1 61  ? -5.606  -4.615  -16.786 1.00 35.55 ? 61  GLU A OE1 1 
ATOM   451 O OE2 . GLU A 1 61  ? -7.252  -6.053  -17.153 1.00 34.62 ? 61  GLU A OE2 1 
ATOM   452 N N   A MET A 1 62  ? -4.698  -1.043  -18.251 0.50 11.03 ? 62  MET A N   1 
ATOM   453 N N   B MET A 1 62  ? -4.686  -1.039  -18.239 0.50 11.53 ? 62  MET A N   1 
ATOM   454 C CA  A MET A 1 62  ? -3.256  -1.157  -18.444 0.50 11.55 ? 62  MET A CA  1 
ATOM   455 C CA  B MET A 1 62  ? -3.244  -1.171  -18.404 0.50 12.32 ? 62  MET A CA  1 
ATOM   456 C C   A MET A 1 62  ? -2.514  -0.217  -17.493 0.50 9.98  ? 62  MET A C   1 
ATOM   457 C C   B MET A 1 62  ? -2.508  -0.218  -17.471 0.50 10.54 ? 62  MET A C   1 
ATOM   458 O O   A MET A 1 62  ? -1.421  -0.528  -17.030 0.50 12.06 ? 62  MET A O   1 
ATOM   459 O O   B MET A 1 62  ? -1.411  -0.514  -17.006 0.50 12.46 ? 62  MET A O   1 
ATOM   460 C CB  A MET A 1 62  ? -2.855  -0.840  -19.895 0.50 12.61 ? 62  MET A CB  1 
ATOM   461 C CB  B MET A 1 62  ? -2.833  -0.908  -19.853 0.50 14.36 ? 62  MET A CB  1 
ATOM   462 C CG  A MET A 1 62  ? -2.253  -2.024  -20.650 0.50 14.62 ? 62  MET A CG  1 
ATOM   463 C CG  B MET A 1 62  ? -3.532  -1.823  -20.830 0.50 17.26 ? 62  MET A CG  1 
ATOM   464 S SD  A MET A 1 62  ? -1.288  -1.520  -22.098 0.50 16.02 ? 62  MET A SD  1 
ATOM   465 S SD  B MET A 1 62  ? -3.497  -3.528  -20.241 0.50 21.43 ? 62  MET A SD  1 
ATOM   466 C CE  A MET A 1 62  ? -0.153  -0.479  -21.319 0.50 17.22 ? 62  MET A CE  1 
ATOM   467 C CE  B MET A 1 62  ? -5.239  -3.827  -19.797 0.50 20.33 ? 62  MET A CE  1 
ATOM   468 N N   . ALA A 1 63  ? -3.128  0.917   -17.172 1.00 11.22 ? 63  ALA A N   1 
ATOM   469 C CA  . ALA A 1 63  ? -2.511  1.918   -16.278 1.00 7.72  ? 63  ALA A CA  1 
ATOM   470 C C   . ALA A 1 63  ? -2.511  1.375   -14.878 1.00 8.11  ? 63  ALA A C   1 
ATOM   471 O O   . ALA A 1 63  ? -1.517  1.523   -14.156 1.00 7.40  ? 63  ALA A O   1 
ATOM   472 C CB  . ALA A 1 63  ? -3.292  3.229   -16.318 1.00 10.40 ? 63  ALA A CB  1 
ATOM   473 N N   . ILE A 1 64  ? -3.614  0.725   -14.500 1.00 6.96  ? 64  ILE A N   1 
ATOM   474 C CA  . ILE A 1 64  ? -3.683  0.128   -13.189 1.00 8.05  ? 64  ILE A CA  1 
ATOM   475 C C   . ILE A 1 64  ? -2.565  -0.930  -13.057 1.00 9.87  ? 64  ILE A C   1 
ATOM   476 O O   . ILE A 1 64  ? -1.841  -0.972  -12.066 1.00 7.81  ? 64  ILE A O   1 
ATOM   477 C CB  . ILE A 1 64  ? -5.032  -0.522  -12.955 1.00 6.21  ? 64  ILE A CB  1 
ATOM   478 C CG1 . ILE A 1 64  ? -6.089  0.567   -12.734 1.00 10.23 ? 64  ILE A CG1 1 
ATOM   479 C CG2 . ILE A 1 64  ? -4.971  -1.437  -11.771 1.00 7.89  ? 64  ILE A CG2 1 
ATOM   480 C CD1 . ILE A 1 64  ? -7.581  0.020   -12.733 1.00 12.95 ? 64  ILE A CD1 1 
ATOM   481 N N   . GLU A 1 65  ? -2.404  -1.774  -14.073 1.00 9.20  ? 65  GLU A N   1 
ATOM   482 C CA  . GLU A 1 65  ? -1.351  -2.775  -13.990 1.00 11.00 ? 65  GLU A CA  1 
ATOM   483 C C   . GLU A 1 65  ? 0.034   -2.145  -13.821 1.00 11.58 ? 65  GLU A C   1 
ATOM   484 O O   . GLU A 1 65  ? 0.822   -2.582  -12.991 1.00 11.30 ? 65  GLU A O   1 
ATOM   485 C CB  . GLU A 1 65  ? -1.396  -3.648  -15.237 1.00 10.17 ? 65  GLU A CB  1 
ATOM   486 C CG  . GLU A 1 65  ? -0.303  -4.690  -15.334 1.00 11.20 ? 65  GLU A CG  1 
ATOM   487 C CD  . GLU A 1 65  ? -0.206  -5.604  -14.107 1.00 14.30 ? 65  GLU A CD  1 
ATOM   488 O OE1 . GLU A 1 65  ? -1.247  -5.940  -13.533 1.00 11.85 ? 65  GLU A OE1 1 
ATOM   489 O OE2 . GLU A 1 65  ? 0.934   -5.995  -13.709 1.00 14.48 ? 65  GLU A OE2 1 
ATOM   490 N N   . GLN A 1 66  ? 0.341   -1.119  -14.606 1.00 10.88 ? 66  GLN A N   1 
ATOM   491 C CA  . GLN A 1 66  ? 1.626   -0.440  -14.541 1.00 12.33 ? 66  GLN A CA  1 
ATOM   492 C C   . GLN A 1 66  ? 1.784   0.167   -13.152 1.00 12.43 ? 66  GLN A C   1 
ATOM   493 O O   . GLN A 1 66  ? 2.860   0.137   -12.555 1.00 11.45 ? 66  GLN A O   1 
ATOM   494 C CB  . GLN A 1 66  ? 1.678   0.625   -15.656 1.00 13.75 ? 66  GLN A CB  1 
ATOM   495 C CG  . GLN A 1 66  ? 2.868   1.581   -15.663 1.00 16.70 ? 66  GLN A CG  1 
ATOM   496 C CD  . GLN A 1 66  ? 2.918   2.439   -16.919 1.00 18.29 ? 66  GLN A CD  1 
ATOM   497 O OE1 . GLN A 1 66  ? 3.747   2.236   -17.834 1.00 18.34 ? 66  GLN A OE1 1 
ATOM   498 N NE2 . GLN A 1 66  ? 2.030   3.388   -16.980 1.00 19.73 ? 66  GLN A NE2 1 
ATOM   499 N N   . GLY A 1 67  ? 0.709   0.709   -12.609 1.00 11.35 ? 67  GLY A N   1 
ATOM   500 C CA  . GLY A 1 67  ? 0.827   1.278   -11.286 1.00 9.97  ? 67  GLY A CA  1 
ATOM   501 C C   . GLY A 1 67  ? 1.141   0.157   -10.299 1.00 9.80  ? 67  GLY A C   1 
ATOM   502 O O   . GLY A 1 67  ? 2.008   0.350   -9.463  1.00 7.56  ? 67  GLY A O   1 
ATOM   503 N N   . MET A 1 68  ? 0.472   -0.997  -10.379 1.00 8.60  ? 68  MET A N   1 
ATOM   504 C CA  . MET A 1 68  ? 0.754   -2.125  -9.450  1.00 10.54 ? 68  MET A CA  1 
ATOM   505 C C   . MET A 1 68  ? 2.201   -2.673  -9.642  1.00 11.02 ? 68  MET A C   1 
ATOM   506 O O   . MET A 1 68  ? 2.830   -3.113  -8.697  1.00 10.40 ? 68  MET A O   1 
ATOM   507 C CB  . MET A 1 68  ? -0.266  -3.253  -9.652  1.00 10.33 ? 68  MET A CB  1 
ATOM   508 C CG  . MET A 1 68  ? -1.701  -2.866  -9.291  1.00 10.76 ? 68  MET A CG  1 
ATOM   509 S SD  . MET A 1 68  ? -1.947  -2.431  -7.555  1.00 11.20 ? 68  MET A SD  1 
ATOM   510 C CE  . MET A 1 68  ? -1.676  -3.941  -6.822  1.00 14.77 ? 68  MET A CE  1 
ATOM   511 N N   . LYS A 1 69  ? 2.723   -2.646  -10.864 1.00 10.37 ? 69  LYS A N   1 
ATOM   512 C CA  . LYS A 1 69  ? 4.114   -3.061  -11.091 1.00 11.79 ? 69  LYS A CA  1 
ATOM   513 C C   . LYS A 1 69  ? 5.073   -2.035  -10.481 1.00 10.58 ? 69  LYS A C   1 
ATOM   514 O O   . LYS A 1 69  ? 6.125   -2.404  -9.982  1.00 11.19 ? 69  LYS A O   1 
ATOM   515 C CB  . LYS A 1 69  ? 4.440   -3.158  -12.583 1.00 12.75 ? 69  LYS A CB  1 
ATOM   516 C CG  . LYS A 1 69  ? 3.800   -4.316  -13.265 1.00 15.73 ? 69  LYS A CG  1 
ATOM   517 C CD  . LYS A 1 69  ? 4.567   -4.723  -14.511 1.00 18.55 ? 69  LYS A CD  1 
ATOM   518 C CE  . LYS A 1 69  ? 4.085   -6.082  -15.099 1.00 18.44 ? 69  LYS A CE  1 
ATOM   519 N NZ  . LYS A 1 69  ? 2.822   -6.012  -15.936 1.00 19.45 ? 69  LYS A NZ  1 
ATOM   520 N N   . GLY A 1 70  ? 4.724   -0.754  -10.544 1.00 10.86 ? 70  GLY A N   1 
ATOM   521 C CA  . GLY A 1 70  ? 5.576   0.305   -9.988  1.00 8.88  ? 70  GLY A CA  1 
ATOM   522 C C   . GLY A 1 70  ? 5.630   0.146   -8.492  1.00 11.41 ? 70  GLY A C   1 
ATOM   523 O O   . GLY A 1 70  ? 6.689   0.354   -7.889  1.00 9.42  ? 70  GLY A O   1 
ATOM   524 N N   . LEU A 1 71  ? 4.486   -0.219  -7.901  1.00 9.35  ? 71  LEU A N   1 
ATOM   525 C CA  . LEU A 1 71  ? 4.402   -0.455  -6.458  1.00 10.09 ? 71  LEU A CA  1 
ATOM   526 C C   . LEU A 1 71  ? 5.243   -1.651  -6.029  1.00 11.65 ? 71  LEU A C   1 
ATOM   527 O O   . LEU A 1 71  ? 5.918   -1.580  -5.002  1.00 11.98 ? 71  LEU A O   1 
ATOM   528 C CB  . LEU A 1 71  ? 2.950   -0.598  -5.983  1.00 10.57 ? 71  LEU A CB  1 
ATOM   529 C CG  . LEU A 1 71  ? 2.136   0.715   -5.985  1.00 7.32  ? 71  LEU A CG  1 
ATOM   530 C CD1 . LEU A 1 71  ? 0.732   0.463   -5.501  1.00 13.95 ? 71  LEU A CD1 1 
ATOM   531 C CD2 . LEU A 1 71  ? 2.819   1.726   -5.046  1.00 11.90 ? 71  LEU A CD2 1 
ATOM   532 N N   . GLU A 1 72  ? 5.227   -2.740  -6.803  1.00 9.41  ? 72  GLU A N   1 
ATOM   533 C CA  . GLU A 1 72  ? 6.092   -3.846  -6.460  1.00 12.52 ? 72  GLU A CA  1 
ATOM   534 C C   . GLU A 1 72  ? 7.554   -3.533  -6.661  1.00 12.37 ? 72  GLU A C   1 
ATOM   535 O O   . GLU A 1 72  ? 8.397   -3.943  -5.877  1.00 13.25 ? 72  GLU A O   1 
ATOM   536 C CB  . GLU A 1 72  ? 5.763   -5.093  -7.261  1.00 13.07 ? 72  GLU A CB  1 
ATOM   537 C CG  . GLU A 1 72  ? 4.990   -4.903  -8.482  1.00 22.18 ? 72  GLU A CG  1 
ATOM   538 C CD  . GLU A 1 72  ? 4.164   -6.133  -8.817  1.00 23.39 ? 72  GLU A CD  1 
ATOM   539 O OE1 . GLU A 1 72  ? 3.728   -6.867  -7.897  1.00 29.26 ? 72  GLU A OE1 1 
ATOM   540 O OE2 . GLU A 1 72  ? 3.937   -6.362  -9.999  1.00 24.95 ? 72  GLU A OE2 1 
ATOM   541 N N   . LYS A 1 73  ? 7.874   -2.841  -7.746  1.00 12.24 ? 73  LYS A N   1 
ATOM   542 C CA  . LYS A 1 73  ? 9.263   -2.491  -7.973  1.00 13.85 ? 73  LYS A CA  1 
ATOM   543 C C   . LYS A 1 73  ? 9.776   -1.612  -6.831  1.00 12.16 ? 73  LYS A C   1 
ATOM   544 O O   . LYS A 1 73  ? 10.898  -1.762  -6.444  1.00 10.58 ? 73  LYS A O   1 
ATOM   545 C CB  . LYS A 1 73  ? 9.424   -1.726  -9.262  1.00 16.53 ? 73  LYS A CB  1 
ATOM   546 C CG  . LYS A 1 73  ? 10.808  -1.107  -9.337  1.00 20.68 ? 73  LYS A CG  1 
ATOM   547 C CD  . LYS A 1 73  ? 10.984  -0.260  -10.575 1.00 23.98 ? 73  LYS A CD  1 
ATOM   548 C CE  . LYS A 1 73  ? 12.353  0.380   -10.588 1.00 26.89 ? 73  LYS A CE  1 
ATOM   549 N NZ  . LYS A 1 73  ? 12.898  0.559   -11.984 1.00 28.99 ? 73  LYS A NZ  1 
ATOM   550 N N   . ALA A 1 74  ? 8.926   -0.721  -6.319  1.00 10.84 ? 74  ALA A N   1 
ATOM   551 C CA  . ALA A 1 74  ? 9.233   0.189   -5.210  1.00 9.99  ? 74  ALA A CA  1 
ATOM   552 C C   . ALA A 1 74  ? 9.095   -0.411  -3.808  1.00 9.33  ? 74  ALA A C   1 
ATOM   553 O O   . ALA A 1 74  ? 9.344   0.291   -2.829  1.00 13.53 ? 74  ALA A O   1 
ATOM   554 C CB  . ALA A 1 74  ? 8.308   1.386   -5.302  1.00 10.97 ? 74  ALA A CB  1 
ATOM   555 N N   . SER A 1 75  ? 8.768   -1.681  -3.691  1.00 8.13  ? 75  SER A N   1 
ATOM   556 C CA  . SER A 1 75  ? 8.514   -2.290  -2.377  1.00 8.54  ? 75  SER A CA  1 
ATOM   557 C C   . SER A 1 75  ? 9.708   -2.266  -1.425  1.00 8.61  ? 75  SER A C   1 
ATOM   558 O O   . SER A 1 75  ? 9.526   -1.875  -0.300  1.00 10.74 ? 75  SER A O   1 
ATOM   559 C CB  . SER A 1 75  ? 7.923   -3.684  -2.563  1.00 10.17 ? 75  SER A CB  1 
ATOM   560 O OG  . SER A 1 75  ? 6.543   -3.549  -2.898  1.00 11.89 ? 75  SER A OG  1 
ATOM   561 N N   . PRO A 1 76  ? 10.938  -2.624  -1.872  1.00 11.43 ? 76  PRO A N   1 
ATOM   562 C CA  . PRO A 1 76  ? 12.099  -2.585  -0.946  1.00 9.43  ? 76  PRO A CA  1 
ATOM   563 C C   . PRO A 1 76  ? 12.221  -1.161  -0.341  1.00 10.61 ? 76  PRO A C   1 
ATOM   564 O O   . PRO A 1 76  ? 12.348  -1.028  0.875   1.00 10.22 ? 76  PRO A O   1 
ATOM   565 C CB  . PRO A 1 76  ? 13.283  -2.954  -1.850  1.00 10.84 ? 76  PRO A CB  1 
ATOM   566 C CG  . PRO A 1 76  ? 12.614  -3.833  -2.959  1.00 12.02 ? 76  PRO A CG  1 
ATOM   567 C CD  . PRO A 1 76  ? 11.342  -3.089  -3.227  1.00 10.45 ? 76  PRO A CD  1 
ATOM   568 N N   . TYR A 1 77  ? 12.171  -0.115  -1.177  1.00 9.72  ? 77  TYR A N   1 
ATOM   569 C CA  . TYR A 1 77  ? 12.268  1.289   -0.710  1.00 9.89  ? 77  TYR A CA  1 
ATOM   570 C C   . TYR A 1 77  ? 11.128  1.633   0.248   1.00 11.36 ? 77  TYR A C   1 
ATOM   571 O O   . TYR A 1 77  ? 11.327  2.262   1.289   1.00 8.95  ? 77  TYR A O   1 
ATOM   572 C CB  . TYR A 1 77  ? 12.264  2.238   -1.896  1.00 11.94 ? 77  TYR A CB  1 
ATOM   573 C CG  . TYR A 1 77  ? 12.428  3.690   -1.511  1.00 12.89 ? 77  TYR A CG  1 
ATOM   574 C CD1 . TYR A 1 77  ? 13.557  4.127   -0.823  1.00 15.03 ? 77  TYR A CD1 1 
ATOM   575 C CD2 . TYR A 1 77  ? 11.437  4.611   -1.790  1.00 13.05 ? 77  TYR A CD2 1 
ATOM   576 C CE1 . TYR A 1 77  ? 13.682  5.456   -0.408  1.00 15.80 ? 77  TYR A CE1 1 
ATOM   577 C CE2 . TYR A 1 77  ? 11.551  5.964   -1.388  1.00 15.92 ? 77  TYR A CE2 1 
ATOM   578 C CZ  . TYR A 1 77  ? 12.676  6.365   -0.698  1.00 18.73 ? 77  TYR A CZ  1 
ATOM   579 O OH  . TYR A 1 77  ? 12.818  7.686   -0.282  1.00 21.09 ? 77  TYR A OH  1 
ATOM   580 N N   . ILE A 1 78  ? 9.933   1.228   -0.096  1.00 10.90 ? 78  ILE A N   1 
ATOM   581 C CA  . ILE A 1 78  ? 8.793   1.488   0.791   1.00 10.88 ? 78  ILE A CA  1 
ATOM   582 C C   . ILE A 1 78  ? 8.959   0.794   2.163   1.00 11.40 ? 78  ILE A C   1 
ATOM   583 O O   . ILE A 1 78  ? 8.550   1.359   3.194   1.00 9.58  ? 78  ILE A O   1 
ATOM   584 C CB  . ILE A 1 78  ? 7.489   1.023   0.120   1.00 10.66 ? 78  ILE A CB  1 
ATOM   585 C CG1 . ILE A 1 78  ? 7.203   1.913   -1.081  1.00 10.06 ? 78  ILE A CG1 1 
ATOM   586 C CG2 . ILE A 1 78  ? 6.317   1.047   1.139   1.00 12.16 ? 78  ILE A CG2 1 
ATOM   587 C CD1 . ILE A 1 78  ? 6.079   1.379   -1.984  1.00 7.44  ? 78  ILE A CD1 1 
ATOM   588 N N   . ARG A 1 79  ? 9.526   -0.428  2.175   1.00 9.72  ? 79  ARG A N   1 
ATOM   589 C CA  . ARG A 1 79  ? 9.777   -1.175  3.443   1.00 8.92  ? 79  ARG A CA  1 
ATOM   590 C C   . ARG A 1 79  ? 10.815  -0.422  4.254   1.00 9.53  ? 79  ARG A C   1 
ATOM   591 O O   . ARG A 1 79  ? 10.686  -0.277  5.459   1.00 8.96  ? 79  ARG A O   1 
ATOM   592 C CB  . ARG A 1 79  ? 10.286  -2.610  3.190   1.00 9.76  ? 79  ARG A CB  1 
ATOM   593 C CG  . ARG A 1 79  ? 9.170   -3.546  2.784   1.00 3.64  ? 79  ARG A CG  1 
ATOM   594 C CD  . ARG A 1 79  ? 9.706   -4.899  2.507   1.00 9.03  ? 79  ARG A CD  1 
ATOM   595 N NE  . ARG A 1 79  ? 10.005  -5.625  3.760   1.00 10.39 ? 79  ARG A NE  1 
ATOM   596 C CZ  . ARG A 1 79  ? 11.188  -6.174  4.059   1.00 13.15 ? 79  ARG A CZ  1 
ATOM   597 N NH1 . ARG A 1 79  ? 12.217  -6.090  3.216   1.00 11.06 ? 79  ARG A NH1 1 
ATOM   598 N NH2 . ARG A 1 79  ? 11.352  -6.806  5.219   1.00 12.01 ? 79  ARG A NH2 1 
ATOM   599 N N   . SER A 1 80  ? 11.811  0.123   3.580   1.00 7.12  ? 80  SER A N   1 
ATOM   600 C CA  . SER A 1 80  ? 12.831  0.892   4.273   1.00 6.93  ? 80  SER A CA  1 
ATOM   601 C C   . SER A 1 80  ? 12.226  2.148   4.945   1.00 7.01  ? 80  SER A C   1 
ATOM   602 O O   . SER A 1 80  ? 12.635  2.529   6.053   1.00 8.63  ? 80  SER A O   1 
ATOM   603 C CB  . SER A 1 80  ? 13.956  1.277   3.297   1.00 7.84  ? 80  SER A CB  1 
ATOM   604 O OG  . SER A 1 80  ? 13.575  2.406   2.536   1.00 14.28 ? 80  SER A OG  1 
ATOM   605 N N   . LEU A 1 81  ? 11.257  2.795   4.292   1.00 7.68  ? 81  LEU A N   1 
ATOM   606 C CA  . LEU A 1 81  ? 10.619  3.986   4.857   1.00 7.75  ? 81  LEU A CA  1 
ATOM   607 C C   . LEU A 1 81  ? 9.731   3.563   6.038   1.00 8.97  ? 81  LEU A C   1 
ATOM   608 O O   . LEU A 1 81  ? 9.678   4.254   7.065   1.00 9.35  ? 81  LEU A O   1 
ATOM   609 C CB  . LEU A 1 81  ? 9.776   4.699   3.818   1.00 8.97  ? 81  LEU A CB  1 
ATOM   610 C CG  . LEU A 1 81  ? 10.572  5.342   2.670   1.00 9.06  ? 81  LEU A CG  1 
ATOM   611 C CD1 . LEU A 1 81  ? 9.575   6.034   1.733   1.00 10.72 ? 81  LEU A CD1 1 
ATOM   612 C CD2 . LEU A 1 81  ? 11.592  6.327   3.194   1.00 13.32 ? 81  LEU A CD2 1 
ATOM   613 N N   . LEU A 1 82  ? 9.010   2.457   5.885   1.00 8.19  ? 82  LEU A N   1 
ATOM   614 C CA  . LEU A 1 82  ? 8.182   1.979   6.999   1.00 8.35  ? 82  LEU A CA  1 
ATOM   615 C C   . LEU A 1 82  ? 9.081   1.727   8.192   1.00 12.25 ? 82  LEU A C   1 
ATOM   616 O O   . LEU A 1 82  ? 8.737   2.091   9.306   1.00 13.40 ? 82  LEU A O   1 
ATOM   617 C CB  . LEU A 1 82  ? 7.511   0.648   6.662   1.00 9.74  ? 82  LEU A CB  1 
ATOM   618 C CG  . LEU A 1 82  ? 6.236   0.772   5.856   1.00 9.59  ? 82  LEU A CG  1 
ATOM   619 C CD1 . LEU A 1 82  ? 5.852   -0.636  5.416   1.00 11.51 ? 82  LEU A CD1 1 
ATOM   620 C CD2 . LEU A 1 82  ? 5.146   1.443   6.680   1.00 12.45 ? 82  LEU A CD2 1 
ATOM   621 N N   . GLY A 1 83  ? 10.192  1.033   7.944   1.00 11.92 ? 83  GLY A N   1 
ATOM   622 C CA  . GLY A 1 83  ? 11.130  0.704   9.002   1.00 14.35 ? 83  GLY A CA  1 
ATOM   623 C C   . GLY A 1 83  ? 11.551  1.957   9.738   1.00 13.00 ? 83  GLY A C   1 
ATOM   624 O O   . GLY A 1 83  ? 11.563  1.978   10.955  1.00 13.53 ? 83  GLY A O   1 
ATOM   625 N N   . LYS A 1 84  ? 11.894  2.999   8.995   1.00 12.33 ? 84  LYS A N   1 
ATOM   626 C CA  . LYS A 1 84  ? 12.306  4.255   9.613   1.00 14.25 ? 84  LYS A CA  1 
ATOM   627 C C   . LYS A 1 84  ? 11.149  4.902   10.393  1.00 13.53 ? 84  LYS A C   1 
ATOM   628 O O   . LYS A 1 84  ? 11.328  5.379   11.537  1.00 15.63 ? 84  LYS A O   1 
ATOM   629 C CB  . LYS A 1 84  ? 12.824  5.169   8.513   1.00 15.73 ? 84  LYS A CB  1 
ATOM   630 C CG  . LYS A 1 84  ? 13.103  6.601   8.922   1.00 18.26 ? 84  LYS A CG  1 
ATOM   631 C CD  . LYS A 1 84  ? 13.592  7.393   7.720   1.00 18.64 ? 84  LYS A CD  1 
ATOM   632 C CE  . LYS A 1 84  ? 13.363  8.873   7.911   1.00 23.01 ? 84  LYS A CE  1 
ATOM   633 N NZ  . LYS A 1 84  ? 14.292  9.544   8.849   1.00 24.20 ? 84  LYS A NZ  1 
ATOM   634 N N   . ALA A 1 85  ? 9.952   4.899   9.801   1.00 13.36 ? 85  ALA A N   1 
ATOM   635 C CA  . ALA A 1 85  ? 8.766   5.496   10.428  1.00 10.76 ? 85  ALA A CA  1 
ATOM   636 C C   . ALA A 1 85  ? 8.268   4.766   11.656  1.00 11.55 ? 85  ALA A C   1 
ATOM   637 O O   . ALA A 1 85  ? 7.877   5.384   12.641  1.00 11.23 ? 85  ALA A O   1 
ATOM   638 C CB  . ALA A 1 85  ? 7.631   5.597   9.395   1.00 11.16 ? 85  ALA A CB  1 
ATOM   639 N N   . MET A 1 86  ? 8.304   3.439   11.605  1.00 10.76 ? 86  MET A N   1 
ATOM   640 C CA  . MET A 1 86  ? 7.796   2.624   12.699  1.00 10.65 ? 86  MET A CA  1 
ATOM   641 C C   . MET A 1 86  ? 8.844   2.158   13.686  1.00 10.43 ? 86  MET A C   1 
ATOM   642 O O   . MET A 1 86  ? 8.512   1.688   14.773  1.00 10.57 ? 86  MET A O   1 
ATOM   643 C CB  . MET A 1 86  ? 7.093   1.407   12.106  1.00 11.82 ? 86  MET A CB  1 
ATOM   644 C CG  . MET A 1 86  ? 5.794   1.786   11.449  1.00 14.08 ? 86  MET A CG  1 
ATOM   645 S SD  . MET A 1 86  ? 5.087   0.345   10.630  1.00 17.78 ? 86  MET A SD  1 
ATOM   646 C CE  . MET A 1 86  ? 4.375   -0.459  12.024  1.00 15.41 ? 86  MET A CE  1 
ATOM   647 N N   . ARG A 1 87  ? 10.110  2.241   13.302  1.00 9.49  ? 87  ARG A N   1 
ATOM   648 C CA  . ARG A 1 87  ? 11.197  1.781   14.165  1.00 11.36 ? 87  ARG A CA  1 
ATOM   649 C C   . ARG A 1 87  ? 10.991  0.316   14.624  1.00 12.05 ? 87  ARG A C   1 
ATOM   650 O O   . ARG A 1 87  ? 11.166  -0.009  15.791  1.00 12.94 ? 87  ARG A O   1 
ATOM   651 C CB  . ARG A 1 87  ? 11.349  2.736   15.356  1.00 10.32 ? 87  ARG A CB  1 
ATOM   652 C CG  . ARG A 1 87  ? 11.762  4.163   14.894  1.00 10.03 ? 87  ARG A CG  1 
ATOM   653 C CD  . ARG A 1 87  ? 12.122  5.003   16.096  1.00 11.82 ? 87  ARG A CD  1 
ATOM   654 N NE  . ARG A 1 87  ? 12.155  6.395   15.716  1.00 13.72 ? 87  ARG A NE  1 
ATOM   655 C CZ  . ARG A 1 87  ? 12.757  7.365   16.391  1.00 14.93 ? 87  ARG A CZ  1 
ATOM   656 N NH1 . ARG A 1 87  ? 13.378  7.118   17.533  1.00 11.45 ? 87  ARG A NH1 1 
ATOM   657 N NH2 . ARG A 1 87  ? 12.815  8.585   15.836  1.00 12.33 ? 87  ARG A NH2 1 
ATOM   658 N N   . LEU A 1 88  ? 10.594  -0.542  13.686  1.00 11.52 ? 88  LEU A N   1 
ATOM   659 C CA  . LEU A 1 88  ? 10.423  -1.975  13.935  1.00 11.38 ? 88  LEU A CA  1 
ATOM   660 C C   . LEU A 1 88  ? 11.760  -2.638  13.721  1.00 12.66 ? 88  LEU A C   1 
ATOM   661 O O   . LEU A 1 88  ? 12.572  -2.192  12.893  1.00 13.70 ? 88  LEU A O   1 
ATOM   662 C CB  . LEU A 1 88  ? 9.456   -2.609  12.930  1.00 12.09 ? 88  LEU A CB  1 
ATOM   663 C CG  . LEU A 1 88  ? 7.975   -2.308  13.062  1.00 12.29 ? 88  LEU A CG  1 
ATOM   664 C CD1 . LEU A 1 88  ? 7.263   -2.908  11.859  1.00 12.12 ? 88  LEU A CD1 1 
ATOM   665 C CD2 . LEU A 1 88  ? 7.420   -2.909  14.372  1.00 13.91 ? 88  LEU A CD2 1 
ATOM   666 N N   . ARG A 1 89  ? 11.999  -3.703  14.468  1.00 14.15 ? 89  ARG A N   1 
ATOM   667 C CA  . ARG A 1 89  ? 13.221  -4.463  14.309  1.00 14.88 ? 89  ARG A CA  1 
ATOM   668 C C   . ARG A 1 89  ? 13.044  -5.312  13.064  1.00 15.63 ? 89  ARG A C   1 
ATOM   669 O O   . ARG A 1 89  ? 13.980  -5.433  12.267  1.00 17.58 ? 89  ARG A O   1 
ATOM   670 C CB  . ARG A 1 89  ? 13.480  -5.354  15.512  1.00 16.60 ? 89  ARG A CB  1 
ATOM   671 C CG  . ARG A 1 89  ? 14.410  -6.521  15.207  1.00 24.44 ? 89  ARG A CG  1 
ATOM   672 C CD  . ARG A 1 89  ? 13.621  -7.739  14.713  1.00 30.00 ? 89  ARG A CD  1 
ATOM   673 N NE  . ARG A 1 89  ? 14.503  -8.816  14.254  1.00 35.98 ? 89  ARG A NE  1 
ATOM   674 C CZ  . ARG A 1 89  ? 14.421  -10.078 14.671  1.00 37.12 ? 89  ARG A CZ  1 
ATOM   675 N NH1 . ARG A 1 89  ? 13.497  -10.427 15.565  1.00 38.61 ? 89  ARG A NH1 1 
ATOM   676 N NH2 . ARG A 1 89  ? 15.251  -10.990 14.178  1.00 38.57 ? 89  ARG A NH2 1 
ATOM   677 N N   . ILE A 1 90  ? 11.866  -5.903  12.897  1.00 14.26 ? 90  ILE A N   1 
ATOM   678 C CA  . ILE A 1 90  ? 11.626  -6.700  11.710  1.00 16.60 ? 90  ILE A CA  1 
ATOM   679 C C   . ILE A 1 90  ? 10.447  -6.112  10.939  1.00 14.46 ? 90  ILE A C   1 
ATOM   680 O O   . ILE A 1 90  ? 9.314   -6.096  11.415  1.00 13.89 ? 90  ILE A O   1 
ATOM   681 C CB  . ILE A 1 90  ? 11.355  -8.179  12.049  1.00 19.93 ? 90  ILE A CB  1 
ATOM   682 C CG1 . ILE A 1 90  ? 10.596  -8.849  10.914  1.00 18.72 ? 90  ILE A CG1 1 
ATOM   683 C CG2 . ILE A 1 90  ? 10.596  -8.296  13.302  1.00 22.47 ? 90  ILE A CG2 1 
ATOM   684 C CD1 . ILE A 1 90  ? 11.478  -9.530  9.934   1.00 22.54 ? 90  ILE A CD1 1 
ATOM   685 N N   . VAL A 1 91  ? 10.727  -5.563  9.759   1.00 12.42 ? 91  VAL A N   1 
ATOM   686 C CA  . VAL A 1 91  ? 9.678   -5.003  8.905   1.00 12.04 ? 91  VAL A CA  1 
ATOM   687 C C   . VAL A 1 91  ? 9.062   -6.131  8.041   1.00 12.11 ? 91  VAL A C   1 
ATOM   688 O O   . VAL A 1 91  ? 9.778   -6.851  7.317   1.00 12.79 ? 91  VAL A O   1 
ATOM   689 C CB  . VAL A 1 91  ? 10.232  -3.916  7.962   1.00 11.40 ? 91  VAL A CB  1 
ATOM   690 C CG1 . VAL A 1 91  ? 9.076   -3.290  7.184   1.00 11.38 ? 91  VAL A CG1 1 
ATOM   691 C CG2 . VAL A 1 91  ? 10.957  -2.844  8.765   1.00 15.50 ? 91  VAL A CG2 1 
ATOM   692 N N   . PRO A 1 92  ? 7.738   -6.317  8.120   1.00 11.97 ? 92  PRO A N   1 
ATOM   693 C CA  . PRO A 1 92  ? 7.103   -7.379  7.328   1.00 11.64 ? 92  PRO A CA  1 
ATOM   694 C C   . PRO A 1 92  ? 7.383   -7.242  5.860   1.00 12.40 ? 92  PRO A C   1 
ATOM   695 O O   . PRO A 1 92  ? 7.617   -6.139  5.373   1.00 10.63 ? 92  PRO A O   1 
ATOM   696 C CB  . PRO A 1 92  ? 5.621   -7.153  7.535   1.00 11.84 ? 92  PRO A CB  1 
ATOM   697 C CG  . PRO A 1 92  ? 5.529   -6.400  8.797   1.00 13.93 ? 92  PRO A CG  1 
ATOM   698 C CD  . PRO A 1 92  ? 6.720   -5.467  8.756   1.00 12.33 ? 92  PRO A CD  1 
ATOM   699 N N   . GLU A 1 93  ? 7.312   -8.372  5.164   1.00 12.40 ? 93  GLU A N   1 
ATOM   700 C CA  . GLU A 1 93  ? 7.378   -8.358  3.725   1.00 13.54 ? 93  GLU A CA  1 
ATOM   701 C C   . GLU A 1 93  ? 6.042   -7.689  3.331   1.00 11.95 ? 93  GLU A C   1 
ATOM   702 O O   . GLU A 1 93  ? 5.065   -7.685  4.072   1.00 13.43 ? 93  GLU A O   1 
ATOM   703 C CB  . GLU A 1 93  ? 7.417   -9.791  3.181   1.00 17.28 ? 93  GLU A CB  1 
ATOM   704 C CG  . GLU A 1 93  ? 8.710   -10.522 3.454   1.00 22.48 ? 93  GLU A CG  1 
ATOM   705 C CD  . GLU A 1 93  ? 9.871   -9.877  2.744   1.00 26.48 ? 93  GLU A CD  1 
ATOM   706 O OE1 . GLU A 1 93  ? 9.749   -9.568  1.530   1.00 29.98 ? 93  GLU A OE1 1 
ATOM   707 O OE2 . GLU A 1 93  ? 10.918  -9.662  3.394   1.00 30.91 ? 93  GLU A OE2 1 
ATOM   708 N N   . ILE A 1 94  ? 6.010   -7.028  2.189   1.00 11.59 ? 94  ILE A N   1 
ATOM   709 C CA  . ILE A 1 94  ? 4.772   -6.429  1.756   1.00 8.84  ? 94  ILE A CA  1 
ATOM   710 C C   . ILE A 1 94  ? 4.304   -6.813  0.357   1.00 9.55  ? 94  ILE A C   1 
ATOM   711 O O   . ILE A 1 94  ? 5.125   -6.932  -0.568  1.00 10.57 ? 94  ILE A O   1 
ATOM   712 C CB  . ILE A 1 94  ? 4.845   -4.855  1.838   1.00 11.85 ? 94  ILE A CB  1 
ATOM   713 C CG1 . ILE A 1 94  ? 5.965   -4.322  0.926   1.00 9.57  ? 94  ILE A CG1 1 
ATOM   714 C CG2 . ILE A 1 94  ? 5.060   -4.415  3.275   1.00 9.08  ? 94  ILE A CG2 1 
ATOM   715 C CD1 . ILE A 1 94  ? 6.067   -2.760  0.999   1.00 9.46  ? 94  ILE A CD1 1 
ATOM   716 N N   . ARG A 1 95  ? 2.984   -6.977  0.198   1.00 8.85  ? 95  ARG A N   1 
ATOM   717 C CA  . ARG A 1 95  ? 2.391   -7.239  -1.114  1.00 9.64  ? 95  ARG A CA  1 
ATOM   718 C C   . ARG A 1 95  ? 1.272   -6.245  -1.355  1.00 9.81  ? 95  ARG A C   1 
ATOM   719 O O   . ARG A 1 95  ? 0.571   -5.868  -0.399  1.00 11.57 ? 95  ARG A O   1 
ATOM   720 C CB  . ARG A 1 95  ? 1.843   -8.665  -1.227  1.00 11.51 ? 95  ARG A CB  1 
ATOM   721 C CG  . ARG A 1 95  ? 1.299   -9.296  0.031   1.00 17.92 ? 95  ARG A CG  1 
ATOM   722 C CD  . ARG A 1 95  ? 1.300   -10.826 -0.174  1.00 19.71 ? 95  ARG A CD  1 
ATOM   723 N NE  . ARG A 1 95  ? 0.495   -11.105 -1.342  1.00 19.98 ? 95  ARG A NE  1 
ATOM   724 C CZ  . ARG A 1 95  ? -0.521  -11.941 -1.339  1.00 21.35 ? 95  ARG A CZ  1 
ATOM   725 N NH1 . ARG A 1 95  ? -0.816  -12.598 -0.232  1.00 21.11 ? 95  ARG A NH1 1 
ATOM   726 N NH2 . ARG A 1 95  ? -1.285  -12.056 -2.411  1.00 21.93 ? 95  ARG A NH2 1 
ATOM   727 N N   . PHE A 1 96  ? 1.094   -5.777  -2.601  1.00 6.61  ? 96  PHE A N   1 
ATOM   728 C CA  . PHE A 1 96  ? 0.016   -4.819  -2.845  1.00 7.52  ? 96  PHE A CA  1 
ATOM   729 C C   . PHE A 1 96  ? -1.082  -5.505  -3.587  1.00 7.64  ? 96  PHE A C   1 
ATOM   730 O O   . PHE A 1 96  ? -0.797  -6.252  -4.544  1.00 7.75  ? 96  PHE A O   1 
ATOM   731 C CB  . PHE A 1 96  ? 0.476   -3.604  -3.692  1.00 6.03  ? 96  PHE A CB  1 
ATOM   732 C CG  . PHE A 1 96  ? 1.392   -2.668  -2.944  1.00 5.34  ? 96  PHE A CG  1 
ATOM   733 C CD1 . PHE A 1 96  ? 2.760   -2.890  -2.906  1.00 6.72  ? 96  PHE A CD1 1 
ATOM   734 C CD2 . PHE A 1 96  ? 0.855   -1.598  -2.243  1.00 7.35  ? 96  PHE A CD2 1 
ATOM   735 C CE1 . PHE A 1 96  ? 3.623   -2.041  -2.149  1.00 10.22 ? 96  PHE A CE1 1 
ATOM   736 C CE2 . PHE A 1 96  ? 1.676   -0.753  -1.496  1.00 10.25 ? 96  PHE A CE2 1 
ATOM   737 C CZ  . PHE A 1 96  ? 3.081   -0.981  -1.445  1.00 8.33  ? 96  PHE A CZ  1 
ATOM   738 N N   . ILE A 1 97  ? -2.328  -5.239  -3.166  1.00 7.92  ? 97  ILE A N   1 
ATOM   739 C CA  . ILE A 1 97  ? -3.487  -5.833  -3.816  1.00 8.54  ? 97  ILE A CA  1 
ATOM   740 C C   . ILE A 1 97  ? -4.518  -4.767  -4.173  1.00 6.38  ? 97  ILE A C   1 
ATOM   741 O O   . ILE A 1 97  ? -4.950  -3.980  -3.327  1.00 6.25  ? 97  ILE A O   1 
ATOM   742 C CB  . ILE A 1 97  ? -4.136  -6.910  -2.897  1.00 7.33  ? 97  ILE A CB  1 
ATOM   743 C CG1 . ILE A 1 97  ? -3.101  -8.028  -2.618  1.00 14.73 ? 97  ILE A CG1 1 
ATOM   744 C CG2 . ILE A 1 97  ? -5.372  -7.482  -3.568  1.00 11.79 ? 97  ILE A CG2 1 
ATOM   745 C CD1 . ILE A 1 97  ? -3.466  -8.929  -1.532  1.00 16.94 ? 97  ILE A CD1 1 
ATOM   746 N N   . TYR A 1 98  ? -4.929  -4.697  -5.410  1.00 7.02  ? 98  TYR A N   1 
ATOM   747 C CA  . TYR A 1 98  ? -5.915  -3.683  -5.739  1.00 9.64  ? 98  TYR A CA  1 
ATOM   748 C C   . TYR A 1 98  ? -7.296  -4.093  -5.219  1.00 9.87  ? 98  TYR A C   1 
ATOM   749 O O   . TYR A 1 98  ? -7.821  -5.149  -5.607  1.00 10.75 ? 98  TYR A O   1 
ATOM   750 C CB  . TYR A 1 98  ? -5.975  -3.447  -7.256  1.00 12.15 ? 98  TYR A CB  1 
ATOM   751 C CG  . TYR A 1 98  ? -6.620  -2.116  -7.526  1.00 9.79  ? 98  TYR A CG  1 
ATOM   752 C CD1 . TYR A 1 98  ? -8.025  -1.967  -7.428  1.00 11.75 ? 98  TYR A CD1 1 
ATOM   753 C CD2 . TYR A 1 98  ? -5.869  -0.988  -7.879  1.00 7.39  ? 98  TYR A CD2 1 
ATOM   754 C CE1 . TYR A 1 98  ? -8.647  -0.732  -7.636  1.00 11.58 ? 98  TYR A CE1 1 
ATOM   755 C CE2 . TYR A 1 98  ? -6.485  0.244   -8.088  1.00 11.65 ? 98  TYR A CE2 1 
ATOM   756 C CZ  . TYR A 1 98  ? -7.847  0.368   -7.963  1.00 11.00 ? 98  TYR A CZ  1 
ATOM   757 O OH  . TYR A 1 98  ? -8.428  1.606   -8.151  1.00 10.54 ? 98  TYR A OH  1 
ATOM   758 N N   . ASP A 1 99  ? -7.868  -3.257  -4.346  1.00 5.78  ? 99  ASP A N   1 
ATOM   759 C CA  . ASP A 1 99  ? -9.143  -3.491  -3.705  1.00 6.79  ? 99  ASP A CA  1 
ATOM   760 C C   . ASP A 1 99  ? -10.342 -3.157  -4.634  1.00 6.23  ? 99  ASP A C   1 
ATOM   761 O O   . ASP A 1 99  ? -10.651 -1.980  -4.848  1.00 9.73  ? 99  ASP A O   1 
ATOM   762 C CB  . ASP A 1 99  ? -9.173  -2.646  -2.420  1.00 8.79  ? 99  ASP A CB  1 
ATOM   763 C CG  . ASP A 1 99  ? -10.328 -2.962  -1.556  1.00 10.04 ? 99  ASP A CG  1 
ATOM   764 O OD1 . ASP A 1 99  ? -11.271 -3.578  -2.073  1.00 6.89  ? 99  ASP A OD1 1 
ATOM   765 O OD2 . ASP A 1 99  ? -10.311 -2.601  -0.366  1.00 12.45 ? 99  ASP A OD2 1 
ATOM   766 N N   . GLN A 1 100 ? -11.014 -4.164  -5.193  1.00 5.53  ? 100 GLN A N   1 
ATOM   767 C CA  . GLN A 1 100 ? -12.157 -3.856  -6.060  1.00 6.87  ? 100 GLN A CA  1 
ATOM   768 C C   . GLN A 1 100 ? -13.562 -3.822  -5.355  1.00 7.89  ? 100 GLN A C   1 
ATOM   769 O O   . GLN A 1 100 ? -14.635 -3.916  -6.014  1.00 7.51  ? 100 GLN A O   1 
ATOM   770 C CB  . GLN A 1 100 ? -12.169 -4.830  -7.262  1.00 7.97  ? 100 GLN A CB  1 
ATOM   771 C CG  . GLN A 1 100 ? -10.895 -4.788  -8.131  1.00 6.55  ? 100 GLN A CG  1 
ATOM   772 C CD  . GLN A 1 100 ? -11.005 -5.741  -9.334  1.00 11.77 ? 100 GLN A CD  1 
ATOM   773 O OE1 . GLN A 1 100 ? -11.642 -6.750  -9.246  1.00 11.88 ? 100 GLN A OE1 1 
ATOM   774 N NE2 . GLN A 1 100 ? -10.376 -5.393  -10.464 1.00 12.75 ? 100 GLN A NE2 1 
ATOM   775 N N   . SER A 1 101 ? -13.519 -3.589  -4.036  1.00 8.32  ? 101 SER A N   1 
ATOM   776 C CA  . SER A 1 101 ? -14.708 -3.477  -3.175  1.00 9.17  ? 101 SER A CA  1 
ATOM   777 C C   . SER A 1 101 ? -15.582 -2.318  -3.681  1.00 10.02 ? 101 SER A C   1 
ATOM   778 O O   . SER A 1 101 ? -15.091 -1.370  -4.252  1.00 7.24  ? 101 SER A O   1 
ATOM   779 C CB  . SER A 1 101 ? -14.316 -3.150  -1.724  1.00 9.28  ? 101 SER A CB  1 
ATOM   780 O OG  . SER A 1 101 ? -13.550 -4.167  -1.106  1.00 11.04 ? 101 SER A OG  1 
ATOM   781 N N   . LEU A 1 102 ? -16.882 -2.418  -3.440  1.00 9.96  ? 102 LEU A N   1 
ATOM   782 C CA  . LEU A 1 102 ? -17.849 -1.457  -3.889  1.00 14.13 ? 102 LEU A CA  1 
ATOM   783 C C   . LEU A 1 102 ? -17.656 -0.149  -3.168  1.00 14.28 ? 102 LEU A C   1 
ATOM   784 O O   . LEU A 1 102 ? -17.505 -0.135  -1.958  1.00 16.22 ? 102 LEU A O   1 
ATOM   785 C CB  . LEU A 1 102 ? -19.255 -2.018  -3.662  1.00 14.76 ? 102 LEU A CB  1 
ATOM   786 C CG  . LEU A 1 102 ? -20.372 -1.977  -4.705  1.00 18.80 ? 102 LEU A CG  1 
ATOM   787 C CD1 . LEU A 1 102 ? -21.665 -1.940  -3.924  1.00 16.31 ? 102 LEU A CD1 1 
ATOM   788 C CD2 . LEU A 1 102 ? -20.285 -0.787  -5.686  1.00 17.84 ? 102 LEU A CD2 1 
ATOM   789 N N   . VAL A 1 103 ? -17.643 0.937   -3.948  1.00 17.70 ? 103 VAL A N   1 
ATOM   790 C CA  . VAL A 1 103 ? -17.455 2.288   -3.450  1.00 20.13 ? 103 VAL A CA  1 
ATOM   791 C C   . VAL A 1 103 ? -18.540 3.199   -3.999  1.00 22.42 ? 103 VAL A C   1 
ATOM   792 O O   . VAL A 1 103 ? -18.842 3.169   -5.191  1.00 23.82 ? 103 VAL A O   1 
ATOM   793 C CB  . VAL A 1 103 ? -16.090 2.880   -3.910  1.00 19.03 ? 103 VAL A CB  1 
ATOM   794 C CG1 . VAL A 1 103 ? -16.043 4.359   -3.623  1.00 16.28 ? 103 VAL A CG1 1 
ATOM   795 C CG2 . VAL A 1 103 ? -14.943 2.187   -3.159  1.00 16.87 ? 103 VAL A CG2 1 
ATOM   796 N N   . GLU A 1 104 ? -19.131 4.008   -3.133  1.00 26.35 ? 104 GLU A N   1 
ATOM   797 C CA  . GLU A 1 104 ? -20.131 4.953   -3.596  1.00 30.05 ? 104 GLU A CA  1 
ATOM   798 C C   . GLU A 1 104 ? -19.452 6.318   -3.722  1.00 31.41 ? 104 GLU A C   1 
ATOM   799 O O   . GLU A 1 104 ? -19.206 6.799   -4.831  1.00 31.31 ? 104 GLU A O   1 
ATOM   800 C CB  . GLU A 1 104 ? -21.318 5.040   -2.633  1.00 33.24 ? 104 GLU A CB  1 
ATOM   801 C CG  . GLU A 1 104 ? -22.249 3.824   -2.632  1.00 38.47 ? 104 GLU A CG  1 
ATOM   802 C CD  . GLU A 1 104 ? -23.013 3.608   -3.949  1.00 40.68 ? 104 GLU A CD  1 
ATOM   803 O OE1 . GLU A 1 104 ? -24.080 4.252   -4.124  1.00 40.89 ? 104 GLU A OE1 1 
ATOM   804 O OE2 . GLU A 1 104 ? -22.549 2.801   -4.803  1.00 42.98 ? 104 GLU A OE2 1 
ATOM   805 N N   . GLY A 1 105 ? -19.090 6.910   -2.588  1.00 33.22 ? 105 GLY A N   1 
ATOM   806 C CA  . GLY A 1 105 ? -18.477 8.223   -2.620  1.00 35.86 ? 105 GLY A CA  1 
ATOM   807 C C   . GLY A 1 105 ? -19.650 9.183   -2.655  1.00 38.43 ? 105 GLY A C   1 
ATOM   808 O O   . GLY A 1 105 ? -20.055 9.779   -1.636  1.00 38.80 ? 105 GLY A O   1 
ATOM   809 N N   . MET A 1 106 ? -20.214 9.343   -3.841  1.00 38.86 ? 106 MET A N   1 
ATOM   810 C CA  . MET A 1 106 ? -21.382 10.195  -3.946  1.00 39.09 ? 106 MET A CA  1 
ATOM   811 C C   . MET A 1 106 ? -22.338 9.519   -4.924  1.00 39.32 ? 106 MET A C   1 
ATOM   812 O O   . MET A 1 106 ? -21.837 8.704   -5.738  1.00 38.85 ? 106 MET A O   1 
ATOM   813 C CB  . MET A 1 106 ? -20.969 11.568  -4.430  1.00 37.62 ? 106 MET A CB  1 
ATOM   814 C CG  . MET A 1 106 ? -20.916 11.689  -5.923  1.00 35.73 ? 106 MET A CG  1 
ATOM   815 S SD  . MET A 1 106 ? -20.270 13.290  -6.377  1.00 33.82 ? 106 MET A SD  1 
ATOM   816 C CE  . MET A 1 106 ? -21.252 14.360  -5.287  1.00 34.26 ? 106 MET A CE  1 
HETATM 817 O O   . HOH B 2 .   ? -0.355  -12.008 16.937  1.00 29.30 ? 129 HOH A O   1 
HETATM 818 O O   . HOH B 2 .   ? -1.973  -7.698  26.791  1.00 18.06 ? 130 HOH A O   1 
HETATM 819 O O   . HOH B 2 .   ? -5.095  -9.379  12.695  1.00 24.73 ? 131 HOH A O   1 
HETATM 820 O O   . HOH B 2 .   ? -5.888  -1.640  15.525  1.00 32.25 ? 132 HOH A O   1 
HETATM 821 O O   . HOH B 2 .   ? -6.161  4.635   5.045   1.00 39.89 ? 133 HOH A O   1 
HETATM 822 O O   . HOH B 2 .   ? -6.856  0.844   10.555  1.00 34.75 ? 134 HOH A O   1 
HETATM 823 O O   . HOH B 2 .   ? -7.963  -1.039  8.894   1.00 22.58 ? 135 HOH A O   1 
HETATM 824 O O   . HOH B 2 .   ? -1.822  8.191   7.443   1.00 24.53 ? 136 HOH A O   1 
HETATM 825 O O   . HOH B 2 .   ? -0.546  8.129   9.480   1.00 24.98 ? 137 HOH A O   1 
HETATM 826 O O   . HOH B 2 .   ? 5.005   7.293   7.237   1.00 16.70 ? 138 HOH A O   1 
HETATM 827 O O   . HOH B 2 .   ? 2.251   12.145  2.614   1.00 26.17 ? 139 HOH A O   1 
HETATM 828 O O   . HOH B 2 .   ? 0.009   8.948   -4.328  1.00 11.94 ? 140 HOH A O   1 
HETATM 829 O O   . HOH B 2 .   ? -3.469  13.976  0.359   1.00 24.59 ? 141 HOH A O   1 
HETATM 830 O O   . HOH B 2 .   ? -3.714  9.909   2.019   1.00 34.09 ? 142 HOH A O   1 
HETATM 831 O O   . HOH B 2 .   ? 10.700  10.728  3.213   1.00 34.63 ? 143 HOH A O   1 
HETATM 832 O O   . HOH B 2 .   ? 5.387   13.148  4.976   1.00 26.24 ? 144 HOH A O   1 
HETATM 833 O O   . HOH B 2 .   ? 7.050   10.091  6.126   1.00 40.68 ? 145 HOH A O   1 
HETATM 834 O O   . HOH B 2 .   ? 6.625   8.093   -12.066 1.00 41.00 ? 146 HOH A O   1 
HETATM 835 O O   . HOH B 2 .   ? 2.534   7.303   -15.835 1.00 24.09 ? 147 HOH A O   1 
HETATM 836 O O   . HOH B 2 .   ? 3.738   3.578   -11.587 1.00 20.93 ? 148 HOH A O   1 
HETATM 837 O O   . HOH B 2 .   ? -4.054  13.115  -13.362 1.00 35.16 ? 149 HOH A O   1 
HETATM 838 O O   . HOH B 2 .   ? -4.987  10.527  -15.401 1.00 23.44 ? 150 HOH A O   1 
HETATM 839 O O   . HOH B 2 .   ? 2.702   6.777   -18.679 1.00 23.74 ? 151 HOH A O   1 
HETATM 840 O O   . HOH B 2 .   ? -5.615  6.793   -16.295 1.00 14.87 ? 152 HOH A O   1 
HETATM 841 O O   . HOH B 2 .   ? 0.264   9.179   -8.098  1.00 27.02 ? 153 HOH A O   1 
HETATM 842 O O   . HOH B 2 .   ? -4.524  12.661  -7.231  1.00 15.24 ? 154 HOH A O   1 
HETATM 843 O O   . HOH B 2 .   ? -6.860  7.688   -4.381  1.00 13.98 ? 155 HOH A O   1 
HETATM 844 O O   . HOH B 2 .   ? -2.362  7.195   0.787   1.00 17.43 ? 156 HOH A O   1 
HETATM 845 O O   . HOH B 2 .   ? -10.468 -1.108  5.836   1.00 38.54 ? 157 HOH A O   1 
HETATM 846 O O   . HOH B 2 .   ? -6.656  -11.341 2.735   1.00 29.24 ? 158 HOH A O   1 
HETATM 847 O O   . HOH B 2 .   ? -9.382  -7.198  5.958   1.00 26.16 ? 159 HOH A O   1 
HETATM 848 O O   . HOH B 2 .   ? -4.230  -7.723  10.054  1.00 26.86 ? 160 HOH A O   1 
HETATM 849 O O   . HOH B 2 .   ? -1.401  -15.749 10.191  1.00 31.08 ? 161 HOH A O   1 
HETATM 850 O O   . HOH B 2 .   ? 3.719   -13.148 16.583  1.00 24.64 ? 162 HOH A O   1 
HETATM 851 O O   . HOH B 2 .   ? 2.925   -16.620 7.856   1.00 25.16 ? 163 HOH A O   1 
HETATM 852 O O   . HOH B 2 .   ? 6.637   -7.161  12.048  1.00 18.91 ? 164 HOH A O   1 
HETATM 853 O O   . HOH B 2 .   ? 3.348   -10.179 2.287   1.00 20.47 ? 165 HOH A O   1 
HETATM 854 O O   . HOH B 2 .   ? -4.509  -12.238 5.123   1.00 28.52 ? 166 HOH A O   1 
HETATM 855 O O   . HOH B 2 .   ? -9.060  5.774   -4.548  1.00 10.57 ? 167 HOH A O   1 
HETATM 856 O O   . HOH B 2 .   ? -10.617 3.127   -1.550  1.00 21.22 ? 168 HOH A O   1 
HETATM 857 O O   . HOH B 2 .   ? -10.594 5.228   -6.522  1.00 11.07 ? 169 HOH A O   1 
HETATM 858 O O   . HOH B 2 .   ? -11.686 7.242   -8.152  1.00 15.22 ? 170 HOH A O   1 
HETATM 859 O O   . HOH B 2 .   ? -4.970  4.157   -13.380 1.00 20.33 ? 171 HOH A O   1 
HETATM 860 O O   . HOH B 2 .   ? -13.193 6.063   -13.191 1.00 20.96 ? 172 HOH A O   1 
HETATM 861 O O   . HOH B 2 .   ? -13.633 5.630   -9.302  1.00 19.69 ? 173 HOH A O   1 
HETATM 862 O O   . HOH B 2 .   ? -14.437 2.075   -10.138 1.00 25.58 ? 174 HOH A O   1 
HETATM 863 O O   . HOH B 2 .   ? -11.039 1.529   -8.182  1.00 13.38 ? 175 HOH A O   1 
HETATM 864 O O   . HOH B 2 .   ? -11.006 7.092   -13.656 1.00 14.80 ? 176 HOH A O   1 
HETATM 865 O O   . HOH B 2 .   ? -4.537  6.362   -18.553 1.00 15.89 ? 177 HOH A O   1 
HETATM 866 O O   . HOH B 2 .   ? -7.012  4.710   -15.182 1.00 7.56  ? 178 HOH A O   1 
HETATM 867 O O   . HOH B 2 .   ? -9.055  -0.628  -19.857 1.00 22.05 ? 179 HOH A O   1 
HETATM 868 O O   . HOH B 2 .   ? -5.372  -3.982  -14.466 1.00 16.29 ? 180 HOH A O   1 
HETATM 869 O O   . HOH B 2 .   ? 0.982   -8.792  -14.053 1.00 23.93 ? 181 HOH A O   1 
HETATM 870 O O   . HOH B 2 .   ? -2.732  -7.455  -15.009 1.00 32.58 ? 182 HOH A O   1 
HETATM 871 O O   . HOH B 2 .   ? -3.643  -4.890  -12.582 1.00 21.91 ? 183 HOH A O   1 
HETATM 872 O O   . HOH B 2 .   ? 0.100   3.950   -14.964 1.00 12.48 ? 184 HOH A O   1 
HETATM 873 O O   . HOH B 2 .   ? 5.521   0.101   -13.968 1.00 18.13 ? 185 HOH A O   1 
HETATM 874 O O   . HOH B 2 .   ? 3.648   2.972   -9.227  1.00 17.09 ? 186 HOH A O   1 
HETATM 875 O O   . HOH B 2 .   ? 3.213   -3.051  -16.562 1.00 27.29 ? 187 HOH A O   1 
HETATM 876 O O   . HOH B 2 .   ? 8.211   1.958   -9.017  1.00 21.91 ? 188 HOH A O   1 
HETATM 877 O O   . HOH B 2 .   ? 5.950   -7.599  -11.430 1.00 36.28 ? 189 HOH A O   1 
HETATM 878 O O   . HOH B 2 .   ? 10.253  -6.048  -6.475  1.00 32.77 ? 190 HOH A O   1 
HETATM 879 O O   . HOH B 2 .   ? 11.456  1.134   -14.114 1.00 37.52 ? 191 HOH A O   1 
HETATM 880 O O   . HOH B 2 .   ? 13.187  -2.907  -7.517  1.00 20.03 ? 192 HOH A O   1 
HETATM 881 O O   . HOH B 2 .   ? 5.523   -5.851  -3.192  1.00 14.74 ? 193 HOH A O   1 
HETATM 882 O O   . HOH B 2 .   ? 11.716  9.221   1.344   1.00 39.40 ? 194 HOH A O   1 
HETATM 883 O O   . HOH B 2 .   ? 12.556  -0.052  -4.222  1.00 11.73 ? 195 HOH A O   1 
HETATM 884 O O   . HOH B 2 .   ? 12.273  -5.953  0.345   1.00 13.57 ? 196 HOH A O   1 
HETATM 885 O O   . HOH B 2 .   ? 14.495  -7.064  4.568   1.00 21.69 ? 197 HOH A O   1 
HETATM 886 O O   . HOH B 2 .   ? 14.914  5.108   3.325   1.00 24.91 ? 198 HOH A O   1 
HETATM 887 O O   . HOH B 2 .   ? 10.138  7.298   6.738   1.00 27.73 ? 199 HOH A O   1 
HETATM 888 O O   . HOH B 2 .   ? 14.060  6.151   12.146  1.00 19.22 ? 200 HOH A O   1 
HETATM 889 O O   . HOH B 2 .   ? 11.266  7.389   13.462  1.00 33.05 ? 201 HOH A O   1 
HETATM 890 O O   . HOH B 2 .   ? 15.667  8.504   18.211  1.00 28.34 ? 202 HOH A O   1 
HETATM 891 O O   . HOH B 2 .   ? 13.830  -1.306  10.559  1.00 16.91 ? 203 HOH A O   1 
HETATM 892 O O   . HOH B 2 .   ? 14.264  -0.126  14.198  1.00 19.08 ? 204 HOH A O   1 
HETATM 893 O O   . HOH B 2 .   ? 15.980  -8.700  16.128  1.00 26.99 ? 205 HOH A O   1 
HETATM 894 O O   . HOH B 2 .   ? 10.617  -9.475  6.721   1.00 15.66 ? 206 HOH A O   1 
HETATM 895 O O   . HOH B 2 .   ? 8.198   -7.340  0.553   1.00 16.78 ? 207 HOH A O   1 
HETATM 896 O O   . HOH B 2 .   ? 1.227   -12.323 2.021   1.00 26.94 ? 208 HOH A O   1 
HETATM 897 O O   . HOH B 2 .   ? -1.518  -14.602 1.499   1.00 27.97 ? 209 HOH A O   1 
HETATM 898 O O   . HOH B 2 .   ? 3.144   -6.299  -4.520  1.00 17.94 ? 210 HOH A O   1 
HETATM 899 O O   . HOH B 2 .   ? -1.460  -7.672  -6.746  1.00 15.26 ? 211 HOH A O   1 
HETATM 900 O O   . HOH B 2 .   ? -4.106  -6.828  -7.250  1.00 18.02 ? 212 HOH A O   1 
HETATM 901 O O   . HOH B 2 .   ? -8.230  -7.532  -6.687  1.00 28.95 ? 213 HOH A O   1 
HETATM 902 O O   . HOH B 2 .   ? -12.523 -1.284  0.620   1.00 20.21 ? 214 HOH A O   1 
HETATM 903 O O   . HOH B 2 .   ? -9.287  -2.549  -10.808 1.00 23.09 ? 215 HOH A O   1 
HETATM 904 O O   . HOH B 2 .   ? -12.842 -8.415  -10.882 1.00 15.69 ? 216 HOH A O   1 
HETATM 905 O O   . HOH B 2 .   ? -12.620 -0.205  -4.045  1.00 10.79 ? 217 HOH A O   1 
HETATM 906 O O   . HOH B 2 .   ? -14.278 -6.696  -1.109  1.00 41.68 ? 218 HOH A O   1 
HETATM 907 O O   . HOH B 2 .   ? -16.741 1.556   -0.030  1.00 31.01 ? 219 HOH A O   1 
HETATM 908 O O   . HOH B 2 .   ? -17.221 -1.795  0.077   1.00 15.81 ? 220 HOH A O   1 
HETATM 909 O O   . HOH B 2 .   ? -17.354 4.317   -7.657  1.00 30.78 ? 221 HOH A O   1 
HETATM 910 O O   . HOH B 2 .   ? -17.339 0.879   -6.749  1.00 18.04 ? 222 HOH A O   1 
HETATM 911 O O   . HOH B 2 .   ? -19.833 5.621   -7.237  1.00 39.59 ? 223 HOH A O   1 
HETATM 912 O O   . HOH B 2 .   ? -21.052 2.709   -7.280  1.00 19.69 ? 224 HOH A O   1 
HETATM 913 O O   . HOH B 2 .   ? -17.302 4.062   -0.820  1.00 41.62 ? 225 HOH A O   1 
HETATM 914 O O   . HOH B 2 .   ? -8.730  4.586   3.529   1.00 29.48 ? 226 HOH A O   1 
HETATM 915 O O   . HOH B 2 .   ? -9.262  2.917   9.698   1.00 32.08 ? 227 HOH A O   1 
HETATM 916 O O   . HOH B 2 .   ? -1.632  10.450  4.471   1.00 23.75 ? 228 HOH A O   1 
HETATM 917 O O   . HOH B 2 .   ? 7.345   13.993  7.327   1.00 36.16 ? 229 HOH A O   1 
HETATM 918 O O   . HOH B 2 .   ? 5.587   5.635   -11.280 1.00 18.75 ? 230 HOH A O   1 
HETATM 919 O O   . HOH B 2 .   ? 5.105   2.551   -13.381 1.00 36.50 ? 231 HOH A O   1 
HETATM 920 O O   . HOH B 2 .   ? -2.112  13.971  -11.465 1.00 36.37 ? 232 HOH A O   1 
HETATM 921 O O   . HOH B 2 .   ? 0.002   11.746  -8.637  1.00 42.82 ? 233 HOH A O   1 
HETATM 922 O O   . HOH B 2 .   ? -1.426  12.865  -6.446  1.00 23.36 ? 234 HOH A O   1 
HETATM 923 O O   . HOH B 2 .   ? -6.915  12.902  -5.233  1.00 27.98 ? 235 HOH A O   1 
HETATM 924 O O   . HOH B 2 .   ? -8.311  10.292  -4.216  1.00 12.78 ? 236 HOH A O   1 
HETATM 925 O O   . HOH B 2 .   ? -4.496  6.344   2.047   1.00 15.46 ? 237 HOH A O   1 
HETATM 926 O O   . HOH B 2 .   ? -8.846  -12.962 3.904   1.00 20.19 ? 238 HOH A O   1 
HETATM 927 O O   . HOH B 2 .   ? 6.438   -11.951 16.342  1.00 24.49 ? 239 HOH A O   1 
HETATM 928 O O   . HOH B 2 .   ? 5.099   -11.387 0.410   1.00 19.74 ? 240 HOH A O   1 
HETATM 929 O O   . HOH B 2 .   ? -10.625 7.210   -2.898  1.00 17.49 ? 241 HOH A O   1 
HETATM 930 O O   . HOH B 2 .   ? -12.054 5.154   -2.424  1.00 21.48 ? 242 HOH A O   1 
HETATM 931 O O   . HOH B 2 .   ? -10.468 3.813   1.091   1.00 30.28 ? 243 HOH A O   1 
HETATM 932 O O   . HOH B 2 .   ? -12.070 0.926   -1.416  1.00 15.49 ? 244 HOH A O   1 
HETATM 933 O O   . HOH B 2 .   ? -12.569 4.308   -5.133  1.00 16.53 ? 245 HOH A O   1 
HETATM 934 O O   . HOH B 2 .   ? -12.567 9.201   -6.276  1.00 12.47 ? 246 HOH A O   1 
HETATM 935 O O   . HOH B 2 .   ? -11.365 -0.553  -9.958  1.00 23.09 ? 247 HOH A O   1 
HETATM 936 O O   . HOH B 2 .   ? -12.756 1.873   -6.037  1.00 13.17 ? 248 HOH A O   1 
HETATM 937 O O   . HOH B 2 .   ? -14.607 0.948   -7.634  1.00 28.53 ? 249 HOH A O   1 
HETATM 938 O O   . HOH B 2 .   ? -7.736  -4.305  -13.123 1.00 23.12 ? 250 HOH A O   1 
HETATM 939 O O   . HOH B 2 .   ? -0.711  -9.971  -16.437 1.00 33.49 ? 251 HOH A O   1 
HETATM 940 O O   . HOH B 2 .   ? -5.099  -8.118  -13.057 1.00 31.33 ? 252 HOH A O   1 
HETATM 941 O O   . HOH B 2 .   ? -4.348  -4.804  -10.021 1.00 20.39 ? 253 HOH A O   1 
HETATM 942 O O   . HOH B 2 .   ? 6.069   -1.316  -16.078 1.00 33.90 ? 254 HOH A O   1 
HETATM 943 O O   . HOH B 2 .   ? 5.775   3.997   -7.714  1.00 19.98 ? 255 HOH A O   1 
HETATM 944 O O   . HOH B 2 .   ? 10.965  2.253   -8.112  1.00 23.94 ? 256 HOH A O   1 
HETATM 945 O O   . HOH B 2 .   ? 7.366   -5.252  -10.779 1.00 27.44 ? 257 HOH A O   1 
HETATM 946 O O   . HOH B 2 .   ? 12.543  2.513   -5.598  1.00 29.62 ? 258 HOH A O   1 
HETATM 947 O O   . HOH B 2 .   ? 9.941   -5.601  -1.197  1.00 10.35 ? 259 HOH A O   1 
HETATM 948 O O   . HOH B 2 .   ? 0.302   -12.924 4.223   1.00 34.88 ? 260 HOH A O   1 
HETATM 949 O O   . HOH B 2 .   ? 2.741   -8.992  -4.958  1.00 30.96 ? 261 HOH A O   1 
HETATM 950 O O   . HOH B 2 .   ? -5.452  -7.070  -9.433  1.00 30.68 ? 262 HOH A O   1 
HETATM 951 O O   . HOH B 2 .   ? -12.666 1.435   2.293   1.00 34.47 ? 263 HOH A O   1 
HETATM 952 O O   . HOH B 2 .   ? -14.887 -2.150  1.274   1.00 20.11 ? 264 HOH A O   1 
HETATM 953 O O   . HOH B 2 .   ? -9.939  -2.718  -13.677 1.00 25.41 ? 265 HOH A O   1 
HETATM 954 O O   . HOH B 2 .   ? -7.062  -4.493  -10.701 1.00 20.06 ? 266 HOH A O   1 
HETATM 955 O O   . HOH B 2 .   ? -11.366 -9.508  -12.900 1.00 24.70 ? 267 HOH A O   1 
HETATM 956 O O   . HOH B 2 .   ? -17.185 1.007   2.465   1.00 27.04 ? 268 HOH A O   1 
HETATM 957 O O   . HOH B 2 .   ? -18.165 -1.648  2.562   1.00 24.80 ? 269 HOH A O   1 
HETATM 958 O O   . HOH B 2 .   ? -14.996 5.427   -6.908  1.00 23.98 ? 270 HOH A O   1 
HETATM 959 O O   . HOH B 2 .   ? -18.955 0.291   -8.957  1.00 31.79 ? 271 HOH A O   1 
HETATM 960 O O   . HOH B 2 .   ? -9.568  6.786   2.758   1.00 27.67 ? 272 HOH A O   1 
HETATM 961 O O   . HOH B 2 .   ? -7.759  4.316   8.313   1.00 29.57 ? 273 HOH A O   1 
HETATM 962 O O   . HOH B 2 .   ? -2.262  13.279  -3.667  1.00 37.53 ? 274 HOH A O   1 
HETATM 963 O O   . HOH B 2 .   ? -10.803 7.992   -0.088  1.00 25.77 ? 275 HOH A O   1 
HETATM 964 O O   . HOH B 2 .   ? -11.815 6.023   1.173   1.00 43.84 ? 276 HOH A O   1 
HETATM 965 O O   . HOH B 2 .   ? -11.032 9.632   -4.160  1.00 16.07 ? 277 HOH A O   1 
HETATM 966 O O   . HOH B 2 .   ? -14.359 7.745   -4.953  1.00 26.00 ? 278 HOH A O   1 
HETATM 967 O O   . HOH B 2 .   ? -13.463 -2.177  -9.436  1.00 19.48 ? 279 HOH A O   1 
HETATM 968 O O   . HOH B 2 .   ? 9.589   -5.013  -10.008 1.00 32.29 ? 280 HOH A O   1 
HETATM 969 O O   . HOH B 2 .   ? -0.918  -11.012 5.661   1.00 23.24 ? 281 HOH A O   1 
HETATM 970 O O   . HOH B 2 .   ? -10.680 -3.800  -16.757 1.00 24.75 ? 282 HOH A O   1 
HETATM 971 O O   . HOH B 2 .   ? -12.704 -8.952  -15.057 1.00 29.93 ? 283 HOH A O   1 
HETATM 972 O O   . HOH B 2 .   ? -9.026  -7.999  -11.806 1.00 22.48 ? 284 HOH A O   1 
HETATM 973 O O   . HOH B 2 .   ? 8.714   -11.809 12.453  1.00 34.19 ? 285 HOH A O   1 
HETATM 974 O O   . HOH B 2 .   ? 8.500   -15.020 2.366   1.00 28.82 ? 286 HOH A O   1 
HETATM 975 O O   . HOH B 2 .   ? -3.591  15.708  -4.398  1.00 36.28 ? 287 HOH A O   1 
HETATM 976 O O   . HOH B 2 .   ? 9.384   12.679  -3.115  1.00 28.43 ? 288 HOH A O   1 
HETATM 977 O O   . HOH B 2 .   ? -15.861 -1.165  -10.605 1.00 31.73 ? 289 HOH A O   1 
HETATM 978 O O   . HOH B 2 .   ? 5.362   15.524  -2.159  1.00 31.83 ? 290 HOH A O   1 
HETATM 979 O O   . HOH B 2 .   ? -5.371  4.690   9.231   1.00 20.66 ? 291 HOH A O   1 
HETATM 980 O O   . HOH B 2 .   ? -9.457  -4.460  15.820  1.00 36.40 ? 292 HOH A O   1 
HETATM 981 O O   . HOH B 2 .   ? -7.091  -10.125 8.590   1.00 25.88 ? 293 HOH A O   1 
HETATM 982 O O   . HOH B 2 .   ? 7.957   8.402   -8.576  1.00 42.26 ? 294 HOH A O   1 
HETATM 983 O O   . HOH B 2 .   ? -7.623  4.646   13.974  1.00 21.28 ? 295 HOH A O   1 
HETATM 984 O O   . HOH B 2 .   ? -5.018  -11.308 8.779   1.00 21.01 ? 296 HOH A O   1 
HETATM 985 O O   . HOH B 2 .   ? 9.596   -13.141 3.775   1.00 30.00 ? 297 HOH A O   1 
# 
